data_6CS9
# 
_entry.id   6CS9 
# 
_audit_conform.dict_name       mmcif_pdbx.dic 
_audit_conform.dict_version    5.399 
_audit_conform.dict_location   http://mmcif.pdb.org/dictionaries/ascii/mmcif_pdbx.dic 
# 
loop_
_database_2.database_id 
_database_2.database_code 
_database_2.pdbx_database_accession 
_database_2.pdbx_DOI 
PDB   6CS9         pdb_00006cs9 10.2210/pdb6cs9/pdb 
WWPDB D_1000230301 ?            ?                   
# 
loop_
_pdbx_audit_revision_history.ordinal 
_pdbx_audit_revision_history.data_content_type 
_pdbx_audit_revision_history.major_revision 
_pdbx_audit_revision_history.minor_revision 
_pdbx_audit_revision_history.revision_date 
1 'Structure model' 1 0 2018-07-25 
2 'Structure model' 1 1 2018-08-08 
3 'Structure model' 1 2 2020-01-01 
4 'Structure model' 1 3 2023-10-04 
5 'Structure model' 1 4 2024-11-20 
# 
_pdbx_audit_revision_details.ordinal             1 
_pdbx_audit_revision_details.revision_ordinal    1 
_pdbx_audit_revision_details.data_content_type   'Structure model' 
_pdbx_audit_revision_details.provider            repository 
_pdbx_audit_revision_details.type                'Initial release' 
_pdbx_audit_revision_details.description         ? 
_pdbx_audit_revision_details.details             ? 
# 
loop_
_pdbx_audit_revision_group.ordinal 
_pdbx_audit_revision_group.revision_ordinal 
_pdbx_audit_revision_group.data_content_type 
_pdbx_audit_revision_group.group 
1 2 'Structure model' 'Data collection'            
2 2 'Structure model' 'Database references'        
3 3 'Structure model' 'Author supporting evidence' 
4 4 'Structure model' 'Data collection'            
5 4 'Structure model' 'Database references'        
6 4 'Structure model' 'Refinement description'     
7 5 'Structure model' 'Structure summary'          
# 
loop_
_pdbx_audit_revision_category.ordinal 
_pdbx_audit_revision_category.revision_ordinal 
_pdbx_audit_revision_category.data_content_type 
_pdbx_audit_revision_category.category 
1 2 'Structure model' citation                      
2 2 'Structure model' citation_author               
3 3 'Structure model' pdbx_audit_support            
4 4 'Structure model' chem_comp_atom                
5 4 'Structure model' chem_comp_bond                
6 4 'Structure model' database_2                    
7 4 'Structure model' pdbx_initial_refinement_model 
8 5 'Structure model' pdbx_entry_details            
9 5 'Structure model' pdbx_modification_feature     
# 
loop_
_pdbx_audit_revision_item.ordinal 
_pdbx_audit_revision_item.revision_ordinal 
_pdbx_audit_revision_item.data_content_type 
_pdbx_audit_revision_item.item 
1  2 'Structure model' '_citation.country'                        
2  2 'Structure model' '_citation.journal_abbrev'                 
3  2 'Structure model' '_citation.journal_id_CSD'                 
4  2 'Structure model' '_citation.journal_id_ISSN'                
5  2 'Structure model' '_citation.journal_volume'                 
6  2 'Structure model' '_citation.page_first'                     
7  2 'Structure model' '_citation.page_last'                      
8  2 'Structure model' '_citation.pdbx_database_id_DOI'           
9  2 'Structure model' '_citation.pdbx_database_id_PubMed'        
10 2 'Structure model' '_citation.title'                          
11 2 'Structure model' '_citation.year'                           
12 3 'Structure model' '_pdbx_audit_support.funding_organization' 
13 4 'Structure model' '_database_2.pdbx_DOI'                     
14 4 'Structure model' '_database_2.pdbx_database_accession'      
# 
_pdbx_database_status.status_code                     REL 
_pdbx_database_status.status_code_sf                  REL 
_pdbx_database_status.status_code_mr                  ? 
_pdbx_database_status.entry_id                        6CS9 
_pdbx_database_status.recvd_initial_deposition_date   2018-03-20 
_pdbx_database_status.SG_entry                        N 
_pdbx_database_status.deposit_site                    RCSB 
_pdbx_database_status.process_site                    RCSB 
_pdbx_database_status.status_code_cs                  ? 
_pdbx_database_status.methods_development_category    ? 
_pdbx_database_status.pdb_format_compatible           Y 
_pdbx_database_status.status_code_nmr_data            ? 
# 
loop_
_audit_author.name 
_audit_author.pdbx_ordinal 
_audit_author.identifier_ORCID 
'Jarva, M.'     1 0000-0002-8519-5622 
'Phan, K.'      2 ?                   
'Lay, F.T.'     3 0000-0002-3101-3782 
'Humble, C.'    4 ?                   
'Hulett, M.'    5 0000-0003-2072-5968 
'Kvansakul, M.' 6 0000-0003-2639-2498 
# 
_citation.abstract                  ? 
_citation.abstract_id_CAS           ? 
_citation.book_id_ISBN              ? 
_citation.book_publisher            ? 
_citation.book_publisher_city       ? 
_citation.book_title                ? 
_citation.coordinate_linkage        ? 
_citation.country                   US 
_citation.database_id_Medline       ? 
_citation.details                   ? 
_citation.id                        primary 
_citation.journal_abbrev            'Sci Adv' 
_citation.journal_id_ASTM           ? 
_citation.journal_id_CSD            ? 
_citation.journal_id_ISSN           2375-2548 
_citation.journal_full              ? 
_citation.journal_issue             ? 
_citation.journal_volume            4 
_citation.language                  ? 
_citation.page_first                eaat0979 
_citation.page_last                 eaat0979 
_citation.title                     
'Human beta-defensin 2 killsCandida albicansthrough phosphatidylinositol 4,5-bisphosphate-mediated membrane permeabilization.' 
_citation.year                      2018 
_citation.database_id_CSD           ? 
_citation.pdbx_database_id_DOI      10.1126/sciadv.aat0979 
_citation.pdbx_database_id_PubMed   30050988 
_citation.unpublished_flag          ? 
# 
loop_
_citation_author.citation_id 
_citation_author.name 
_citation_author.ordinal 
_citation_author.identifier_ORCID 
primary 'Jarva, M.'     1 0000-0002-8519-5622 
primary 'Phan, T.K.'    2 0000-0001-5802-1603 
primary 'Lay, F.T.'     3 0000-0002-3101-3782 
primary 'Caria, S.'     4 0000-0001-7289-2093 
primary 'Kvansakul, M.' 5 0000-0003-2639-2498 
primary 'Hulett, M.D.'  6 ?                   
# 
loop_
_entity.id 
_entity.type 
_entity.src_method 
_entity.pdbx_description 
_entity.formula_weight 
_entity.pdbx_number_of_molecules 
_entity.pdbx_ec 
_entity.pdbx_mutation 
_entity.pdbx_fragment 
_entity.details 
1 polymer     man 'Beta-defensin 4A' 4342.271 2  ? ? ? ? 
2 non-polymer syn 
;[(2R)-2-octanoyloxy-3-[oxidanyl-[(1R,2R,3S,4R,5R,6S)-2,3,6-tris(oxidanyl)-4,5-diphosphonooxy-cyclohexyl]oxy-phosphoryl]oxy-propyl] octanoate
;
746.566  2  ? ? ? ? 
3 water       nat water 18.015   28 ? ? ? ? 
# 
_entity_name_com.entity_id   1 
_entity_name_com.name        'Beta-defensin 2,hBD-2,Defensin,beta 2,Skin-antimicrobial peptide 1,SAP1' 
# 
_entity_poly.entity_id                      1 
_entity_poly.type                           'polypeptide(L)' 
_entity_poly.nstd_linkage                   no 
_entity_poly.nstd_monomer                   no 
_entity_poly.pdbx_seq_one_letter_code       GIGDPVTCLKSGAICHPVFCPRRYKQIGTCGLPGTKCCKKP 
_entity_poly.pdbx_seq_one_letter_code_can   GIGDPVTCLKSGAICHPVFCPRRYKQIGTCGLPGTKCCKKP 
_entity_poly.pdbx_strand_id                 A,B 
_entity_poly.pdbx_target_identifier         ? 
# 
loop_
_pdbx_entity_nonpoly.entity_id 
_pdbx_entity_nonpoly.name 
_pdbx_entity_nonpoly.comp_id 
2 
;[(2R)-2-octanoyloxy-3-[oxidanyl-[(1R,2R,3S,4R,5R,6S)-2,3,6-tris(oxidanyl)-4,5-diphosphonooxy-cyclohexyl]oxy-phosphoryl]oxy-propyl] octanoate
;
PIO 
3 water HOH 
# 
loop_
_entity_poly_seq.entity_id 
_entity_poly_seq.num 
_entity_poly_seq.mon_id 
_entity_poly_seq.hetero 
1 1  GLY n 
1 2  ILE n 
1 3  GLY n 
1 4  ASP n 
1 5  PRO n 
1 6  VAL n 
1 7  THR n 
1 8  CYS n 
1 9  LEU n 
1 10 LYS n 
1 11 SER n 
1 12 GLY n 
1 13 ALA n 
1 14 ILE n 
1 15 CYS n 
1 16 HIS n 
1 17 PRO n 
1 18 VAL n 
1 19 PHE n 
1 20 CYS n 
1 21 PRO n 
1 22 ARG n 
1 23 ARG n 
1 24 TYR n 
1 25 LYS n 
1 26 GLN n 
1 27 ILE n 
1 28 GLY n 
1 29 THR n 
1 30 CYS n 
1 31 GLY n 
1 32 LEU n 
1 33 PRO n 
1 34 GLY n 
1 35 THR n 
1 36 LYS n 
1 37 CYS n 
1 38 CYS n 
1 39 LYS n 
1 40 LYS n 
1 41 PRO n 
# 
_entity_src_gen.entity_id                          1 
_entity_src_gen.pdbx_src_id                        1 
_entity_src_gen.pdbx_alt_source_flag               sample 
_entity_src_gen.pdbx_seq_type                      'Biological sequence' 
_entity_src_gen.pdbx_beg_seq_num                   1 
_entity_src_gen.pdbx_end_seq_num                   41 
_entity_src_gen.gene_src_common_name               Human 
_entity_src_gen.gene_src_genus                     ? 
_entity_src_gen.pdbx_gene_src_gene                 'DEFB4A, DEFB102, DEFB2, DEFB4, DEFB4B' 
_entity_src_gen.gene_src_species                   ? 
_entity_src_gen.gene_src_strain                    ? 
_entity_src_gen.gene_src_tissue                    ? 
_entity_src_gen.gene_src_tissue_fraction           ? 
_entity_src_gen.gene_src_details                   ? 
_entity_src_gen.pdbx_gene_src_fragment             ? 
_entity_src_gen.pdbx_gene_src_scientific_name      'Homo sapiens' 
_entity_src_gen.pdbx_gene_src_ncbi_taxonomy_id     9606 
_entity_src_gen.pdbx_gene_src_variant              ? 
_entity_src_gen.pdbx_gene_src_cell_line            ? 
_entity_src_gen.pdbx_gene_src_atcc                 ? 
_entity_src_gen.pdbx_gene_src_organ                ? 
_entity_src_gen.pdbx_gene_src_organelle            ? 
_entity_src_gen.pdbx_gene_src_cell                 ? 
_entity_src_gen.pdbx_gene_src_cellular_location    ? 
_entity_src_gen.host_org_common_name               ? 
_entity_src_gen.pdbx_host_org_scientific_name      'Komagataella pastoris' 
_entity_src_gen.pdbx_host_org_ncbi_taxonomy_id     4922 
_entity_src_gen.host_org_genus                     ? 
_entity_src_gen.pdbx_host_org_gene                 ? 
_entity_src_gen.pdbx_host_org_organ                ? 
_entity_src_gen.host_org_species                   ? 
_entity_src_gen.pdbx_host_org_tissue               ? 
_entity_src_gen.pdbx_host_org_tissue_fraction      ? 
_entity_src_gen.pdbx_host_org_strain               ? 
_entity_src_gen.pdbx_host_org_variant              ? 
_entity_src_gen.pdbx_host_org_cell_line            ? 
_entity_src_gen.pdbx_host_org_atcc                 ? 
_entity_src_gen.pdbx_host_org_culture_collection   ? 
_entity_src_gen.pdbx_host_org_cell                 ? 
_entity_src_gen.pdbx_host_org_organelle            ? 
_entity_src_gen.pdbx_host_org_cellular_location    ? 
_entity_src_gen.pdbx_host_org_vector_type          ? 
_entity_src_gen.pdbx_host_org_vector               ? 
_entity_src_gen.host_org_details                   ? 
_entity_src_gen.expression_system_id               ? 
_entity_src_gen.plasmid_name                       ? 
_entity_src_gen.plasmid_details                    ? 
_entity_src_gen.pdbx_description                   ? 
# 
loop_
_chem_comp.id 
_chem_comp.type 
_chem_comp.mon_nstd_flag 
_chem_comp.name 
_chem_comp.pdbx_synonyms 
_chem_comp.formula 
_chem_comp.formula_weight 
ALA 'L-peptide linking' y ALANINE ?                                                                'C3 H7 N O2'     89.093  
ARG 'L-peptide linking' y ARGININE ?                                                                'C6 H15 N4 O2 1' 175.209 
ASP 'L-peptide linking' y 'ASPARTIC ACID' ?                                                                'C4 H7 N O4'     
133.103 
CYS 'L-peptide linking' y CYSTEINE ?                                                                'C3 H7 N O2 S'   121.158 
GLN 'L-peptide linking' y GLUTAMINE ?                                                                'C5 H10 N2 O3'   146.144 
GLY 'peptide linking'   y GLYCINE ?                                                                'C2 H5 N O2'     75.067  
HIS 'L-peptide linking' y HISTIDINE ?                                                                'C6 H10 N3 O2 1' 156.162 
HOH non-polymer         . WATER ?                                                                'H2 O'           18.015  
ILE 'L-peptide linking' y ISOLEUCINE ?                                                                'C6 H13 N O2'    131.173 
LEU 'L-peptide linking' y LEUCINE ?                                                                'C6 H13 N O2'    131.173 
LYS 'L-peptide linking' y LYSINE ?                                                                'C6 H15 N2 O2 1' 147.195 
PHE 'L-peptide linking' y PHENYLALANINE ?                                                                'C9 H11 N O2'    165.189 
PIO non-polymer         . 
;[(2R)-2-octanoyloxy-3-[oxidanyl-[(1R,2R,3S,4R,5R,6S)-2,3,6-tris(oxidanyl)-4,5-diphosphonooxy-cyclohexyl]oxy-phosphoryl]oxy-propyl] octanoate
;
'dioctanoyl l-alpha-phosphatidyl-d-myo-inositol 4,5-diphosphate' 'C25 H49 O19 P3' 746.566 
PRO 'L-peptide linking' y PROLINE ?                                                                'C5 H9 N O2'     115.130 
SER 'L-peptide linking' y SERINE ?                                                                'C3 H7 N O3'     105.093 
THR 'L-peptide linking' y THREONINE ?                                                                'C4 H9 N O3'     119.119 
TYR 'L-peptide linking' y TYROSINE ?                                                                'C9 H11 N O3'    181.189 
VAL 'L-peptide linking' y VALINE ?                                                                'C5 H11 N O2'    117.146 
# 
loop_
_pdbx_poly_seq_scheme.asym_id 
_pdbx_poly_seq_scheme.entity_id 
_pdbx_poly_seq_scheme.seq_id 
_pdbx_poly_seq_scheme.mon_id 
_pdbx_poly_seq_scheme.ndb_seq_num 
_pdbx_poly_seq_scheme.pdb_seq_num 
_pdbx_poly_seq_scheme.auth_seq_num 
_pdbx_poly_seq_scheme.pdb_mon_id 
_pdbx_poly_seq_scheme.auth_mon_id 
_pdbx_poly_seq_scheme.pdb_strand_id 
_pdbx_poly_seq_scheme.pdb_ins_code 
_pdbx_poly_seq_scheme.hetero 
A 1 1  GLY 1  1  1  GLY GLY A . n 
A 1 2  ILE 2  2  2  ILE ILE A . n 
A 1 3  GLY 3  3  3  GLY GLY A . n 
A 1 4  ASP 4  4  4  ASP ASP A . n 
A 1 5  PRO 5  5  5  PRO PRO A . n 
A 1 6  VAL 6  6  6  VAL VAL A . n 
A 1 7  THR 7  7  7  THR THR A . n 
A 1 8  CYS 8  8  8  CYS CYS A . n 
A 1 9  LEU 9  9  9  LEU LEU A . n 
A 1 10 LYS 10 10 10 LYS LYS A . n 
A 1 11 SER 11 11 11 SER SER A . n 
A 1 12 GLY 12 12 12 GLY GLY A . n 
A 1 13 ALA 13 13 13 ALA ALA A . n 
A 1 14 ILE 14 14 14 ILE ILE A . n 
A 1 15 CYS 15 15 15 CYS CYS A . n 
A 1 16 HIS 16 16 16 HIS HIS A . n 
A 1 17 PRO 17 17 17 PRO PRO A . n 
A 1 18 VAL 18 18 18 VAL VAL A . n 
A 1 19 PHE 19 19 19 PHE PHE A . n 
A 1 20 CYS 20 20 20 CYS CYS A . n 
A 1 21 PRO 21 21 21 PRO PRO A . n 
A 1 22 ARG 22 22 22 ARG ARG A . n 
A 1 23 ARG 23 23 23 ARG ARG A . n 
A 1 24 TYR 24 24 24 TYR TYR A . n 
A 1 25 LYS 25 25 25 LYS LYS A . n 
A 1 26 GLN 26 26 26 GLN GLN A . n 
A 1 27 ILE 27 27 27 ILE ILE A . n 
A 1 28 GLY 28 28 28 GLY GLY A . n 
A 1 29 THR 29 29 29 THR THR A . n 
A 1 30 CYS 30 30 30 CYS CYS A . n 
A 1 31 GLY 31 31 31 GLY GLY A . n 
A 1 32 LEU 32 32 32 LEU LEU A . n 
A 1 33 PRO 33 33 33 PRO PRO A . n 
A 1 34 GLY 34 34 34 GLY GLY A . n 
A 1 35 THR 35 35 35 THR THR A . n 
A 1 36 LYS 36 36 36 LYS LYS A . n 
A 1 37 CYS 37 37 37 CYS CYS A . n 
A 1 38 CYS 38 38 38 CYS CYS A . n 
A 1 39 LYS 39 39 39 LYS LYS A . n 
A 1 40 LYS 40 40 40 LYS LYS A . n 
A 1 41 PRO 41 41 41 PRO PRO A . n 
B 1 1  GLY 1  1  1  GLY GLY B . n 
B 1 2  ILE 2  2  2  ILE ILE B . n 
B 1 3  GLY 3  3  3  GLY GLY B . n 
B 1 4  ASP 4  4  4  ASP ASP B . n 
B 1 5  PRO 5  5  5  PRO PRO B . n 
B 1 6  VAL 6  6  6  VAL VAL B . n 
B 1 7  THR 7  7  7  THR THR B . n 
B 1 8  CYS 8  8  8  CYS CYS B . n 
B 1 9  LEU 9  9  9  LEU LEU B . n 
B 1 10 LYS 10 10 10 LYS LYS B . n 
B 1 11 SER 11 11 11 SER SER B . n 
B 1 12 GLY 12 12 12 GLY GLY B . n 
B 1 13 ALA 13 13 13 ALA ALA B . n 
B 1 14 ILE 14 14 14 ILE ILE B . n 
B 1 15 CYS 15 15 15 CYS CYS B . n 
B 1 16 HIS 16 16 16 HIS HIS B . n 
B 1 17 PRO 17 17 17 PRO PRO B . n 
B 1 18 VAL 18 18 18 VAL VAL B . n 
B 1 19 PHE 19 19 19 PHE PHE B . n 
B 1 20 CYS 20 20 20 CYS CYS B . n 
B 1 21 PRO 21 21 21 PRO PRO B . n 
B 1 22 ARG 22 22 22 ARG ARG B . n 
B 1 23 ARG 23 23 23 ARG ARG B . n 
B 1 24 TYR 24 24 24 TYR TYR B . n 
B 1 25 LYS 25 25 25 LYS LYS B . n 
B 1 26 GLN 26 26 26 GLN GLN B . n 
B 1 27 ILE 27 27 27 ILE ILE B . n 
B 1 28 GLY 28 28 28 GLY GLY B . n 
B 1 29 THR 29 29 29 THR THR B . n 
B 1 30 CYS 30 30 30 CYS CYS B . n 
B 1 31 GLY 31 31 31 GLY GLY B . n 
B 1 32 LEU 32 32 32 LEU LEU B . n 
B 1 33 PRO 33 33 33 PRO PRO B . n 
B 1 34 GLY 34 34 34 GLY GLY B . n 
B 1 35 THR 35 35 35 THR THR B . n 
B 1 36 LYS 36 36 36 LYS LYS B . n 
B 1 37 CYS 37 37 37 CYS CYS B . n 
B 1 38 CYS 38 38 38 CYS CYS B . n 
B 1 39 LYS 39 39 39 LYS LYS B . n 
B 1 40 LYS 40 40 40 LYS LYS B . n 
B 1 41 PRO 41 41 41 PRO PRO B . n 
# 
_pdbx_entity_instance_feature.ordinal        1 
_pdbx_entity_instance_feature.comp_id        PIO 
_pdbx_entity_instance_feature.asym_id        ? 
_pdbx_entity_instance_feature.seq_num        ? 
_pdbx_entity_instance_feature.auth_comp_id   PIO 
_pdbx_entity_instance_feature.auth_asym_id   ? 
_pdbx_entity_instance_feature.auth_seq_num   ? 
_pdbx_entity_instance_feature.feature_type   'SUBJECT OF INVESTIGATION' 
_pdbx_entity_instance_feature.details        ? 
# 
loop_
_pdbx_nonpoly_scheme.asym_id 
_pdbx_nonpoly_scheme.entity_id 
_pdbx_nonpoly_scheme.mon_id 
_pdbx_nonpoly_scheme.ndb_seq_num 
_pdbx_nonpoly_scheme.pdb_seq_num 
_pdbx_nonpoly_scheme.auth_seq_num 
_pdbx_nonpoly_scheme.pdb_mon_id 
_pdbx_nonpoly_scheme.auth_mon_id 
_pdbx_nonpoly_scheme.pdb_strand_id 
_pdbx_nonpoly_scheme.pdb_ins_code 
C 2 PIO 1  101 1048 PIO PIO A . 
D 2 PIO 1  101 1049 PIO PIO B . 
E 3 HOH 1  201 5    HOH HOH A . 
E 3 HOH 2  202 2    HOH HOH A . 
E 3 HOH 3  203 28   HOH HOH A . 
E 3 HOH 4  204 11   HOH HOH A . 
E 3 HOH 5  205 19   HOH HOH A . 
E 3 HOH 6  206 7    HOH HOH A . 
E 3 HOH 7  207 8    HOH HOH A . 
E 3 HOH 8  208 14   HOH HOH A . 
E 3 HOH 9  209 18   HOH HOH A . 
E 3 HOH 10 210 6    HOH HOH A . 
E 3 HOH 11 211 21   HOH HOH A . 
E 3 HOH 12 212 20   HOH HOH A . 
E 3 HOH 13 213 25   HOH HOH A . 
E 3 HOH 14 214 17   HOH HOH A . 
E 3 HOH 15 215 26   HOH HOH A . 
F 3 HOH 1  201 10   HOH HOH B . 
F 3 HOH 2  202 1    HOH HOH B . 
F 3 HOH 3  203 22   HOH HOH B . 
F 3 HOH 4  204 23   HOH HOH B . 
F 3 HOH 5  205 13   HOH HOH B . 
F 3 HOH 6  206 9    HOH HOH B . 
F 3 HOH 7  207 12   HOH HOH B . 
F 3 HOH 8  208 16   HOH HOH B . 
F 3 HOH 9  209 4    HOH HOH B . 
F 3 HOH 10 210 3    HOH HOH B . 
F 3 HOH 11 211 24   HOH HOH B . 
F 3 HOH 12 212 27   HOH HOH B . 
F 3 HOH 13 213 15   HOH HOH B . 
# 
loop_
_software.citation_id 
_software.classification 
_software.compiler_name 
_software.compiler_version 
_software.contact_author 
_software.contact_author_email 
_software.date 
_software.description 
_software.dependencies 
_software.hardware 
_software.language 
_software.location 
_software.mods 
_software.name 
_software.os 
_software.os_version 
_software.type 
_software.version 
_software.pdbx_ordinal 
? refinement       ? ? ? ? ? ? ? ? ? ? ? PHENIX  ? ? ? 1.13_2998 1 
? 'data scaling'   ? ? ? ? ? ? ? ? ? ? ? Aimless ? ? ? 0.5.32    2 
? phasing          ? ? ? ? ? ? ? ? ? ? ? PHASER  ? ? ? 2.7.16    3 
? 'data reduction' ? ? ? ? ? ? ? ? ? ? ? XDS     ? ? ? .         4 
? 'model building' ? ? ? ? ? ? ? ? ? ? ? Coot    ? ? ? .         5 
# 
_cell.angle_alpha                  90.000 
_cell.angle_alpha_esd              ? 
_cell.angle_beta                   98.640 
_cell.angle_beta_esd               ? 
_cell.angle_gamma                  90.000 
_cell.angle_gamma_esd              ? 
_cell.entry_id                     6CS9 
_cell.details                      ? 
_cell.formula_units_Z              ? 
_cell.length_a                     32.871 
_cell.length_a_esd                 ? 
_cell.length_b                     25.538 
_cell.length_b_esd                 ? 
_cell.length_c                     40.170 
_cell.length_c_esd                 ? 
_cell.volume                       ? 
_cell.volume_esd                   ? 
_cell.Z_PDB                        4 
_cell.reciprocal_angle_alpha       ? 
_cell.reciprocal_angle_beta        ? 
_cell.reciprocal_angle_gamma       ? 
_cell.reciprocal_angle_alpha_esd   ? 
_cell.reciprocal_angle_beta_esd    ? 
_cell.reciprocal_angle_gamma_esd   ? 
_cell.reciprocal_length_a          ? 
_cell.reciprocal_length_b          ? 
_cell.reciprocal_length_c          ? 
_cell.reciprocal_length_a_esd      ? 
_cell.reciprocal_length_b_esd      ? 
_cell.reciprocal_length_c_esd      ? 
_cell.pdbx_unique_axis             ? 
# 
_symmetry.entry_id                         6CS9 
_symmetry.cell_setting                     ? 
_symmetry.Int_Tables_number                4 
_symmetry.space_group_name_Hall            ? 
_symmetry.space_group_name_H-M             'P 1 21 1' 
_symmetry.pdbx_full_space_group_name_H-M   ? 
# 
_exptl.absorpt_coefficient_mu     ? 
_exptl.absorpt_correction_T_max   ? 
_exptl.absorpt_correction_T_min   ? 
_exptl.absorpt_correction_type    ? 
_exptl.absorpt_process_details    ? 
_exptl.entry_id                   6CS9 
_exptl.crystals_number            1 
_exptl.details                    ? 
_exptl.method                     'X-RAY DIFFRACTION' 
_exptl.method_details             ? 
# 
_exptl_crystal.colour                      ? 
_exptl_crystal.density_diffrn              ? 
_exptl_crystal.density_Matthews            1.92 
_exptl_crystal.density_method              ? 
_exptl_crystal.density_percent_sol         35.92 
_exptl_crystal.description                 ? 
_exptl_crystal.F_000                       ? 
_exptl_crystal.id                          1 
_exptl_crystal.preparation                 ? 
_exptl_crystal.size_max                    ? 
_exptl_crystal.size_mid                    ? 
_exptl_crystal.size_min                    ? 
_exptl_crystal.size_rad                    ? 
_exptl_crystal.colour_lustre               ? 
_exptl_crystal.colour_modifier             ? 
_exptl_crystal.colour_primary              ? 
_exptl_crystal.density_meas                ? 
_exptl_crystal.density_meas_esd            ? 
_exptl_crystal.density_meas_gt             ? 
_exptl_crystal.density_meas_lt             ? 
_exptl_crystal.density_meas_temp           ? 
_exptl_crystal.density_meas_temp_esd       ? 
_exptl_crystal.density_meas_temp_gt        ? 
_exptl_crystal.density_meas_temp_lt        ? 
_exptl_crystal.pdbx_crystal_image_url      ? 
_exptl_crystal.pdbx_crystal_image_format   ? 
_exptl_crystal.pdbx_mosaicity              ? 
_exptl_crystal.pdbx_mosaicity_esd          ? 
# 
_exptl_crystal_grow.apparatus       ? 
_exptl_crystal_grow.atmosphere      ? 
_exptl_crystal_grow.crystal_id      1 
_exptl_crystal_grow.details         ? 
_exptl_crystal_grow.method          'VAPOR DIFFUSION, SITTING DROP' 
_exptl_crystal_grow.method_ref      ? 
_exptl_crystal_grow.pH              8.38 
_exptl_crystal_grow.pressure        ? 
_exptl_crystal_grow.pressure_esd    ? 
_exptl_crystal_grow.seeding         ? 
_exptl_crystal_grow.seeding_ref     ? 
_exptl_crystal_grow.temp            293.15 
_exptl_crystal_grow.temp_details    ? 
_exptl_crystal_grow.temp_esd        ? 
_exptl_crystal_grow.time            ? 
_exptl_crystal_grow.pdbx_details    '0.697M Sodium-malonate-malonic acid, 0.1M glycine-glycine, pH 8.38' 
_exptl_crystal_grow.pdbx_pH_range   ? 
# 
_diffrn.ambient_environment    ? 
_diffrn.ambient_temp           100 
_diffrn.ambient_temp_details   ? 
_diffrn.ambient_temp_esd       ? 
_diffrn.crystal_id             1 
_diffrn.crystal_support        ? 
_diffrn.crystal_treatment      ? 
_diffrn.details                ? 
_diffrn.id                     1 
_diffrn.ambient_pressure       ? 
_diffrn.ambient_pressure_esd   ? 
_diffrn.ambient_pressure_gt    ? 
_diffrn.ambient_pressure_lt    ? 
_diffrn.ambient_temp_gt        ? 
_diffrn.ambient_temp_lt        ? 
# 
_diffrn_detector.details                      ? 
_diffrn_detector.detector                     CCD 
_diffrn_detector.diffrn_id                    1 
_diffrn_detector.type                         'ADSC QUANTUM 210r' 
_diffrn_detector.area_resol_mean              ? 
_diffrn_detector.dtime                        ? 
_diffrn_detector.pdbx_frames_total            ? 
_diffrn_detector.pdbx_collection_time_total   ? 
_diffrn_detector.pdbx_collection_date         2016-07-20 
# 
_diffrn_radiation.collimation                      ? 
_diffrn_radiation.diffrn_id                        1 
_diffrn_radiation.filter_edge                      ? 
_diffrn_radiation.inhomogeneity                    ? 
_diffrn_radiation.monochromator                    ? 
_diffrn_radiation.polarisn_norm                    ? 
_diffrn_radiation.polarisn_ratio                   ? 
_diffrn_radiation.probe                            ? 
_diffrn_radiation.type                             ? 
_diffrn_radiation.xray_symbol                      ? 
_diffrn_radiation.wavelength_id                    1 
_diffrn_radiation.pdbx_monochromatic_or_laue_m_l   M 
_diffrn_radiation.pdbx_wavelength_list             ? 
_diffrn_radiation.pdbx_wavelength                  ? 
_diffrn_radiation.pdbx_diffrn_protocol             'SINGLE WAVELENGTH' 
_diffrn_radiation.pdbx_analyzer                    ? 
_diffrn_radiation.pdbx_scattering_type             x-ray 
# 
_diffrn_radiation_wavelength.id           1 
_diffrn_radiation_wavelength.wavelength   0.9537 
_diffrn_radiation_wavelength.wt           1.0 
# 
_diffrn_source.current                     ? 
_diffrn_source.details                     ? 
_diffrn_source.diffrn_id                   1 
_diffrn_source.power                       ? 
_diffrn_source.size                        ? 
_diffrn_source.source                      SYNCHROTRON 
_diffrn_source.target                      ? 
_diffrn_source.type                        'AUSTRALIAN SYNCHROTRON BEAMLINE MX2' 
_diffrn_source.voltage                     ? 
_diffrn_source.take-off_angle              ? 
_diffrn_source.pdbx_wavelength_list        0.9537 
_diffrn_source.pdbx_wavelength             ? 
_diffrn_source.pdbx_synchrotron_beamline   MX2 
_diffrn_source.pdbx_synchrotron_site       'Australian Synchrotron' 
# 
_reflns.B_iso_Wilson_estimate            28.910 
_reflns.entry_id                         6CS9 
_reflns.data_reduction_details           ? 
_reflns.data_reduction_method            ? 
_reflns.d_resolution_high                1.850 
_reflns.d_resolution_low                 39.710 
_reflns.details                          ? 
_reflns.limit_h_max                      ? 
_reflns.limit_h_min                      ? 
_reflns.limit_k_max                      ? 
_reflns.limit_k_min                      ? 
_reflns.limit_l_max                      ? 
_reflns.limit_l_min                      ? 
_reflns.number_all                       ? 
_reflns.number_obs                       5703 
_reflns.observed_criterion               ? 
_reflns.observed_criterion_F_max         ? 
_reflns.observed_criterion_F_min         ? 
_reflns.observed_criterion_I_max         ? 
_reflns.observed_criterion_I_min         ? 
_reflns.observed_criterion_sigma_F       ? 
_reflns.observed_criterion_sigma_I       ? 
_reflns.percent_possible_obs             98.400 
_reflns.R_free_details                   ? 
_reflns.Rmerge_F_all                     ? 
_reflns.Rmerge_F_obs                     ? 
_reflns.Friedel_coverage                 ? 
_reflns.number_gt                        ? 
_reflns.threshold_expression             ? 
_reflns.pdbx_redundancy                  3.500 
_reflns.pdbx_Rmerge_I_obs                0.068 
_reflns.pdbx_Rmerge_I_all                ? 
_reflns.pdbx_Rsym_value                  ? 
_reflns.pdbx_netI_over_av_sigmaI         ? 
_reflns.pdbx_netI_over_sigmaI            10.500 
_reflns.pdbx_res_netI_over_av_sigmaI_2   ? 
_reflns.pdbx_res_netI_over_sigmaI_2      ? 
_reflns.pdbx_chi_squared                 ? 
_reflns.pdbx_scaling_rejects             ? 
_reflns.pdbx_d_res_high_opt              ? 
_reflns.pdbx_d_res_low_opt               ? 
_reflns.pdbx_d_res_opt_method            ? 
_reflns.phase_calculation_details        ? 
_reflns.pdbx_Rrim_I_all                  0.081 
_reflns.pdbx_Rpim_I_all                  0.043 
_reflns.pdbx_d_opt                       ? 
_reflns.pdbx_number_measured_all         20208 
_reflns.pdbx_diffrn_id                   1 
_reflns.pdbx_ordinal                     1 
_reflns.pdbx_CC_half                     0.997 
_reflns.pdbx_R_split                     ? 
# 
loop_
_reflns_shell.d_res_high 
_reflns_shell.d_res_low 
_reflns_shell.meanI_over_sigI_all 
_reflns_shell.meanI_over_sigI_obs 
_reflns_shell.number_measured_all 
_reflns_shell.number_measured_obs 
_reflns_shell.number_possible 
_reflns_shell.number_unique_all 
_reflns_shell.number_unique_obs 
_reflns_shell.percent_possible_all 
_reflns_shell.percent_possible_obs 
_reflns_shell.Rmerge_F_all 
_reflns_shell.Rmerge_F_obs 
_reflns_shell.Rmerge_I_all 
_reflns_shell.Rmerge_I_obs 
_reflns_shell.meanI_over_sigI_gt 
_reflns_shell.meanI_over_uI_all 
_reflns_shell.meanI_over_uI_gt 
_reflns_shell.number_measured_gt 
_reflns_shell.number_unique_gt 
_reflns_shell.percent_possible_gt 
_reflns_shell.Rmerge_F_gt 
_reflns_shell.Rmerge_I_gt 
_reflns_shell.pdbx_redundancy 
_reflns_shell.pdbx_Rsym_value 
_reflns_shell.pdbx_chi_squared 
_reflns_shell.pdbx_netI_over_sigmaI_all 
_reflns_shell.pdbx_netI_over_sigmaI_obs 
_reflns_shell.pdbx_Rrim_I_all 
_reflns_shell.pdbx_Rpim_I_all 
_reflns_shell.pdbx_rejects 
_reflns_shell.pdbx_ordinal 
_reflns_shell.pdbx_diffrn_id 
_reflns_shell.pdbx_CC_half 
_reflns_shell.pdbx_R_split 
1.850 1.890  ? ? 742 ? ? ? 300 87.000 ? ? ? ? 0.783 ? ? ? ? ? ? ? ? 2.500 ? ? ? 1.100  1.010 0.623 ? 1 1 0.509 ? 
9.060 39.710 ? ? 199 ? ? ? 63  99.000 ? ? ? ? 0.032 ? ? ? ? ? ? ? ? 3.200 ? ? ? 27.700 0.040 0.023 ? 2 1 0.998 ? 
# 
_refine.aniso_B[1][1]                            ? 
_refine.aniso_B[1][2]                            ? 
_refine.aniso_B[1][3]                            ? 
_refine.aniso_B[2][2]                            ? 
_refine.aniso_B[2][3]                            ? 
_refine.aniso_B[3][3]                            ? 
_refine.B_iso_max                                83.570 
_refine.B_iso_mean                               36.2562 
_refine.B_iso_min                                16.140 
_refine.correlation_coeff_Fo_to_Fc               ? 
_refine.correlation_coeff_Fo_to_Fc_free          ? 
_refine.details                                  ? 
_refine.diff_density_max                         ? 
_refine.diff_density_max_esd                     ? 
_refine.diff_density_min                         ? 
_refine.diff_density_min_esd                     ? 
_refine.diff_density_rms                         ? 
_refine.diff_density_rms_esd                     ? 
_refine.entry_id                                 6CS9 
_refine.pdbx_refine_id                           'X-RAY DIFFRACTION' 
_refine.ls_abs_structure_details                 ? 
_refine.ls_abs_structure_Flack                   ? 
_refine.ls_abs_structure_Flack_esd               ? 
_refine.ls_abs_structure_Rogers                  ? 
_refine.ls_abs_structure_Rogers_esd              ? 
_refine.ls_d_res_high                            1.8500 
_refine.ls_d_res_low                             39.7140 
_refine.ls_extinction_coef                       ? 
_refine.ls_extinction_coef_esd                   ? 
_refine.ls_extinction_expression                 ? 
_refine.ls_extinction_method                     ? 
_refine.ls_goodness_of_fit_all                   ? 
_refine.ls_goodness_of_fit_all_esd               ? 
_refine.ls_goodness_of_fit_obs                   ? 
_refine.ls_goodness_of_fit_obs_esd               ? 
_refine.ls_hydrogen_treatment                    ? 
_refine.ls_matrix_type                           ? 
_refine.ls_number_constraints                    ? 
_refine.ls_number_parameters                     ? 
_refine.ls_number_reflns_all                     ? 
_refine.ls_number_reflns_obs                     5693 
_refine.ls_number_reflns_R_free                  299 
_refine.ls_number_reflns_R_work                  5394 
_refine.ls_number_restraints                     ? 
_refine.ls_percent_reflns_obs                    97.9900 
_refine.ls_percent_reflns_R_free                 5.2500 
_refine.ls_R_factor_all                          ? 
_refine.ls_R_factor_obs                          0.1964 
_refine.ls_R_factor_R_free                       0.2267 
_refine.ls_R_factor_R_free_error                 ? 
_refine.ls_R_factor_R_free_error_details         ? 
_refine.ls_R_factor_R_work                       0.1947 
_refine.ls_R_Fsqd_factor_obs                     ? 
_refine.ls_R_I_factor_obs                        ? 
_refine.ls_redundancy_reflns_all                 ? 
_refine.ls_redundancy_reflns_obs                 ? 
_refine.ls_restrained_S_all                      ? 
_refine.ls_restrained_S_obs                      ? 
_refine.ls_shift_over_esd_max                    ? 
_refine.ls_shift_over_esd_mean                   ? 
_refine.ls_structure_factor_coef                 ? 
_refine.ls_weighting_details                     ? 
_refine.ls_weighting_scheme                      ? 
_refine.ls_wR_factor_all                         ? 
_refine.ls_wR_factor_obs                         ? 
_refine.ls_wR_factor_R_free                      ? 
_refine.ls_wR_factor_R_work                      ? 
_refine.occupancy_max                            ? 
_refine.occupancy_min                            ? 
_refine.solvent_model_details                    'FLAT BULK SOLVENT MODEL' 
_refine.solvent_model_param_bsol                 ? 
_refine.solvent_model_param_ksol                 ? 
_refine.ls_R_factor_gt                           ? 
_refine.ls_goodness_of_fit_gt                    ? 
_refine.ls_goodness_of_fit_ref                   ? 
_refine.ls_shift_over_su_max                     ? 
_refine.ls_shift_over_su_max_lt                  ? 
_refine.ls_shift_over_su_mean                    ? 
_refine.ls_shift_over_su_mean_lt                 ? 
_refine.pdbx_ls_sigma_I                          ? 
_refine.pdbx_ls_sigma_F                          1.350 
_refine.pdbx_ls_sigma_Fsqd                       ? 
_refine.pdbx_data_cutoff_high_absF               ? 
_refine.pdbx_data_cutoff_high_rms_absF           ? 
_refine.pdbx_data_cutoff_low_absF                ? 
_refine.pdbx_isotropic_thermal_model             ? 
_refine.pdbx_ls_cross_valid_method               THROUGHOUT 
_refine.pdbx_method_to_determine_struct          'MOLECULAR REPLACEMENT' 
_refine.pdbx_starting_model                      1FD4 
_refine.pdbx_stereochemistry_target_values       ML 
_refine.pdbx_R_Free_selection_details            RANDOM 
_refine.pdbx_stereochem_target_val_spec_case     ? 
_refine.pdbx_overall_ESU_R                       ? 
_refine.pdbx_overall_ESU_R_Free                  ? 
_refine.pdbx_solvent_vdw_probe_radii             1.1100 
_refine.pdbx_solvent_ion_probe_radii             ? 
_refine.pdbx_solvent_shrinkage_radii             0.9000 
_refine.pdbx_real_space_R                        ? 
_refine.pdbx_density_correlation                 ? 
_refine.pdbx_pd_number_of_powder_patterns        ? 
_refine.pdbx_pd_number_of_points                 ? 
_refine.pdbx_pd_meas_number_of_points            ? 
_refine.pdbx_pd_proc_ls_prof_R_factor            ? 
_refine.pdbx_pd_proc_ls_prof_wR_factor           ? 
_refine.pdbx_pd_Marquardt_correlation_coeff      ? 
_refine.pdbx_pd_Fsqrd_R_factor                   ? 
_refine.pdbx_pd_ls_matrix_band_width             ? 
_refine.pdbx_overall_phase_error                 18.8900 
_refine.pdbx_overall_SU_R_free_Cruickshank_DPI   ? 
_refine.pdbx_overall_SU_R_free_Blow_DPI          ? 
_refine.pdbx_overall_SU_R_Blow_DPI               ? 
_refine.pdbx_TLS_residual_ADP_flag               ? 
_refine.pdbx_diffrn_id                           1 
_refine.overall_SU_B                             ? 
_refine.overall_SU_ML                            0.1400 
_refine.overall_SU_R_Cruickshank_DPI             ? 
_refine.overall_SU_R_free                        ? 
_refine.overall_FOM_free_R_set                   ? 
_refine.overall_FOM_work_R_set                   ? 
_refine.pdbx_average_fsc_overall                 ? 
_refine.pdbx_average_fsc_work                    ? 
_refine.pdbx_average_fsc_free                    ? 
# 
_refine_hist.cycle_id                         final 
_refine_hist.pdbx_refine_id                   'X-RAY DIFFRACTION' 
_refine_hist.d_res_high                       1.8500 
_refine_hist.d_res_low                        39.7140 
_refine_hist.pdbx_number_atoms_ligand         94 
_refine_hist.number_atoms_solvent             28 
_refine_hist.number_atoms_total               720 
_refine_hist.pdbx_number_residues_total       82 
_refine_hist.pdbx_B_iso_mean_ligand           48.87 
_refine_hist.pdbx_B_iso_mean_solvent          42.89 
_refine_hist.pdbx_number_atoms_protein        598 
_refine_hist.pdbx_number_atoms_nucleic_acid   0 
# 
loop_
_refine_ls_shell.pdbx_refine_id 
_refine_ls_shell.d_res_high 
_refine_ls_shell.d_res_low 
_refine_ls_shell.number_reflns_all 
_refine_ls_shell.number_reflns_obs 
_refine_ls_shell.number_reflns_R_free 
_refine_ls_shell.number_reflns_R_work 
_refine_ls_shell.percent_reflns_obs 
_refine_ls_shell.percent_reflns_R_free 
_refine_ls_shell.R_factor_all 
_refine_ls_shell.R_factor_obs 
_refine_ls_shell.R_factor_R_free 
_refine_ls_shell.R_factor_R_free_error 
_refine_ls_shell.R_factor_R_work 
_refine_ls_shell.redundancy_reflns_all 
_refine_ls_shell.redundancy_reflns_obs 
_refine_ls_shell.wR_factor_all 
_refine_ls_shell.wR_factor_obs 
_refine_ls_shell.wR_factor_R_free 
_refine_ls_shell.wR_factor_R_work 
_refine_ls_shell.pdbx_total_number_of_bins_used 
_refine_ls_shell.pdbx_phase_error 
_refine_ls_shell.pdbx_fsc_work 
_refine_ls_shell.pdbx_fsc_free 
'X-RAY DIFFRACTION' 1.8501 2.3310  2761 . 151 2610 96.0000  . . . 0.2602 0.0000 0.2321 . . . . . . 2 . . . 
'X-RAY DIFFRACTION' 2.3310 39.7236 2932 . 148 2784 100.0000 . . . 0.2147 0.0000 0.1843 . . . . . . 2 . . . 
# 
_struct.entry_id                     6CS9 
_struct.title                        'Crystal structure of human beta-defensin 2 in complex with PIP2' 
_struct.pdbx_model_details           ? 
_struct.pdbx_formula_weight          ? 
_struct.pdbx_formula_weight_method   ? 
_struct.pdbx_model_type_details      ? 
_struct.pdbx_CASP_flag               N 
# 
_struct_keywords.entry_id        6CS9 
_struct_keywords.text            'antimicrobial, antifungal, defensin, innate defense, ANTIMICROBIAL PROTEIN' 
_struct_keywords.pdbx_keywords   'ANTIMICROBIAL PROTEIN' 
# 
loop_
_struct_asym.id 
_struct_asym.pdbx_blank_PDB_chainid_flag 
_struct_asym.pdbx_modified 
_struct_asym.entity_id 
_struct_asym.details 
A N N 1 ? 
B N N 1 ? 
C N N 2 ? 
D N N 2 ? 
E N N 3 ? 
F N N 3 ? 
# 
_struct_ref.id                         1 
_struct_ref.db_name                    UNP 
_struct_ref.db_code                    DFB4A_HUMAN 
_struct_ref.pdbx_db_accession          O15263 
_struct_ref.pdbx_db_isoform            ? 
_struct_ref.entity_id                  1 
_struct_ref.pdbx_seq_one_letter_code   GIGDPVTCLKSGAICHPVFCPRRYKQIGTCGLPGTKCCKKP 
_struct_ref.pdbx_align_begin           24 
# 
loop_
_struct_ref_seq.align_id 
_struct_ref_seq.ref_id 
_struct_ref_seq.pdbx_PDB_id_code 
_struct_ref_seq.pdbx_strand_id 
_struct_ref_seq.seq_align_beg 
_struct_ref_seq.pdbx_seq_align_beg_ins_code 
_struct_ref_seq.seq_align_end 
_struct_ref_seq.pdbx_seq_align_end_ins_code 
_struct_ref_seq.pdbx_db_accession 
_struct_ref_seq.db_align_beg 
_struct_ref_seq.pdbx_db_align_beg_ins_code 
_struct_ref_seq.db_align_end 
_struct_ref_seq.pdbx_db_align_end_ins_code 
_struct_ref_seq.pdbx_auth_seq_align_beg 
_struct_ref_seq.pdbx_auth_seq_align_end 
1 1 6CS9 A 1 ? 41 ? O15263 24 ? 64 ? 1 41 
2 1 6CS9 B 1 ? 41 ? O15263 24 ? 64 ? 1 41 
# 
_pdbx_struct_assembly.id                   1 
_pdbx_struct_assembly.details              author_defined_assembly 
_pdbx_struct_assembly.method_details       ? 
_pdbx_struct_assembly.oligomeric_details   dimeric 
_pdbx_struct_assembly.oligomeric_count     2 
# 
_pdbx_struct_assembly_gen.assembly_id       1 
_pdbx_struct_assembly_gen.oper_expression   1 
_pdbx_struct_assembly_gen.asym_id_list      A,B,C,D,E,F 
# 
_pdbx_struct_assembly_auth_evidence.id                     1 
_pdbx_struct_assembly_auth_evidence.assembly_id            1 
_pdbx_struct_assembly_auth_evidence.experimental_support   none 
_pdbx_struct_assembly_auth_evidence.details                ? 
# 
_pdbx_struct_oper_list.id                   1 
_pdbx_struct_oper_list.type                 'identity operation' 
_pdbx_struct_oper_list.name                 1_555 
_pdbx_struct_oper_list.symmetry_operation   x,y,z 
_pdbx_struct_oper_list.matrix[1][1]         1.0000000000 
_pdbx_struct_oper_list.matrix[1][2]         0.0000000000 
_pdbx_struct_oper_list.matrix[1][3]         0.0000000000 
_pdbx_struct_oper_list.vector[1]            0.0000000000 
_pdbx_struct_oper_list.matrix[2][1]         0.0000000000 
_pdbx_struct_oper_list.matrix[2][2]         1.0000000000 
_pdbx_struct_oper_list.matrix[2][3]         0.0000000000 
_pdbx_struct_oper_list.vector[2]            0.0000000000 
_pdbx_struct_oper_list.matrix[3][1]         0.0000000000 
_pdbx_struct_oper_list.matrix[3][2]         0.0000000000 
_pdbx_struct_oper_list.matrix[3][3]         1.0000000000 
_pdbx_struct_oper_list.vector[3]            0.0000000000 
# 
loop_
_struct_conf.conf_type_id 
_struct_conf.id 
_struct_conf.pdbx_PDB_helix_id 
_struct_conf.beg_label_comp_id 
_struct_conf.beg_label_asym_id 
_struct_conf.beg_label_seq_id 
_struct_conf.pdbx_beg_PDB_ins_code 
_struct_conf.end_label_comp_id 
_struct_conf.end_label_asym_id 
_struct_conf.end_label_seq_id 
_struct_conf.pdbx_end_PDB_ins_code 
_struct_conf.beg_auth_comp_id 
_struct_conf.beg_auth_asym_id 
_struct_conf.beg_auth_seq_id 
_struct_conf.end_auth_comp_id 
_struct_conf.end_auth_asym_id 
_struct_conf.end_auth_seq_id 
_struct_conf.pdbx_PDB_helix_class 
_struct_conf.details 
_struct_conf.pdbx_PDB_helix_length 
HELX_P HELX_P1 AA1 ASP A 4 ? LYS A 10 ? ASP A 4 LYS A 10 1 ? 7 
HELX_P HELX_P2 AA2 ASP B 4 ? SER B 11 ? ASP B 4 SER B 11 1 ? 8 
# 
_struct_conf_type.id          HELX_P 
_struct_conf_type.criteria    ? 
_struct_conf_type.reference   ? 
# 
loop_
_struct_conn.id 
_struct_conn.conn_type_id 
_struct_conn.pdbx_leaving_atom_flag 
_struct_conn.pdbx_PDB_id 
_struct_conn.ptnr1_label_asym_id 
_struct_conn.ptnr1_label_comp_id 
_struct_conn.ptnr1_label_seq_id 
_struct_conn.ptnr1_label_atom_id 
_struct_conn.pdbx_ptnr1_label_alt_id 
_struct_conn.pdbx_ptnr1_PDB_ins_code 
_struct_conn.pdbx_ptnr1_standard_comp_id 
_struct_conn.ptnr1_symmetry 
_struct_conn.ptnr2_label_asym_id 
_struct_conn.ptnr2_label_comp_id 
_struct_conn.ptnr2_label_seq_id 
_struct_conn.ptnr2_label_atom_id 
_struct_conn.pdbx_ptnr2_label_alt_id 
_struct_conn.pdbx_ptnr2_PDB_ins_code 
_struct_conn.ptnr1_auth_asym_id 
_struct_conn.ptnr1_auth_comp_id 
_struct_conn.ptnr1_auth_seq_id 
_struct_conn.ptnr2_auth_asym_id 
_struct_conn.ptnr2_auth_comp_id 
_struct_conn.ptnr2_auth_seq_id 
_struct_conn.ptnr2_symmetry 
_struct_conn.pdbx_ptnr3_label_atom_id 
_struct_conn.pdbx_ptnr3_label_seq_id 
_struct_conn.pdbx_ptnr3_label_comp_id 
_struct_conn.pdbx_ptnr3_label_asym_id 
_struct_conn.pdbx_ptnr3_label_alt_id 
_struct_conn.pdbx_ptnr3_PDB_ins_code 
_struct_conn.details 
_struct_conn.pdbx_dist_value 
_struct_conn.pdbx_value_order 
_struct_conn.pdbx_role 
disulf1 disulf ? ? A CYS 8  SG ? ? ? 1_555 A CYS 37 SG ? ? A CYS 8  A CYS 37 1_555 ? ? ? ? ? ? ? 2.039 ? ? 
disulf2 disulf ? ? A CYS 15 SG ? ? ? 1_555 A CYS 30 SG ? ? A CYS 15 A CYS 30 1_555 ? ? ? ? ? ? ? 2.022 ? ? 
disulf3 disulf ? ? A CYS 20 SG ? ? ? 1_555 A CYS 38 SG ? ? A CYS 20 A CYS 38 1_555 ? ? ? ? ? ? ? 2.032 ? ? 
disulf4 disulf ? ? B CYS 8  SG ? ? ? 1_555 B CYS 37 SG ? ? B CYS 8  B CYS 37 1_555 ? ? ? ? ? ? ? 2.053 ? ? 
disulf5 disulf ? ? B CYS 15 SG ? ? ? 1_555 B CYS 30 SG ? ? B CYS 15 B CYS 30 1_555 ? ? ? ? ? ? ? 2.026 ? ? 
disulf6 disulf ? ? B CYS 20 SG ? ? ? 1_555 B CYS 38 SG ? ? B CYS 20 B CYS 38 1_555 ? ? ? ? ? ? ? 2.032 ? ? 
# 
_struct_conn_type.id          disulf 
_struct_conn_type.criteria    ? 
_struct_conn_type.reference   ? 
# 
loop_
_pdbx_modification_feature.ordinal 
_pdbx_modification_feature.label_comp_id 
_pdbx_modification_feature.label_asym_id 
_pdbx_modification_feature.label_seq_id 
_pdbx_modification_feature.label_alt_id 
_pdbx_modification_feature.modified_residue_label_comp_id 
_pdbx_modification_feature.modified_residue_label_asym_id 
_pdbx_modification_feature.modified_residue_label_seq_id 
_pdbx_modification_feature.modified_residue_label_alt_id 
_pdbx_modification_feature.auth_comp_id 
_pdbx_modification_feature.auth_asym_id 
_pdbx_modification_feature.auth_seq_id 
_pdbx_modification_feature.PDB_ins_code 
_pdbx_modification_feature.symmetry 
_pdbx_modification_feature.modified_residue_auth_comp_id 
_pdbx_modification_feature.modified_residue_auth_asym_id 
_pdbx_modification_feature.modified_residue_auth_seq_id 
_pdbx_modification_feature.modified_residue_PDB_ins_code 
_pdbx_modification_feature.modified_residue_symmetry 
_pdbx_modification_feature.comp_id_linking_atom 
_pdbx_modification_feature.modified_residue_id_linking_atom 
_pdbx_modification_feature.modified_residue_id 
_pdbx_modification_feature.ref_pcm_id 
_pdbx_modification_feature.ref_comp_id 
_pdbx_modification_feature.type 
_pdbx_modification_feature.category 
1 CYS A 8  ? CYS A 37 ? CYS A 8  ? 1_555 CYS A 37 ? 1_555 SG SG . . . None 'Disulfide bridge' 
2 CYS A 15 ? CYS A 30 ? CYS A 15 ? 1_555 CYS A 30 ? 1_555 SG SG . . . None 'Disulfide bridge' 
3 CYS A 20 ? CYS A 38 ? CYS A 20 ? 1_555 CYS A 38 ? 1_555 SG SG . . . None 'Disulfide bridge' 
4 CYS B 8  ? CYS B 37 ? CYS B 8  ? 1_555 CYS B 37 ? 1_555 SG SG . . . None 'Disulfide bridge' 
5 CYS B 15 ? CYS B 30 ? CYS B 15 ? 1_555 CYS B 30 ? 1_555 SG SG . . . None 'Disulfide bridge' 
6 CYS B 20 ? CYS B 38 ? CYS B 20 ? 1_555 CYS B 38 ? 1_555 SG SG . . . None 'Disulfide bridge' 
# 
loop_
_struct_sheet.id 
_struct_sheet.type 
_struct_sheet.number_strands 
_struct_sheet.details 
AA1 ? 3 ? 
AA2 ? 4 ? 
# 
loop_
_struct_sheet_order.sheet_id 
_struct_sheet_order.range_id_1 
_struct_sheet_order.range_id_2 
_struct_sheet_order.offset 
_struct_sheet_order.sense 
AA1 1 2 ? anti-parallel 
AA1 2 3 ? anti-parallel 
AA2 1 2 ? parallel      
AA2 2 3 ? anti-parallel 
AA2 3 4 ? anti-parallel 
# 
loop_
_struct_sheet_range.sheet_id 
_struct_sheet_range.id 
_struct_sheet_range.beg_label_comp_id 
_struct_sheet_range.beg_label_asym_id 
_struct_sheet_range.beg_label_seq_id 
_struct_sheet_range.pdbx_beg_PDB_ins_code 
_struct_sheet_range.end_label_comp_id 
_struct_sheet_range.end_label_asym_id 
_struct_sheet_range.end_label_seq_id 
_struct_sheet_range.pdbx_end_PDB_ins_code 
_struct_sheet_range.beg_auth_comp_id 
_struct_sheet_range.beg_auth_asym_id 
_struct_sheet_range.beg_auth_seq_id 
_struct_sheet_range.end_auth_comp_id 
_struct_sheet_range.end_auth_asym_id 
_struct_sheet_range.end_auth_seq_id 
AA1 1 ILE A 14 ? PRO A 17 ? ILE A 14 PRO A 17 
AA1 2 THR A 35 ? LYS A 39 ? THR A 35 LYS A 39 
AA1 3 LYS A 25 ? THR A 29 ? LYS A 25 THR A 29 
AA2 1 ILE B 2  ? GLY B 3  ? ILE B 2  GLY B 3  
AA2 2 LYS B 25 ? THR B 29 ? LYS B 25 THR B 29 
AA2 3 THR B 35 ? LYS B 39 ? THR B 35 LYS B 39 
AA2 4 ILE B 14 ? PRO B 17 ? ILE B 14 PRO B 17 
# 
loop_
_pdbx_struct_sheet_hbond.sheet_id 
_pdbx_struct_sheet_hbond.range_id_1 
_pdbx_struct_sheet_hbond.range_id_2 
_pdbx_struct_sheet_hbond.range_1_label_atom_id 
_pdbx_struct_sheet_hbond.range_1_label_comp_id 
_pdbx_struct_sheet_hbond.range_1_label_asym_id 
_pdbx_struct_sheet_hbond.range_1_label_seq_id 
_pdbx_struct_sheet_hbond.range_1_PDB_ins_code 
_pdbx_struct_sheet_hbond.range_1_auth_atom_id 
_pdbx_struct_sheet_hbond.range_1_auth_comp_id 
_pdbx_struct_sheet_hbond.range_1_auth_asym_id 
_pdbx_struct_sheet_hbond.range_1_auth_seq_id 
_pdbx_struct_sheet_hbond.range_2_label_atom_id 
_pdbx_struct_sheet_hbond.range_2_label_comp_id 
_pdbx_struct_sheet_hbond.range_2_label_asym_id 
_pdbx_struct_sheet_hbond.range_2_label_seq_id 
_pdbx_struct_sheet_hbond.range_2_PDB_ins_code 
_pdbx_struct_sheet_hbond.range_2_auth_atom_id 
_pdbx_struct_sheet_hbond.range_2_auth_comp_id 
_pdbx_struct_sheet_hbond.range_2_auth_asym_id 
_pdbx_struct_sheet_hbond.range_2_auth_seq_id 
AA1 1 2 N HIS A 16 ? N HIS A 16 O LYS A 36 ? O LYS A 36 
AA1 2 3 O CYS A 37 ? O CYS A 37 N ILE A 27 ? N ILE A 27 
AA2 1 2 N ILE B 2  ? N ILE B 2  O THR B 29 ? O THR B 29 
AA2 2 3 N ILE B 27 ? N ILE B 27 O CYS B 37 ? O CYS B 37 
AA2 3 4 O CYS B 38 ? O CYS B 38 N ILE B 14 ? N ILE B 14 
# 
loop_
_struct_site.id 
_struct_site.pdbx_evidence_code 
_struct_site.pdbx_auth_asym_id 
_struct_site.pdbx_auth_comp_id 
_struct_site.pdbx_auth_seq_id 
_struct_site.pdbx_auth_ins_code 
_struct_site.pdbx_num_residues 
_struct_site.details 
AC1 Software A PIO 101 ? 16 'binding site for residue PIO A 101' 
AC2 Software B PIO 101 ? 5  'binding site for residue PIO B 101' 
# 
loop_
_struct_site_gen.id 
_struct_site_gen.site_id 
_struct_site_gen.pdbx_num_res 
_struct_site_gen.label_comp_id 
_struct_site_gen.label_asym_id 
_struct_site_gen.label_seq_id 
_struct_site_gen.pdbx_auth_ins_code 
_struct_site_gen.auth_comp_id 
_struct_site_gen.auth_asym_id 
_struct_site_gen.auth_seq_id 
_struct_site_gen.label_atom_id 
_struct_site_gen.label_alt_id 
_struct_site_gen.symmetry 
_struct_site_gen.details 
1  AC1 16 LEU A 9  ? LEU A 9   . ? 1_555 ? 
2  AC1 16 LYS A 10 ? LYS A 10  . ? 1_555 ? 
3  AC1 16 SER A 11 ? SER A 11  . ? 1_555 ? 
4  AC1 16 GLY A 12 ? GLY A 12  . ? 1_555 ? 
5  AC1 16 PHE A 19 ? PHE A 19  . ? 1_565 ? 
6  AC1 16 ARG A 22 ? ARG A 22  . ? 1_565 ? 
7  AC1 16 ARG A 23 ? ARG A 23  . ? 1_565 ? 
8  AC1 16 LYS A 25 ? LYS A 25  . ? 1_565 ? 
9  AC1 16 HOH E .  ? HOH A 201 . ? 1_565 ? 
10 AC1 16 HOH E .  ? HOH A 203 . ? 1_555 ? 
11 AC1 16 HOH E .  ? HOH A 210 . ? 1_555 ? 
12 AC1 16 PRO B 5  ? PRO B 5   . ? 1_565 ? 
13 AC1 16 LEU B 9  ? LEU B 9   . ? 1_565 ? 
14 AC1 16 LYS B 10 ? LYS B 10  . ? 1_565 ? 
15 AC1 16 PHE B 19 ? PHE B 19  . ? 1_555 ? 
16 AC1 16 ARG B 22 ? ARG B 22  . ? 1_555 ? 
17 AC2 5  LEU A 32 ? LEU A 32  . ? 1_555 ? 
18 AC2 5  THR A 35 ? THR A 35  . ? 1_555 ? 
19 AC2 5  VAL B 18 ? VAL B 18  . ? 1_555 ? 
20 AC2 5  GLY B 34 ? GLY B 34  . ? 1_555 ? 
21 AC2 5  LYS B 36 ? LYS B 36  . ? 1_555 ? 
# 
_pdbx_entry_details.entry_id                   6CS9 
_pdbx_entry_details.compound_details           ? 
_pdbx_entry_details.source_details             ? 
_pdbx_entry_details.nonpolymer_details         ? 
_pdbx_entry_details.sequence_details           ? 
_pdbx_entry_details.has_ligand_of_interest     ? 
_pdbx_entry_details.has_protein_modification   Y 
# 
_pdbx_validate_symm_contact.id                1 
_pdbx_validate_symm_contact.PDB_model_num     1 
_pdbx_validate_symm_contact.auth_atom_id_1    O 
_pdbx_validate_symm_contact.auth_asym_id_1    A 
_pdbx_validate_symm_contact.auth_comp_id_1    GLY 
_pdbx_validate_symm_contact.auth_seq_id_1     31 
_pdbx_validate_symm_contact.PDB_ins_code_1    ? 
_pdbx_validate_symm_contact.label_alt_id_1    ? 
_pdbx_validate_symm_contact.site_symmetry_1   1_555 
_pdbx_validate_symm_contact.auth_atom_id_2    NZ 
_pdbx_validate_symm_contact.auth_asym_id_2    B 
_pdbx_validate_symm_contact.auth_comp_id_2    LYS 
_pdbx_validate_symm_contact.auth_seq_id_2     25 
_pdbx_validate_symm_contact.PDB_ins_code_2    ? 
_pdbx_validate_symm_contact.label_alt_id_2    ? 
_pdbx_validate_symm_contact.site_symmetry_2   1_655 
_pdbx_validate_symm_contact.dist              2.06 
# 
loop_
_pdbx_validate_torsion.id 
_pdbx_validate_torsion.PDB_model_num 
_pdbx_validate_torsion.auth_comp_id 
_pdbx_validate_torsion.auth_asym_id 
_pdbx_validate_torsion.auth_seq_id 
_pdbx_validate_torsion.PDB_ins_code 
_pdbx_validate_torsion.label_alt_id 
_pdbx_validate_torsion.phi 
_pdbx_validate_torsion.psi 
1 1 VAL A 18 ? ? 74.94 -61.34 
2 1 ARG A 23 ? ? 80.09 -5.66  
3 1 VAL B 18 ? ? 75.44 -59.35 
4 1 VAL B 18 ? ? 75.36 -59.35 
# 
_pdbx_phasing_MR.entry_id                     6CS9 
_pdbx_phasing_MR.method_rotation              ? 
_pdbx_phasing_MR.method_translation           ? 
_pdbx_phasing_MR.model_details                ? 
_pdbx_phasing_MR.R_factor                     ? 
_pdbx_phasing_MR.R_rigid_body                 ? 
_pdbx_phasing_MR.correlation_coeff_Fo_to_Fc   ? 
_pdbx_phasing_MR.correlation_coeff_Io_to_Ic   ? 
_pdbx_phasing_MR.d_res_high_rotation          1.850 
_pdbx_phasing_MR.d_res_low_rotation           39.710 
_pdbx_phasing_MR.d_res_high_translation       1.850 
_pdbx_phasing_MR.d_res_low_translation        39.710 
_pdbx_phasing_MR.packing                      ? 
_pdbx_phasing_MR.reflns_percent_rotation      ? 
_pdbx_phasing_MR.reflns_percent_translation   ? 
_pdbx_phasing_MR.sigma_F_rotation             ? 
_pdbx_phasing_MR.sigma_F_translation          ? 
_pdbx_phasing_MR.sigma_I_rotation             ? 
_pdbx_phasing_MR.sigma_I_translation          ? 
# 
_phasing.method   MR 
# 
loop_
_chem_comp_atom.comp_id 
_chem_comp_atom.atom_id 
_chem_comp_atom.type_symbol 
_chem_comp_atom.pdbx_aromatic_flag 
_chem_comp_atom.pdbx_stereo_config 
_chem_comp_atom.pdbx_ordinal 
ALA N    N N N 1   
ALA CA   C N S 2   
ALA C    C N N 3   
ALA O    O N N 4   
ALA CB   C N N 5   
ALA OXT  O N N 6   
ALA H    H N N 7   
ALA H2   H N N 8   
ALA HA   H N N 9   
ALA HB1  H N N 10  
ALA HB2  H N N 11  
ALA HB3  H N N 12  
ALA HXT  H N N 13  
ARG N    N N N 14  
ARG CA   C N S 15  
ARG C    C N N 16  
ARG O    O N N 17  
ARG CB   C N N 18  
ARG CG   C N N 19  
ARG CD   C N N 20  
ARG NE   N N N 21  
ARG CZ   C N N 22  
ARG NH1  N N N 23  
ARG NH2  N N N 24  
ARG OXT  O N N 25  
ARG H    H N N 26  
ARG H2   H N N 27  
ARG HA   H N N 28  
ARG HB2  H N N 29  
ARG HB3  H N N 30  
ARG HG2  H N N 31  
ARG HG3  H N N 32  
ARG HD2  H N N 33  
ARG HD3  H N N 34  
ARG HE   H N N 35  
ARG HH11 H N N 36  
ARG HH12 H N N 37  
ARG HH21 H N N 38  
ARG HH22 H N N 39  
ARG HXT  H N N 40  
ASP N    N N N 41  
ASP CA   C N S 42  
ASP C    C N N 43  
ASP O    O N N 44  
ASP CB   C N N 45  
ASP CG   C N N 46  
ASP OD1  O N N 47  
ASP OD2  O N N 48  
ASP OXT  O N N 49  
ASP H    H N N 50  
ASP H2   H N N 51  
ASP HA   H N N 52  
ASP HB2  H N N 53  
ASP HB3  H N N 54  
ASP HD2  H N N 55  
ASP HXT  H N N 56  
CYS N    N N N 57  
CYS CA   C N R 58  
CYS C    C N N 59  
CYS O    O N N 60  
CYS CB   C N N 61  
CYS SG   S N N 62  
CYS OXT  O N N 63  
CYS H    H N N 64  
CYS H2   H N N 65  
CYS HA   H N N 66  
CYS HB2  H N N 67  
CYS HB3  H N N 68  
CYS HG   H N N 69  
CYS HXT  H N N 70  
GLN N    N N N 71  
GLN CA   C N S 72  
GLN C    C N N 73  
GLN O    O N N 74  
GLN CB   C N N 75  
GLN CG   C N N 76  
GLN CD   C N N 77  
GLN OE1  O N N 78  
GLN NE2  N N N 79  
GLN OXT  O N N 80  
GLN H    H N N 81  
GLN H2   H N N 82  
GLN HA   H N N 83  
GLN HB2  H N N 84  
GLN HB3  H N N 85  
GLN HG2  H N N 86  
GLN HG3  H N N 87  
GLN HE21 H N N 88  
GLN HE22 H N N 89  
GLN HXT  H N N 90  
GLY N    N N N 91  
GLY CA   C N N 92  
GLY C    C N N 93  
GLY O    O N N 94  
GLY OXT  O N N 95  
GLY H    H N N 96  
GLY H2   H N N 97  
GLY HA2  H N N 98  
GLY HA3  H N N 99  
GLY HXT  H N N 100 
HIS N    N N N 101 
HIS CA   C N S 102 
HIS C    C N N 103 
HIS O    O N N 104 
HIS CB   C N N 105 
HIS CG   C Y N 106 
HIS ND1  N Y N 107 
HIS CD2  C Y N 108 
HIS CE1  C Y N 109 
HIS NE2  N Y N 110 
HIS OXT  O N N 111 
HIS H    H N N 112 
HIS H2   H N N 113 
HIS HA   H N N 114 
HIS HB2  H N N 115 
HIS HB3  H N N 116 
HIS HD1  H N N 117 
HIS HD2  H N N 118 
HIS HE1  H N N 119 
HIS HE2  H N N 120 
HIS HXT  H N N 121 
HOH O    O N N 122 
HOH H1   H N N 123 
HOH H2   H N N 124 
ILE N    N N N 125 
ILE CA   C N S 126 
ILE C    C N N 127 
ILE O    O N N 128 
ILE CB   C N S 129 
ILE CG1  C N N 130 
ILE CG2  C N N 131 
ILE CD1  C N N 132 
ILE OXT  O N N 133 
ILE H    H N N 134 
ILE H2   H N N 135 
ILE HA   H N N 136 
ILE HB   H N N 137 
ILE HG12 H N N 138 
ILE HG13 H N N 139 
ILE HG21 H N N 140 
ILE HG22 H N N 141 
ILE HG23 H N N 142 
ILE HD11 H N N 143 
ILE HD12 H N N 144 
ILE HD13 H N N 145 
ILE HXT  H N N 146 
LEU N    N N N 147 
LEU CA   C N S 148 
LEU C    C N N 149 
LEU O    O N N 150 
LEU CB   C N N 151 
LEU CG   C N N 152 
LEU CD1  C N N 153 
LEU CD2  C N N 154 
LEU OXT  O N N 155 
LEU H    H N N 156 
LEU H2   H N N 157 
LEU HA   H N N 158 
LEU HB2  H N N 159 
LEU HB3  H N N 160 
LEU HG   H N N 161 
LEU HD11 H N N 162 
LEU HD12 H N N 163 
LEU HD13 H N N 164 
LEU HD21 H N N 165 
LEU HD22 H N N 166 
LEU HD23 H N N 167 
LEU HXT  H N N 168 
LYS N    N N N 169 
LYS CA   C N S 170 
LYS C    C N N 171 
LYS O    O N N 172 
LYS CB   C N N 173 
LYS CG   C N N 174 
LYS CD   C N N 175 
LYS CE   C N N 176 
LYS NZ   N N N 177 
LYS OXT  O N N 178 
LYS H    H N N 179 
LYS H2   H N N 180 
LYS HA   H N N 181 
LYS HB2  H N N 182 
LYS HB3  H N N 183 
LYS HG2  H N N 184 
LYS HG3  H N N 185 
LYS HD2  H N N 186 
LYS HD3  H N N 187 
LYS HE2  H N N 188 
LYS HE3  H N N 189 
LYS HZ1  H N N 190 
LYS HZ2  H N N 191 
LYS HZ3  H N N 192 
LYS HXT  H N N 193 
PHE N    N N N 194 
PHE CA   C N S 195 
PHE C    C N N 196 
PHE O    O N N 197 
PHE CB   C N N 198 
PHE CG   C Y N 199 
PHE CD1  C Y N 200 
PHE CD2  C Y N 201 
PHE CE1  C Y N 202 
PHE CE2  C Y N 203 
PHE CZ   C Y N 204 
PHE OXT  O N N 205 
PHE H    H N N 206 
PHE H2   H N N 207 
PHE HA   H N N 208 
PHE HB2  H N N 209 
PHE HB3  H N N 210 
PHE HD1  H N N 211 
PHE HD2  H N N 212 
PHE HE1  H N N 213 
PHE HE2  H N N 214 
PHE HZ   H N N 215 
PHE HXT  H N N 216 
PIO C1   C N R 217 
PIO O1   O N N 218 
PIO P1   P N N 219 
PIO C2   C N R 220 
PIO O2   O N N 221 
PIO C3   C N S 222 
PIO O3   O N N 223 
PIO C4   C N R 224 
PIO O4   O N N 225 
PIO P4   P N N 226 
PIO C5   C N R 227 
PIO O5   O N N 228 
PIO P5   P N N 229 
PIO C6   C N S 230 
PIO O6   O N N 231 
PIO O11  O N N 232 
PIO O12  O N N 233 
PIO O13  O N N 234 
PIO C1A  C N N 235 
PIO O1A  O N N 236 
PIO C1B  C N N 237 
PIO O1B  O N N 238 
PIO C1C  C N N 239 
PIO C2A  C N N 240 
PIO C2B  C N N 241 
PIO C2C  C N R 242 
PIO O2C  O N N 243 
PIO C3A  C N N 244 
PIO C3B  C N N 245 
PIO C3C  C N N 246 
PIO O3C  O N N 247 
PIO O41  O N N 248 
PIO O42  O N N 249 
PIO O43  O N N 250 
PIO C4A  C N N 251 
PIO C4B  C N N 252 
PIO O51  O N N 253 
PIO O52  O N N 254 
PIO O53  O N N 255 
PIO C5A  C N N 256 
PIO C5B  C N N 257 
PIO C6A  C N N 258 
PIO C6B  C N N 259 
PIO C7A  C N N 260 
PIO C7B  C N N 261 
PIO C8A  C N N 262 
PIO C8B  C N N 263 
PIO H1   H N N 264 
PIO H2   H N N 265 
PIO H3   H N N 266 
PIO H4   H N N 267 
PIO H5   H N N 268 
PIO H6   H N N 269 
PIO H1C  H N N 270 
PIO H1CA H N N 271 
PIO H3C  H N N 272 
PIO H3CA H N N 273 
PIO H2A  H N N 274 
PIO H3A  H N N 275 
PIO H4A  H N N 276 
PIO H5A  H N N 277 
PIO H6A  H N N 278 
PIO H7A  H N N 279 
PIO H8A  H N N 280 
PIO H2AA H N N 281 
PIO H3AA H N N 282 
PIO H4AA H N N 283 
PIO H5AA H N N 284 
PIO H6AA H N N 285 
PIO H7AA H N N 286 
PIO H8AA H N N 287 
PIO H8AB H N N 288 
PIO H2B  H N N 289 
PIO H3B  H N N 290 
PIO H4B  H N N 291 
PIO H5B  H N N 292 
PIO H6B  H N N 293 
PIO H7B  H N N 294 
PIO H8B  H N N 295 
PIO H2BA H N N 296 
PIO H3BA H N N 297 
PIO H4BA H N N 298 
PIO H5BA H N N 299 
PIO H6BA H N N 300 
PIO H7BA H N N 301 
PIO H8BA H N N 302 
PIO H8BB H N N 303 
PIO H2C  H N N 304 
PIO HO2  H N N 305 
PIO HO3  H N N 306 
PIO HO6  H N N 307 
PIO H41  H N N 308 
PIO H43  H N N 309 
PIO H51  H N N 310 
PIO H52  H N N 311 
PIO H11  H N N 312 
PRO N    N N N 313 
PRO CA   C N S 314 
PRO C    C N N 315 
PRO O    O N N 316 
PRO CB   C N N 317 
PRO CG   C N N 318 
PRO CD   C N N 319 
PRO OXT  O N N 320 
PRO H    H N N 321 
PRO HA   H N N 322 
PRO HB2  H N N 323 
PRO HB3  H N N 324 
PRO HG2  H N N 325 
PRO HG3  H N N 326 
PRO HD2  H N N 327 
PRO HD3  H N N 328 
PRO HXT  H N N 329 
SER N    N N N 330 
SER CA   C N S 331 
SER C    C N N 332 
SER O    O N N 333 
SER CB   C N N 334 
SER OG   O N N 335 
SER OXT  O N N 336 
SER H    H N N 337 
SER H2   H N N 338 
SER HA   H N N 339 
SER HB2  H N N 340 
SER HB3  H N N 341 
SER HG   H N N 342 
SER HXT  H N N 343 
THR N    N N N 344 
THR CA   C N S 345 
THR C    C N N 346 
THR O    O N N 347 
THR CB   C N R 348 
THR OG1  O N N 349 
THR CG2  C N N 350 
THR OXT  O N N 351 
THR H    H N N 352 
THR H2   H N N 353 
THR HA   H N N 354 
THR HB   H N N 355 
THR HG1  H N N 356 
THR HG21 H N N 357 
THR HG22 H N N 358 
THR HG23 H N N 359 
THR HXT  H N N 360 
TYR N    N N N 361 
TYR CA   C N S 362 
TYR C    C N N 363 
TYR O    O N N 364 
TYR CB   C N N 365 
TYR CG   C Y N 366 
TYR CD1  C Y N 367 
TYR CD2  C Y N 368 
TYR CE1  C Y N 369 
TYR CE2  C Y N 370 
TYR CZ   C Y N 371 
TYR OH   O N N 372 
TYR OXT  O N N 373 
TYR H    H N N 374 
TYR H2   H N N 375 
TYR HA   H N N 376 
TYR HB2  H N N 377 
TYR HB3  H N N 378 
TYR HD1  H N N 379 
TYR HD2  H N N 380 
TYR HE1  H N N 381 
TYR HE2  H N N 382 
TYR HH   H N N 383 
TYR HXT  H N N 384 
VAL N    N N N 385 
VAL CA   C N S 386 
VAL C    C N N 387 
VAL O    O N N 388 
VAL CB   C N N 389 
VAL CG1  C N N 390 
VAL CG2  C N N 391 
VAL OXT  O N N 392 
VAL H    H N N 393 
VAL H2   H N N 394 
VAL HA   H N N 395 
VAL HB   H N N 396 
VAL HG11 H N N 397 
VAL HG12 H N N 398 
VAL HG13 H N N 399 
VAL HG21 H N N 400 
VAL HG22 H N N 401 
VAL HG23 H N N 402 
VAL HXT  H N N 403 
# 
loop_
_chem_comp_bond.comp_id 
_chem_comp_bond.atom_id_1 
_chem_comp_bond.atom_id_2 
_chem_comp_bond.value_order 
_chem_comp_bond.pdbx_aromatic_flag 
_chem_comp_bond.pdbx_stereo_config 
_chem_comp_bond.pdbx_ordinal 
ALA N   CA   sing N N 1   
ALA N   H    sing N N 2   
ALA N   H2   sing N N 3   
ALA CA  C    sing N N 4   
ALA CA  CB   sing N N 5   
ALA CA  HA   sing N N 6   
ALA C   O    doub N N 7   
ALA C   OXT  sing N N 8   
ALA CB  HB1  sing N N 9   
ALA CB  HB2  sing N N 10  
ALA CB  HB3  sing N N 11  
ALA OXT HXT  sing N N 12  
ARG N   CA   sing N N 13  
ARG N   H    sing N N 14  
ARG N   H2   sing N N 15  
ARG CA  C    sing N N 16  
ARG CA  CB   sing N N 17  
ARG CA  HA   sing N N 18  
ARG C   O    doub N N 19  
ARG C   OXT  sing N N 20  
ARG CB  CG   sing N N 21  
ARG CB  HB2  sing N N 22  
ARG CB  HB3  sing N N 23  
ARG CG  CD   sing N N 24  
ARG CG  HG2  sing N N 25  
ARG CG  HG3  sing N N 26  
ARG CD  NE   sing N N 27  
ARG CD  HD2  sing N N 28  
ARG CD  HD3  sing N N 29  
ARG NE  CZ   sing N N 30  
ARG NE  HE   sing N N 31  
ARG CZ  NH1  sing N N 32  
ARG CZ  NH2  doub N N 33  
ARG NH1 HH11 sing N N 34  
ARG NH1 HH12 sing N N 35  
ARG NH2 HH21 sing N N 36  
ARG NH2 HH22 sing N N 37  
ARG OXT HXT  sing N N 38  
ASP N   CA   sing N N 39  
ASP N   H    sing N N 40  
ASP N   H2   sing N N 41  
ASP CA  C    sing N N 42  
ASP CA  CB   sing N N 43  
ASP CA  HA   sing N N 44  
ASP C   O    doub N N 45  
ASP C   OXT  sing N N 46  
ASP CB  CG   sing N N 47  
ASP CB  HB2  sing N N 48  
ASP CB  HB3  sing N N 49  
ASP CG  OD1  doub N N 50  
ASP CG  OD2  sing N N 51  
ASP OD2 HD2  sing N N 52  
ASP OXT HXT  sing N N 53  
CYS N   CA   sing N N 54  
CYS N   H    sing N N 55  
CYS N   H2   sing N N 56  
CYS CA  C    sing N N 57  
CYS CA  CB   sing N N 58  
CYS CA  HA   sing N N 59  
CYS C   O    doub N N 60  
CYS C   OXT  sing N N 61  
CYS CB  SG   sing N N 62  
CYS CB  HB2  sing N N 63  
CYS CB  HB3  sing N N 64  
CYS SG  HG   sing N N 65  
CYS OXT HXT  sing N N 66  
GLN N   CA   sing N N 67  
GLN N   H    sing N N 68  
GLN N   H2   sing N N 69  
GLN CA  C    sing N N 70  
GLN CA  CB   sing N N 71  
GLN CA  HA   sing N N 72  
GLN C   O    doub N N 73  
GLN C   OXT  sing N N 74  
GLN CB  CG   sing N N 75  
GLN CB  HB2  sing N N 76  
GLN CB  HB3  sing N N 77  
GLN CG  CD   sing N N 78  
GLN CG  HG2  sing N N 79  
GLN CG  HG3  sing N N 80  
GLN CD  OE1  doub N N 81  
GLN CD  NE2  sing N N 82  
GLN NE2 HE21 sing N N 83  
GLN NE2 HE22 sing N N 84  
GLN OXT HXT  sing N N 85  
GLY N   CA   sing N N 86  
GLY N   H    sing N N 87  
GLY N   H2   sing N N 88  
GLY CA  C    sing N N 89  
GLY CA  HA2  sing N N 90  
GLY CA  HA3  sing N N 91  
GLY C   O    doub N N 92  
GLY C   OXT  sing N N 93  
GLY OXT HXT  sing N N 94  
HIS N   CA   sing N N 95  
HIS N   H    sing N N 96  
HIS N   H2   sing N N 97  
HIS CA  C    sing N N 98  
HIS CA  CB   sing N N 99  
HIS CA  HA   sing N N 100 
HIS C   O    doub N N 101 
HIS C   OXT  sing N N 102 
HIS CB  CG   sing N N 103 
HIS CB  HB2  sing N N 104 
HIS CB  HB3  sing N N 105 
HIS CG  ND1  sing Y N 106 
HIS CG  CD2  doub Y N 107 
HIS ND1 CE1  doub Y N 108 
HIS ND1 HD1  sing N N 109 
HIS CD2 NE2  sing Y N 110 
HIS CD2 HD2  sing N N 111 
HIS CE1 NE2  sing Y N 112 
HIS CE1 HE1  sing N N 113 
HIS NE2 HE2  sing N N 114 
HIS OXT HXT  sing N N 115 
HOH O   H1   sing N N 116 
HOH O   H2   sing N N 117 
ILE N   CA   sing N N 118 
ILE N   H    sing N N 119 
ILE N   H2   sing N N 120 
ILE CA  C    sing N N 121 
ILE CA  CB   sing N N 122 
ILE CA  HA   sing N N 123 
ILE C   O    doub N N 124 
ILE C   OXT  sing N N 125 
ILE CB  CG1  sing N N 126 
ILE CB  CG2  sing N N 127 
ILE CB  HB   sing N N 128 
ILE CG1 CD1  sing N N 129 
ILE CG1 HG12 sing N N 130 
ILE CG1 HG13 sing N N 131 
ILE CG2 HG21 sing N N 132 
ILE CG2 HG22 sing N N 133 
ILE CG2 HG23 sing N N 134 
ILE CD1 HD11 sing N N 135 
ILE CD1 HD12 sing N N 136 
ILE CD1 HD13 sing N N 137 
ILE OXT HXT  sing N N 138 
LEU N   CA   sing N N 139 
LEU N   H    sing N N 140 
LEU N   H2   sing N N 141 
LEU CA  C    sing N N 142 
LEU CA  CB   sing N N 143 
LEU CA  HA   sing N N 144 
LEU C   O    doub N N 145 
LEU C   OXT  sing N N 146 
LEU CB  CG   sing N N 147 
LEU CB  HB2  sing N N 148 
LEU CB  HB3  sing N N 149 
LEU CG  CD1  sing N N 150 
LEU CG  CD2  sing N N 151 
LEU CG  HG   sing N N 152 
LEU CD1 HD11 sing N N 153 
LEU CD1 HD12 sing N N 154 
LEU CD1 HD13 sing N N 155 
LEU CD2 HD21 sing N N 156 
LEU CD2 HD22 sing N N 157 
LEU CD2 HD23 sing N N 158 
LEU OXT HXT  sing N N 159 
LYS N   CA   sing N N 160 
LYS N   H    sing N N 161 
LYS N   H2   sing N N 162 
LYS CA  C    sing N N 163 
LYS CA  CB   sing N N 164 
LYS CA  HA   sing N N 165 
LYS C   O    doub N N 166 
LYS C   OXT  sing N N 167 
LYS CB  CG   sing N N 168 
LYS CB  HB2  sing N N 169 
LYS CB  HB3  sing N N 170 
LYS CG  CD   sing N N 171 
LYS CG  HG2  sing N N 172 
LYS CG  HG3  sing N N 173 
LYS CD  CE   sing N N 174 
LYS CD  HD2  sing N N 175 
LYS CD  HD3  sing N N 176 
LYS CE  NZ   sing N N 177 
LYS CE  HE2  sing N N 178 
LYS CE  HE3  sing N N 179 
LYS NZ  HZ1  sing N N 180 
LYS NZ  HZ2  sing N N 181 
LYS NZ  HZ3  sing N N 182 
LYS OXT HXT  sing N N 183 
PHE N   CA   sing N N 184 
PHE N   H    sing N N 185 
PHE N   H2   sing N N 186 
PHE CA  C    sing N N 187 
PHE CA  CB   sing N N 188 
PHE CA  HA   sing N N 189 
PHE C   O    doub N N 190 
PHE C   OXT  sing N N 191 
PHE CB  CG   sing N N 192 
PHE CB  HB2  sing N N 193 
PHE CB  HB3  sing N N 194 
PHE CG  CD1  doub Y N 195 
PHE CG  CD2  sing Y N 196 
PHE CD1 CE1  sing Y N 197 
PHE CD1 HD1  sing N N 198 
PHE CD2 CE2  doub Y N 199 
PHE CD2 HD2  sing N N 200 
PHE CE1 CZ   doub Y N 201 
PHE CE1 HE1  sing N N 202 
PHE CE2 CZ   sing Y N 203 
PHE CE2 HE2  sing N N 204 
PHE CZ  HZ   sing N N 205 
PHE OXT HXT  sing N N 206 
PIO C1  O1   sing N N 207 
PIO C1  C2   sing N N 208 
PIO C1  C6   sing N N 209 
PIO C1  H1   sing N N 210 
PIO O1  P1   sing N N 211 
PIO P1  O11  sing N N 212 
PIO O11 H11  sing N N 213 
PIO P1  O12  doub N N 214 
PIO P1  O13  sing N N 215 
PIO C2  O2   sing N N 216 
PIO C2  C3   sing N N 217 
PIO C2  H2   sing N N 218 
PIO O2  HO2  sing N N 219 
PIO C3  O3   sing N N 220 
PIO C3  C4   sing N N 221 
PIO C3  H3   sing N N 222 
PIO O3  HO3  sing N N 223 
PIO C4  O4   sing N N 224 
PIO C4  C5   sing N N 225 
PIO C4  H4   sing N N 226 
PIO O4  P4   sing N N 227 
PIO P4  O41  sing N N 228 
PIO O41 H41  sing N N 229 
PIO P4  O42  doub N N 230 
PIO P4  O43  sing N N 231 
PIO O43 H43  sing N N 232 
PIO C5  O5   sing N N 233 
PIO C5  C6   sing N N 234 
PIO C5  H5   sing N N 235 
PIO O5  P5   sing N N 236 
PIO P5  O51  sing N N 237 
PIO O51 H51  sing N N 238 
PIO P5  O52  sing N N 239 
PIO O52 H52  sing N N 240 
PIO P5  O53  doub N N 241 
PIO C6  O6   sing N N 242 
PIO C6  H6   sing N N 243 
PIO O6  HO6  sing N N 244 
PIO O13 C1C  sing N N 245 
PIO C1A O1A  doub N N 246 
PIO C1A C2A  sing N N 247 
PIO C1A O2C  sing N N 248 
PIO C1B O1B  doub N N 249 
PIO C1B C2B  sing N N 250 
PIO C1B O3C  sing N N 251 
PIO C1C C2C  sing N N 252 
PIO C1C H1C  sing N N 253 
PIO C1C H1CA sing N N 254 
PIO C2A C3A  sing N N 255 
PIO C2A H2A  sing N N 256 
PIO C2A H2AA sing N N 257 
PIO C2B C3B  sing N N 258 
PIO C2B H2B  sing N N 259 
PIO C2B H2BA sing N N 260 
PIO C2C O2C  sing N N 261 
PIO C2C C3C  sing N N 262 
PIO C2C H2C  sing N N 263 
PIO C3A C4A  sing N N 264 
PIO C3A H3A  sing N N 265 
PIO C3A H3AA sing N N 266 
PIO C3B C4B  sing N N 267 
PIO C3B H3B  sing N N 268 
PIO C3B H3BA sing N N 269 
PIO C3C O3C  sing N N 270 
PIO C3C H3C  sing N N 271 
PIO C3C H3CA sing N N 272 
PIO C4A C5A  sing N N 273 
PIO C4A H4A  sing N N 274 
PIO C4A H4AA sing N N 275 
PIO C4B C5B  sing N N 276 
PIO C4B H4B  sing N N 277 
PIO C4B H4BA sing N N 278 
PIO C5A C6A  sing N N 279 
PIO C5A H5A  sing N N 280 
PIO C5A H5AA sing N N 281 
PIO C5B C6B  sing N N 282 
PIO C5B H5B  sing N N 283 
PIO C5B H5BA sing N N 284 
PIO C6A C7A  sing N N 285 
PIO C6A H6A  sing N N 286 
PIO C6A H6AA sing N N 287 
PIO C6B C7B  sing N N 288 
PIO C6B H6B  sing N N 289 
PIO C6B H6BA sing N N 290 
PIO C7A C8A  sing N N 291 
PIO C7A H7A  sing N N 292 
PIO C7A H7AA sing N N 293 
PIO C7B C8B  sing N N 294 
PIO C7B H7B  sing N N 295 
PIO C7B H7BA sing N N 296 
PIO C8A H8A  sing N N 297 
PIO C8A H8AA sing N N 298 
PIO C8A H8AB sing N N 299 
PIO C8B H8B  sing N N 300 
PIO C8B H8BA sing N N 301 
PIO C8B H8BB sing N N 302 
PRO N   CA   sing N N 303 
PRO N   CD   sing N N 304 
PRO N   H    sing N N 305 
PRO CA  C    sing N N 306 
PRO CA  CB   sing N N 307 
PRO CA  HA   sing N N 308 
PRO C   O    doub N N 309 
PRO C   OXT  sing N N 310 
PRO CB  CG   sing N N 311 
PRO CB  HB2  sing N N 312 
PRO CB  HB3  sing N N 313 
PRO CG  CD   sing N N 314 
PRO CG  HG2  sing N N 315 
PRO CG  HG3  sing N N 316 
PRO CD  HD2  sing N N 317 
PRO CD  HD3  sing N N 318 
PRO OXT HXT  sing N N 319 
SER N   CA   sing N N 320 
SER N   H    sing N N 321 
SER N   H2   sing N N 322 
SER CA  C    sing N N 323 
SER CA  CB   sing N N 324 
SER CA  HA   sing N N 325 
SER C   O    doub N N 326 
SER C   OXT  sing N N 327 
SER CB  OG   sing N N 328 
SER CB  HB2  sing N N 329 
SER CB  HB3  sing N N 330 
SER OG  HG   sing N N 331 
SER OXT HXT  sing N N 332 
THR N   CA   sing N N 333 
THR N   H    sing N N 334 
THR N   H2   sing N N 335 
THR CA  C    sing N N 336 
THR CA  CB   sing N N 337 
THR CA  HA   sing N N 338 
THR C   O    doub N N 339 
THR C   OXT  sing N N 340 
THR CB  OG1  sing N N 341 
THR CB  CG2  sing N N 342 
THR CB  HB   sing N N 343 
THR OG1 HG1  sing N N 344 
THR CG2 HG21 sing N N 345 
THR CG2 HG22 sing N N 346 
THR CG2 HG23 sing N N 347 
THR OXT HXT  sing N N 348 
TYR N   CA   sing N N 349 
TYR N   H    sing N N 350 
TYR N   H2   sing N N 351 
TYR CA  C    sing N N 352 
TYR CA  CB   sing N N 353 
TYR CA  HA   sing N N 354 
TYR C   O    doub N N 355 
TYR C   OXT  sing N N 356 
TYR CB  CG   sing N N 357 
TYR CB  HB2  sing N N 358 
TYR CB  HB3  sing N N 359 
TYR CG  CD1  doub Y N 360 
TYR CG  CD2  sing Y N 361 
TYR CD1 CE1  sing Y N 362 
TYR CD1 HD1  sing N N 363 
TYR CD2 CE2  doub Y N 364 
TYR CD2 HD2  sing N N 365 
TYR CE1 CZ   doub Y N 366 
TYR CE1 HE1  sing N N 367 
TYR CE2 CZ   sing Y N 368 
TYR CE2 HE2  sing N N 369 
TYR CZ  OH   sing N N 370 
TYR OH  HH   sing N N 371 
TYR OXT HXT  sing N N 372 
VAL N   CA   sing N N 373 
VAL N   H    sing N N 374 
VAL N   H2   sing N N 375 
VAL CA  C    sing N N 376 
VAL CA  CB   sing N N 377 
VAL CA  HA   sing N N 378 
VAL C   O    doub N N 379 
VAL C   OXT  sing N N 380 
VAL CB  CG1  sing N N 381 
VAL CB  CG2  sing N N 382 
VAL CB  HB   sing N N 383 
VAL CG1 HG11 sing N N 384 
VAL CG1 HG12 sing N N 385 
VAL CG1 HG13 sing N N 386 
VAL CG2 HG21 sing N N 387 
VAL CG2 HG22 sing N N 388 
VAL CG2 HG23 sing N N 389 
VAL OXT HXT  sing N N 390 
# 
_pdbx_audit_support.funding_organization   'Australian Research Council (ARC)' 
_pdbx_audit_support.country                Australia 
_pdbx_audit_support.grant_number           FT130101349 
_pdbx_audit_support.ordinal                1 
# 
_pdbx_initial_refinement_model.id               1 
_pdbx_initial_refinement_model.entity_id_list   ? 
_pdbx_initial_refinement_model.type             'experimental model' 
_pdbx_initial_refinement_model.source_name      PDB 
_pdbx_initial_refinement_model.accession_code   1FD4 
_pdbx_initial_refinement_model.details          ? 
# 
_pdbx_related_exp_data_set.data_reference       10.15785/SBGRID/568 
_pdbx_related_exp_data_set.data_set_type        'diffraction image data' 
_pdbx_related_exp_data_set.details              ? 
_pdbx_related_exp_data_set.metadata_reference   ? 
_pdbx_related_exp_data_set.ordinal              1 
# 
_atom_sites.entry_id                    6CS9 
_atom_sites.fract_transf_matrix[1][1]   -0.00247294 
_atom_sites.fract_transf_matrix[1][2]   -0.02436128 
_atom_sites.fract_transf_matrix[1][3]   -0.01863502 
_atom_sites.fract_transf_matrix[2][1]   0.01111820 
_atom_sites.fract_transf_matrix[2][2]   -0.02351693 
_atom_sites.fract_transf_matrix[2][3]   0.02926790 
_atom_sites.fract_transf_matrix[3][1]   -0.02408975 
_atom_sites.fract_transf_matrix[3][2]   -0.00577903 
_atom_sites.fract_transf_matrix[3][3]   0.00450766 
_atom_sites.fract_transf_vector[1]      0.278972 
_atom_sites.fract_transf_vector[2]      0.088564 
_atom_sites.fract_transf_vector[3]      0.271885 
# 
loop_
_atom_type.symbol 
C 
H 
N 
O 
P 
S 
# 
loop_
_atom_site.group_PDB 
_atom_site.id 
_atom_site.type_symbol 
_atom_site.label_atom_id 
_atom_site.label_alt_id 
_atom_site.label_comp_id 
_atom_site.label_asym_id 
_atom_site.label_entity_id 
_atom_site.label_seq_id 
_atom_site.pdbx_PDB_ins_code 
_atom_site.Cartn_x 
_atom_site.Cartn_y 
_atom_site.Cartn_z 
_atom_site.occupancy 
_atom_site.B_iso_or_equiv 
_atom_site.pdbx_formal_charge 
_atom_site.auth_seq_id 
_atom_site.auth_comp_id 
_atom_site.auth_asym_id 
_atom_site.auth_atom_id 
_atom_site.pdbx_PDB_model_num 
ATOM   1   N N   . GLY A 1 1  ? 14.286  -10.958 -7.692  1.00 41.67 ?  1   GLY A N   1 
ATOM   2   C CA  . GLY A 1 1  ? 13.993  -9.907  -6.679  1.00 32.60 ?  1   GLY A CA  1 
ATOM   3   C C   . GLY A 1 1  ? 12.909  -10.315 -5.702  1.00 25.70 ?  1   GLY A C   1 
ATOM   4   O O   . GLY A 1 1  ? 12.673  -11.502 -5.476  1.00 27.56 ?  1   GLY A O   1 
ATOM   5   N N   . ILE A 1 2  ? 12.243  -9.322  -5.125  1.00 28.32 ?  2   ILE A N   1 
ATOM   6   C CA  . ILE A 1 2  ? 11.200  -9.571  -4.140  1.00 27.00 ?  2   ILE A CA  1 
ATOM   7   C C   . ILE A 1 2  ? 9.917   -9.973  -4.859  1.00 21.11 ?  2   ILE A C   1 
ATOM   8   O O   . ILE A 1 2  ? 9.484   -9.307  -5.807  1.00 24.38 ?  2   ILE A O   1 
ATOM   9   C CB  . ILE A 1 2  ? 10.988  -8.332  -3.254  1.00 26.21 ?  2   ILE A CB  1 
ATOM   10  C CG1 . ILE A 1 2  ? 12.224  -8.103  -2.373  1.00 33.05 ?  2   ILE A CG1 1 
ATOM   11  C CG2 . ILE A 1 2  ? 9.731   -8.487  -2.418  1.00 26.36 ?  2   ILE A CG2 1 
ATOM   12  C CD1 . ILE A 1 2  ? 12.191  -6.828  -1.568  1.00 33.89 ?  2   ILE A CD1 1 
ATOM   13  N N   . GLY A 1 3  ? 9.306   -11.065 -4.404  1.00 23.81 ?  3   GLY A N   1 
ATOM   14  C CA  . GLY A 1 3  ? 8.082   -11.556 -5.000  1.00 25.34 ?  3   GLY A CA  1 
ATOM   15  C C   . GLY A 1 3  ? 7.106   -12.167 -4.012  1.00 25.50 ?  3   GLY A C   1 
ATOM   16  O O   . GLY A 1 3  ? 6.269   -12.992 -4.395  1.00 33.11 ?  3   GLY A O   1 
ATOM   17  N N   . ASP A 1 4  ? 7.182   -11.783 -2.748  1.00 25.62 ?  4   ASP A N   1 
ATOM   18  C CA  . ASP A 1 4  ? 6.233   -12.269 -1.758  1.00 25.43 ?  4   ASP A CA  1 
ATOM   19  C C   . ASP A 1 4  ? 5.963   -11.155 -0.758  1.00 25.43 ?  4   ASP A C   1 
ATOM   20  O O   . ASP A 1 4  ? 6.810   -10.276 -0.565  1.00 24.70 ?  4   ASP A O   1 
ATOM   21  C CB  . ASP A 1 4  ? 6.749   -13.522 -1.025  1.00 28.20 ?  4   ASP A CB  1 
ATOM   22  C CG  . ASP A 1 4  ? 7.744   -13.200 0.063   1.00 32.34 ?  4   ASP A CG  1 
ATOM   23  O OD1 . ASP A 1 4  ? 8.962   -13.196 -0.218  1.00 34.51 ?  4   ASP A OD1 1 
ATOM   24  O OD2 . ASP A 1 4  ? 7.305   -12.942 1.204   1.00 27.29 ?  4   ASP A OD2 1 
ATOM   25  N N   . PRO A 1 5  ? 4.793   -11.163 -0.111  1.00 23.30 ?  5   PRO A N   1 
ATOM   26  C CA  . PRO A 1 5  ? 4.445   -10.021 0.750   1.00 25.43 ?  5   PRO A CA  1 
ATOM   27  C C   . PRO A 1 5  ? 5.245   -9.968  2.037   1.00 27.28 ?  5   PRO A C   1 
ATOM   28  O O   . PRO A 1 5  ? 5.523   -8.867  2.531   1.00 21.76 ?  5   PRO A O   1 
ATOM   29  C CB  . PRO A 1 5  ? 2.949   -10.228 1.016   1.00 27.24 ?  5   PRO A CB  1 
ATOM   30  C CG  . PRO A 1 5  ? 2.752   -11.693 0.916   1.00 35.15 ?  5   PRO A CG  1 
ATOM   31  C CD  . PRO A 1 5  ? 3.747   -12.204 -0.098  1.00 25.60 ?  5   PRO A CD  1 
ATOM   32  N N   . VAL A 1 6  ? 5.636   -11.118 2.597   1.00 27.02 ?  6   VAL A N   1 
ATOM   33  C CA  . VAL A 1 6  ? 6.432   -11.106 3.822   1.00 27.51 ?  6   VAL A CA  1 
ATOM   34  C C   . VAL A 1 6  ? 7.769   -10.417 3.579   1.00 27.10 ?  6   VAL A C   1 
ATOM   35  O O   . VAL A 1 6  ? 8.157   -9.499  4.309   1.00 22.47 ?  6   VAL A O   1 
ATOM   36  C CB  . VAL A 1 6  ? 6.625   -12.537 4.356   1.00 25.21 ?  6   VAL A CB  1 
ATOM   37  C CG1 . VAL A 1 6  ? 7.604   -12.537 5.521   1.00 26.96 ?  6   VAL A CG1 1 
ATOM   38  C CG2 . VAL A 1 6  ? 5.289   -13.127 4.777   1.00 29.76 ?  6   VAL A CG2 1 
ATOM   39  N N   . THR A 1 7  ? 8.503   -10.859 2.554   1.00 27.93 ?  7   THR A N   1 
ATOM   40  C CA  . THR A 1 7  ? 9.803   -10.262 2.277   1.00 28.70 ?  7   THR A CA  1 
ATOM   41  C C   . THR A 1 7  ? 9.661   -8.784  1.934   1.00 24.42 ?  7   THR A C   1 
ATOM   42  O O   . THR A 1 7  ? 10.505  -7.963  2.317   1.00 28.17 ?  7   THR A O   1 
ATOM   43  C CB  . THR A 1 7  ? 10.501  -11.002 1.135   1.00 31.46 ?  7   THR A CB  1 
ATOM   44  O OG1 . THR A 1 7  ? 10.626  -12.394 1.454   1.00 25.00 ?  7   THR A OG1 1 
ATOM   45  C CG2 . THR A 1 7  ? 11.889  -10.415 0.902   1.00 31.64 ?  7   THR A CG2 1 
ATOM   46  N N   . CYS A 1 8  ? 8.601   -8.423  1.214   1.00 23.69 ?  8   CYS A N   1 
ATOM   47  C CA  . CYS A 1 8  ? 8.397   -7.026  0.851   1.00 25.98 ?  8   CYS A CA  1 
ATOM   48  C C   . CYS A 1 8  ? 8.303   -6.154  2.098   1.00 22.87 ?  8   CYS A C   1 
ATOM   49  O O   . CYS A 1 8  ? 9.037   -5.168  2.243   1.00 23.30 ?  8   CYS A O   1 
ATOM   50  C CB  . CYS A 1 8  ? 7.135   -6.890  0.000   1.00 20.67 ?  8   CYS A CB  1 
ATOM   51  S SG  . CYS A 1 8  ? 6.804   -5.203  -0.513  1.00 23.98 ?  8   CYS A SG  1 
ATOM   52  N N   . LEU A 1 9  ? 7.405   -6.508  3.012   1.00 22.83 ?  9   LEU A N   1 
ATOM   53  C CA  . LEU A 1 9  ? 7.208   -5.693  4.207   1.00 25.31 ?  9   LEU A CA  1 
ATOM   54  C C   . LEU A 1 9  ? 8.382   -5.780  5.168   1.00 27.14 ?  9   LEU A C   1 
ATOM   55  O O   . LEU A 1 9  ? 8.574   -4.865  5.973   1.00 27.59 ?  9   LEU A O   1 
ATOM   56  C CB  . LEU A 1 9  ? 5.921   -6.115  4.906   1.00 24.22 ?  9   LEU A CB  1 
ATOM   57  C CG  . LEU A 1 9  ? 4.638   -5.760  4.158   1.00 24.81 ?  9   LEU A CG  1 
ATOM   58  C CD1 . LEU A 1 9  ? 3.458   -6.469  4.790   1.00 41.73 ?  9   LEU A CD1 1 
ATOM   59  C CD2 . LEU A 1 9  ? 4.430   -4.258  4.161   1.00 33.53 ?  9   LEU A CD2 1 
ATOM   60  N N   . LYS A 1 10 ? 9.173   -6.850  5.104   1.00 27.81 ?  10  LYS A N   1 
ATOM   61  C CA  . LYS A 1 10 ? 10.368  -6.954  5.931   1.00 31.89 ?  10  LYS A CA  1 
ATOM   62  C C   . LYS A 1 10 ? 11.565  -6.246  5.318   1.00 30.79 ?  10  LYS A C   1 
ATOM   63  O O   . LYS A 1 10 ? 12.638  -6.239  5.929   1.00 37.04 ?  10  LYS A O   1 
ATOM   64  C CB  . LYS A 1 10 ? 10.712  -8.425  6.186   1.00 30.00 ?  10  LYS A CB  1 
ATOM   65  C CG  . LYS A 1 10 ? 9.656   -9.185  6.986   1.00 33.49 ?  10  LYS A CG  1 
ATOM   66  C CD  . LYS A 1 10 ? 9.555   -8.702  8.425   1.00 35.88 ?  10  LYS A CD  1 
ATOM   67  C CE  . LYS A 1 10 ? 10.788  -9.078  9.233   1.00 42.06 ?  10  LYS A CE  1 
ATOM   68  N NZ  . LYS A 1 10 ? 10.664  -8.664  10.651  1.00 32.11 ?  10  LYS A NZ  1 
ATOM   69  N N   . SER A 1 11 ? 11.409  -5.655  4.131   1.00 31.10 ?  11  SER A N   1 
ATOM   70  C CA  . SER A 1 11 ? 12.481  -4.931  3.459   1.00 33.40 ?  11  SER A CA  1 
ATOM   71  C C   . SER A 1 11 ? 12.240  -3.425  3.452   1.00 29.41 ?  11  SER A C   1 
ATOM   72  O O   . SER A 1 11 ? 12.759  -2.724  2.580   1.00 33.00 ?  11  SER A O   1 
ATOM   73  C CB  . SER A 1 11 ? 12.645  -5.442  2.026   1.00 31.54 ?  11  SER A CB  1 
ATOM   74  O OG  . SER A 1 11 ? 12.796  -6.849  2.000   1.00 38.25 ?  11  SER A OG  1 
ATOM   75  N N   . GLY A 1 12 ? 11.458  -2.919  4.399   1.00 27.31 ?  12  GLY A N   1 
ATOM   76  C CA  . GLY A 1 12 ? 11.167  -1.502  4.458   1.00 30.41 ?  12  GLY A CA  1 
ATOM   77  C C   . GLY A 1 12 ? 10.274  -1.004  3.349   1.00 31.33 ?  12  GLY A C   1 
ATOM   78  O O   . GLY A 1 12 ? 10.360  0.173   2.973   1.00 30.63 ?  12  GLY A O   1 
ATOM   79  N N   . ALA A 1 13 ? 9.415   -1.865  2.808   1.00 26.11 ?  13  ALA A N   1 
ATOM   80  C CA  . ALA A 1 13 ? 8.580   -1.518  1.666   1.00 26.21 ?  13  ALA A CA  1 
ATOM   81  C C   . ALA A 1 13 ? 7.122   -1.829  1.980   1.00 27.55 ?  13  ALA A C   1 
ATOM   82  O O   . ALA A 1 13 ? 6.788   -2.377  3.036   1.00 23.19 ?  13  ALA A O   1 
ATOM   83  C CB  . ALA A 1 13 ? 9.032   -2.268  0.404   1.00 24.42 ?  13  ALA A CB  1 
ATOM   84  N N   . ILE A 1 14 ? 6.246   -1.462  1.045   1.00 18.79 ?  14  ILE A N   1 
ATOM   85  C CA  . ILE A 1 14 ? 4.821   -1.717  1.163   1.00 18.66 ?  14  ILE A CA  1 
ATOM   86  C C   . ILE A 1 14 ? 4.334   -2.451  -0.077  1.00 18.32 ?  14  ILE A C   1 
ATOM   87  O O   . ILE A 1 14 ? 4.960   -2.422  -1.138  1.00 25.02 ?  14  ILE A O   1 
ATOM   88  C CB  . ILE A 1 14 ? 4.010   -0.419  1.364   1.00 23.76 ?  14  ILE A CB  1 
ATOM   89  C CG1 . ILE A 1 14 ? 4.208   0.528   0.170   1.00 23.74 ?  14  ILE A CG1 1 
ATOM   90  C CG2 . ILE A 1 14 ? 4.429   0.266   2.655   1.00 27.84 ?  14  ILE A CG2 1 
ATOM   91  C CD1 . ILE A 1 14 ? 3.298   1.725   0.183   1.00 39.92 ?  14  ILE A CD1 1 
ATOM   92  N N   . CYS A 1 15 ? 3.205   -3.133  0.081   1.00 21.33 ?  15  CYS A N   1 
ATOM   93  C CA  . CYS A 1 15 ? 2.478   -3.735  -1.025  1.00 17.15 ?  15  CYS A CA  1 
ATOM   94  C C   . CYS A 1 15 ? 1.378   -2.781  -1.468  1.00 22.03 ?  15  CYS A C   1 
ATOM   95  O O   . CYS A 1 15 ? 0.612   -2.285  -0.637  1.00 26.05 ?  15  CYS A O   1 
ATOM   96  C CB  . CYS A 1 15 ? 1.877   -5.079  -0.614  1.00 22.83 ?  15  CYS A CB  1 
ATOM   97  S SG  . CYS A 1 15 ? 3.101   -6.291  -0.130  1.00 25.27 ?  15  CYS A SG  1 
ATOM   98  N N   . HIS A 1 16 ? 1.318   -2.497  -2.770  1.00 16.14 ?  16  HIS A N   1 
ATOM   99  C CA  . HIS A 1 16 ? 0.274   -1.619  -3.275  1.00 19.56 ?  16  HIS A CA  1 
ATOM   100 C C   . HIS A 1 16 ? -0.333  -2.188  -4.550  1.00 24.41 ?  16  HIS A C   1 
ATOM   101 O O   . HIS A 1 16 ? 0.392   -2.752  -5.382  1.00 23.71 ?  16  HIS A O   1 
ATOM   102 C CB  . HIS A 1 16 ? 0.801   -0.205  -3.554  1.00 18.74 ?  16  HIS A CB  1 
ATOM   103 C CG  . HIS A 1 16 ? -0.258  0.844   -3.483  1.00 22.42 ?  16  HIS A CG  1 
ATOM   104 N ND1 . HIS A 1 16 ? -0.811  1.425   -4.605  1.00 23.95 ?  16  HIS A ND1 1 
ATOM   105 C CD2 . HIS A 1 16 ? -0.887  1.401   -2.419  1.00 21.74 ?  16  HIS A CD2 1 
ATOM   106 C CE1 . HIS A 1 16 ? -1.725  2.306   -4.234  1.00 25.56 ?  16  HIS A CE1 1 
ATOM   107 N NE2 . HIS A 1 16 ? -1.791  2.309   -2.914  1.00 22.24 ?  16  HIS A NE2 1 
ATOM   108 N N   . PRO A 1 17 ? -1.651  -2.063  -4.727  1.00 24.37 ?  17  PRO A N   1 
ATOM   109 C CA  . PRO A 1 17 ? -2.276  -2.583  -5.950  1.00 32.37 ?  17  PRO A CA  1 
ATOM   110 C C   . PRO A 1 17 ? -2.019  -1.683  -7.146  1.00 25.59 ?  17  PRO A C   1 
ATOM   111 O O   . PRO A 1 17 ? -1.991  -0.455  -7.031  1.00 23.70 ?  17  PRO A O   1 
ATOM   112 C CB  . PRO A 1 17 ? -3.777  -2.608  -5.605  1.00 27.44 ?  17  PRO A CB  1 
ATOM   113 C CG  . PRO A 1 17 ? -3.862  -2.374  -4.138  1.00 32.11 ?  17  PRO A CG  1 
ATOM   114 C CD  . PRO A 1 17 ? -2.659  -1.571  -3.773  1.00 26.34 ?  17  PRO A CD  1 
ATOM   115 N N   . VAL A 1 18 ? -1.804  -2.325  -8.300  1.00 32.44 ?  18  VAL A N   1 
ATOM   116 C CA  . VAL A 1 18 ? -1.755  -1.670  -9.606  1.00 32.65 ?  18  VAL A CA  1 
ATOM   117 C C   . VAL A 1 18 ? -0.453  -0.906  -9.800  1.00 33.30 ?  18  VAL A C   1 
ATOM   118 O O   . VAL A 1 18 ? 0.314   -1.194  -10.726 1.00 29.35 ?  18  VAL A O   1 
ATOM   119 C CB  . VAL A 1 18 ? -2.963  -0.731  -9.799  1.00 27.94 ?  18  VAL A CB  1 
ATOM   120 C CG1 . VAL A 1 18 ? -2.979  -0.164  -11.213 1.00 32.79 ?  18  VAL A CG1 1 
ATOM   121 C CG2 . VAL A 1 18 ? -4.261  -1.469  -9.508  1.00 30.53 ?  18  VAL A CG2 1 
ATOM   122 N N   . PHE A 1 19 ? -0.203  0.086   -8.951  1.00 24.12 ?  19  PHE A N   1 
ATOM   123 C CA  . PHE A 1 19 ? 0.953   0.951   -9.120  1.00 32.12 ?  19  PHE A CA  1 
ATOM   124 C C   . PHE A 1 19 ? 1.484   1.349   -7.752  1.00 25.15 ?  19  PHE A C   1 
ATOM   125 O O   . PHE A 1 19 ? 0.790   1.240   -6.739  1.00 26.44 ?  19  PHE A O   1 
ATOM   126 C CB  . PHE A 1 19 ? 0.604   2.203   -9.934  1.00 27.30 ?  19  PHE A CB  1 
ATOM   127 C CG  . PHE A 1 19 ? -0.468  3.049   -9.312  1.00 24.56 ?  19  PHE A CG  1 
ATOM   128 C CD1 . PHE A 1 19 ? -1.802  2.825   -9.601  1.00 31.28 ?  19  PHE A CD1 1 
ATOM   129 C CD2 . PHE A 1 19 ? -0.142  4.061   -8.425  1.00 29.34 ?  19  PHE A CD2 1 
ATOM   130 C CE1 . PHE A 1 19 ? -2.794  3.602   -9.023  1.00 35.02 ?  19  PHE A CE1 1 
ATOM   131 C CE2 . PHE A 1 19 ? -1.125  4.842   -7.847  1.00 33.97 ?  19  PHE A CE2 1 
ATOM   132 C CZ  . PHE A 1 19 ? -2.452  4.611   -8.147  1.00 37.43 ?  19  PHE A CZ  1 
ATOM   133 N N   . CYS A 1 20 ? 2.724   1.815   -7.739  1.00 23.54 ?  20  CYS A N   1 
ATOM   134 C CA  . CYS A 1 20 ? 3.323   2.322   -6.510  1.00 24.73 ?  20  CYS A CA  1 
ATOM   135 C C   . CYS A 1 20 ? 2.908   3.778   -6.297  1.00 24.73 ?  20  CYS A C   1 
ATOM   136 O O   . CYS A 1 20 ? 2.921   4.567   -7.243  1.00 25.74 ?  20  CYS A O   1 
ATOM   137 C CB  . CYS A 1 20 ? 4.844   2.218   -6.580  1.00 30.86 ?  20  CYS A CB  1 
ATOM   138 S SG  . CYS A 1 20 ? 5.473   0.518   -6.543  1.00 29.45 ?  20  CYS A SG  1 
ATOM   139 N N   . PRO A 1 21 ? 2.539   4.162   -5.077  1.00 21.31 ?  21  PRO A N   1 
ATOM   140 C CA  . PRO A 1 21 ? 2.105   5.543   -4.844  1.00 28.50 ?  21  PRO A CA  1 
ATOM   141 C C   . PRO A 1 21 ? 3.253   6.526   -5.020  1.00 33.01 ?  21  PRO A C   1 
ATOM   142 O O   . PRO A 1 21 ? 4.425   6.164   -5.136  1.00 25.40 ?  21  PRO A O   1 
ATOM   143 C CB  . PRO A 1 21 ? 1.598   5.536   -3.395  1.00 32.69 ?  21  PRO A CB  1 
ATOM   144 C CG  . PRO A 1 21 ? 1.416   4.093   -3.039  1.00 30.64 ?  21  PRO A CG  1 
ATOM   145 C CD  . PRO A 1 21 ? 2.433   3.343   -3.853  1.00 28.04 ?  21  PRO A CD  1 
ATOM   146 N N   . ARG A 1 22 ? 2.887   7.806   -5.028  1.00 36.42 ?  22  ARG A N   1 
ATOM   147 C CA  . ARG A 1 22 ? 3.864   8.863   -5.228  1.00 39.43 ?  22  ARG A CA  1 
ATOM   148 C C   . ARG A 1 22 ? 4.971   8.770   -4.189  1.00 38.43 ?  22  ARG A C   1 
ATOM   149 O O   . ARG A 1 22 ? 4.722   8.491   -3.012  1.00 37.25 ?  22  ARG A O   1 
ATOM   150 C CB  . ARG A 1 22 ? 3.188   10.232  -5.153  1.00 40.15 ?  22  ARG A CB  1 
ATOM   151 C CG  . ARG A 1 22 ? 4.127   11.391  -5.453  1.00 48.12 ?  22  ARG A CG  1 
ATOM   152 C CD  . ARG A 1 22 ? 3.370   12.702  -5.616  1.00 62.98 ?  22  ARG A CD  1 
ATOM   153 N NE  . ARG A 1 22 ? 2.915   13.240  -4.337  1.00 68.69 ?  22  ARG A NE  1 
ATOM   154 C CZ  . ARG A 1 22 ? 3.425   14.317  -3.736  1.00 70.09 ?  22  ARG A CZ  1 
ATOM   155 N NH1 . ARG A 1 22 ? 4.417   15.004  -4.291  1.00 66.25 ?  22  ARG A NH1 1 
ATOM   156 N NH2 . ARG A 1 22 ? 2.927   14.714  -2.574  1.00 70.72 ?  22  ARG A NH2 1 
ATOM   157 N N   . ARG A 1 23 ? 6.204   9.001   -4.639  1.00 29.34 ?  23  ARG A N   1 
ATOM   158 C CA  . ARG A 1 23 ? 7.425   8.975   -3.856  1.00 39.91 ?  23  ARG A CA  1 
ATOM   159 C C   . ARG A 1 23 ? 7.926   7.551   -3.631  1.00 37.60 ?  23  ARG A C   1 
ATOM   160 O O   . ARG A 1 23 ? 9.007   7.373   -3.068  1.00 39.60 ?  23  ARG A O   1 
ATOM   161 C CB  . ARG A 1 23 ? 7.278   9.670   -2.486  1.00 44.54 ?  23  ARG A CB  1 
ATOM   162 C CG  . ARG A 1 23 ? 6.892   11.136  -2.593  1.00 49.93 ?  23  ARG A CG  1 
ATOM   163 C CD  . ARG A 1 23 ? 6.295   11.634  -1.289  1.00 60.00 ?  23  ARG A CD  1 
ATOM   164 N NE  . ARG A 1 23 ? 7.324   11.863  -0.280  1.00 68.47 ?  23  ARG A NE  1 
ATOM   165 C CZ  . ARG A 1 23 ? 7.094   11.941  1.026   1.00 63.71 ?  23  ARG A CZ  1 
ATOM   166 N NH1 . ARG A 1 23 ? 5.865   11.794  1.503   1.00 63.99 ?  23  ARG A NH1 1 
ATOM   167 N NH2 . ARG A 1 23 ? 8.101   12.157  1.860   1.00 59.39 ?  23  ARG A NH2 1 
ATOM   168 N N   . TYR A 1 24 ? 7.179   6.530   -4.045  1.00 34.51 ?  24  TYR A N   1 
ATOM   169 C CA  . TYR A 1 24 ? 7.621   5.149   -3.976  1.00 29.23 ?  24  TYR A CA  1 
ATOM   170 C C   . TYR A 1 24 ? 8.104   4.691   -5.346  1.00 23.78 ?  24  TYR A C   1 
ATOM   171 O O   . TYR A 1 24 ? 7.559   5.086   -6.376  1.00 28.42 ?  24  TYR A O   1 
ATOM   172 C CB  . TYR A 1 24 ? 6.498   4.222   -3.511  1.00 26.14 ?  24  TYR A CB  1 
ATOM   173 C CG  . TYR A 1 24 ? 6.028   4.460   -2.098  1.00 31.22 ?  24  TYR A CG  1 
ATOM   174 C CD1 . TYR A 1 24 ? 5.168   5.502   -1.802  1.00 35.31 ?  24  TYR A CD1 1 
ATOM   175 C CD2 . TYR A 1 24 ? 6.434   3.628   -1.063  1.00 33.66 ?  24  TYR A CD2 1 
ATOM   176 C CE1 . TYR A 1 24 ? 4.730   5.724   -0.512  1.00 36.43 ?  24  TYR A CE1 1 
ATOM   177 C CE2 . TYR A 1 24 ? 6.003   3.839   0.230   1.00 34.51 ?  24  TYR A CE2 1 
ATOM   178 C CZ  . TYR A 1 24 ? 5.148   4.887   0.497   1.00 41.26 ?  24  TYR A CZ  1 
ATOM   179 O OH  . TYR A 1 24 ? 4.708   5.111   1.778   1.00 49.00 ?  24  TYR A OH  1 
ATOM   180 N N   . LYS A 1 25 ? 9.125   3.844   -5.344  1.00 28.54 ?  25  LYS A N   1 
ATOM   181 C CA  . LYS A 1 25 ? 9.600   3.193   -6.556  1.00 31.26 ?  25  LYS A CA  1 
ATOM   182 C C   . LYS A 1 25 ? 9.380   1.692   -6.436  1.00 27.13 ?  25  LYS A C   1 
ATOM   183 O O   . LYS A 1 25 ? 9.540   1.110   -5.354  1.00 22.77 ?  25  LYS A O   1 
ATOM   184 C CB  . LYS A 1 25 ? 11.080  3.494   -6.812  1.00 34.65 ?  25  LYS A CB  1 
ATOM   185 C CG  . LYS A 1 25 ? 11.353  4.938   -7.206  1.00 32.44 ?  25  LYS A CG  1 
ATOM   186 C CD  . LYS A 1 25 ? 10.803  5.249   -8.600  1.00 38.08 ?  25  LYS A CD  1 
ATOM   187 C CE  . LYS A 1 25 ? 10.404  6.712   -8.732  1.00 43.31 ?  25  LYS A CE  1 
ATOM   188 N NZ  . LYS A 1 25 ? 9.732   6.998   -10.035 1.00 44.77 ?  25  LYS A NZ  1 
ATOM   189 N N   . GLN A 1 26 ? 9.000   1.075   -7.550  1.00 28.61 ?  26  GLN A N   1 
ATOM   190 C CA  . GLN A 1 26 ? 8.741   -0.360  -7.562  1.00 26.91 ?  26  GLN A CA  1 
ATOM   191 C C   . GLN A 1 26 ? 10.051  -1.122  -7.453  1.00 28.68 ?  26  GLN A C   1 
ATOM   192 O O   . GLN A 1 26 ? 10.997  -0.854  -8.200  1.00 27.81 ?  26  GLN A O   1 
ATOM   193 C CB  . GLN A 1 26 ? 8.001   -0.741  -8.842  1.00 26.93 ?  26  GLN A CB  1 
ATOM   194 C CG  . GLN A 1 26 ? 7.740   -2.224  -9.013  1.00 29.32 ?  26  GLN A CG  1 
ATOM   195 C CD  . GLN A 1 26 ? 7.009   -2.522  -10.305 1.00 32.31 ?  26  GLN A CD  1 
ATOM   196 O OE1 . GLN A 1 26 ? 6.336   -1.651  -10.862 1.00 29.35 ?  26  GLN A OE1 1 
ATOM   197 N NE2 . GLN A 1 26 ? 7.143   -3.747  -10.796 1.00 39.97 ?  26  GLN A NE2 1 
ATOM   198 N N   . ILE A 1 27 ? 10.108  -2.075  -6.514  1.00 22.21 ?  27  ILE A N   1 
ATOM   199 C CA  . ILE A 1 27 ? 11.280  -2.923  -6.350  1.00 31.79 ?  27  ILE A CA  1 
ATOM   200 C C   . ILE A 1 27 ? 10.948  -4.408  -6.492  1.00 26.01 ?  27  ILE A C   1 
ATOM   201 O O   . ILE A 1 27 ? 11.811  -5.252  -6.265  1.00 30.70 ?  27  ILE A O   1 
ATOM   202 C CB  . ILE A 1 27 ? 11.980  -2.669  -5.004  1.00 24.23 ?  27  ILE A CB  1 
ATOM   203 C CG1 . ILE A 1 27 ? 11.093  -3.106  -3.840  1.00 24.64 ?  27  ILE A CG1 1 
ATOM   204 C CG2 . ILE A 1 27 ? 12.332  -1.207  -4.866  1.00 28.38 ?  27  ILE A CG2 1 
ATOM   205 C CD1 . ILE A 1 27 ? 11.761  -2.985  -2.491  1.00 31.07 ?  27  ILE A CD1 1 
ATOM   206 N N   . GLY A 1 28 ? 9.714   -4.736  -6.853  1.00 19.16 ?  28  GLY A N   1 
ATOM   207 C CA  . GLY A 1 28 ? 9.313   -6.122  -7.009  1.00 19.47 ?  28  GLY A CA  1 
ATOM   208 C C   . GLY A 1 28 ? 7.801   -6.236  -6.948  1.00 23.25 ?  28  GLY A C   1 
ATOM   209 O O   . GLY A 1 28 ? 7.085   -5.274  -7.207  1.00 22.73 ?  28  GLY A O   1 
ATOM   210 N N   . THR A 1 29 ? 7.341   -7.436  -6.602  1.00 25.46 ?  29  THR A N   1 
ATOM   211 C CA  . THR A 1 29 ? 5.921   -7.711  -6.439  1.00 30.95 ?  29  THR A CA  1 
ATOM   212 C C   . THR A 1 29 ? 5.689   -8.313  -5.059  1.00 28.30 ?  29  THR A C   1 
ATOM   213 O O   . THR A 1 29 ? 6.626   -8.741  -4.381  1.00 25.74 ?  29  THR A O   1 
ATOM   214 C CB  . THR A 1 29 ? 5.399   -8.668  -7.518  1.00 27.54 ?  29  THR A CB  1 
ATOM   215 O OG1 . THR A 1 29 ? 5.929   -9.978  -7.292  1.00 40.23 ?  29  THR A OG1 1 
ATOM   216 C CG2 . THR A 1 29 ? 5.811   -8.190  -8.905  1.00 33.80 ?  29  THR A CG2 1 
ATOM   217 N N   . CYS A 1 30 ? 4.421   -8.357  -4.646  1.00 25.70 ?  30  CYS A N   1 
ATOM   218 C CA  . CYS A 1 30 ? 4.046   -9.008  -3.398  1.00 28.22 ?  30  CYS A CA  1 
ATOM   219 C C   . CYS A 1 30 ? 3.361   -10.350 -3.624  1.00 29.41 ?  30  CYS A C   1 
ATOM   220 O O   . CYS A 1 30 ? 2.739   -10.890 -2.707  1.00 31.58 ?  30  CYS A O   1 
ATOM   221 C CB  . CYS A 1 30 ? 3.154   -8.088  -2.566  1.00 32.15 ?  30  CYS A CB  1 
ATOM   222 S SG  . CYS A 1 30 ? 4.056   -6.696  -1.865  1.00 30.55 ?  30  CYS A SG  1 
ATOM   223 N N   . GLY A 1 31 ? 3.464   -10.903 -4.831  1.00 40.83 ?  31  GLY A N   1 
ATOM   224 C CA  . GLY A 1 31 ? 2.875   -12.190 -5.129  1.00 44.11 ?  31  GLY A CA  1 
ATOM   225 C C   . GLY A 1 31 ? 1.367   -12.209 -5.241  1.00 42.13 ?  31  GLY A C   1 
ATOM   226 O O   . GLY A 1 31 ? 0.810   -13.235 -5.647  1.00 60.54 ?  31  GLY A O   1 
ATOM   227 N N   . LEU A 1 32 ? 0.687   -11.134 -4.891  1.00 43.70 ?  32  LEU A N   1 
ATOM   228 C CA  . LEU A 1 32 ? -0.755  -11.071 -5.055  1.00 40.11 ?  32  LEU A CA  1 
ATOM   229 C C   . LEU A 1 32 ? -1.098  -10.436 -6.395  1.00 39.57 ?  32  LEU A C   1 
ATOM   230 O O   . LEU A 1 32 ? -0.304  -9.672  -6.953  1.00 32.05 ?  32  LEU A O   1 
ATOM   231 C CB  . LEU A 1 32 ? -1.379  -10.272 -3.917  1.00 34.80 ?  32  LEU A CB  1 
ATOM   232 C CG  . LEU A 1 32 ? -1.106  -10.790 -2.504  1.00 49.16 ?  32  LEU A CG  1 
ATOM   233 C CD1 . LEU A 1 32 ? -1.659  -9.826  -1.462  1.00 45.30 ?  32  LEU A CD1 1 
ATOM   234 C CD2 . LEU A 1 32 ? -1.699  -12.179 -2.318  1.00 42.49 ?  32  LEU A CD2 1 
ATOM   235 N N   . PRO A 1 33 ? -2.286  -10.732 -6.941  1.00 37.76 ?  33  PRO A N   1 
ATOM   236 C CA  . PRO A 1 33 ? -2.638  -10.206 -8.266  1.00 41.39 ?  33  PRO A CA  1 
ATOM   237 C C   . PRO A 1 33 ? -2.403  -8.710  -8.401  1.00 36.66 ?  33  PRO A C   1 
ATOM   238 O O   . PRO A 1 33 ? -2.925  -7.922  -7.610  1.00 33.39 ?  33  PRO A O   1 
ATOM   239 C CB  . PRO A 1 33 ? -4.132  -10.546 -8.391  1.00 34.23 ?  33  PRO A CB  1 
ATOM   240 C CG  . PRO A 1 33 ? -4.324  -11.724 -7.515  1.00 34.77 ?  33  PRO A CG  1 
ATOM   241 C CD  . PRO A 1 33 ? -3.376  -11.538 -6.357  1.00 49.94 ?  33  PRO A CD  1 
ATOM   242 N N   . GLY A 1 34 ? -1.610  -8.321  -9.397  1.00 36.36 ?  34  GLY A N   1 
ATOM   243 C CA  . GLY A 1 34 ? -1.406  -6.921  -9.716  1.00 39.54 ?  34  GLY A CA  1 
ATOM   244 C C   . GLY A 1 34 ? -0.859  -6.067  -8.595  1.00 38.12 ?  34  GLY A C   1 
ATOM   245 O O   . GLY A 1 34 ? -0.947  -4.837  -8.666  1.00 30.96 ?  34  GLY A O   1 
ATOM   246 N N   . THR A 1 35 ? -0.282  -6.672  -7.563  1.00 30.07 ?  35  THR A N   1 
ATOM   247 C CA  . THR A 1 35 ? 0.232   -5.925  -6.421  1.00 27.29 ?  35  THR A CA  1 
ATOM   248 C C   . THR A 1 35 ? 1.738   -5.763  -6.565  1.00 28.65 ?  35  THR A C   1 
ATOM   249 O O   . THR A 1 35 ? 2.443   -6.724  -6.896  1.00 29.13 ?  35  THR A O   1 
ATOM   250 C CB  . THR A 1 35 ? -0.113  -6.632  -5.109  1.00 27.72 ?  35  THR A CB  1 
ATOM   251 O OG1 . THR A 1 35 ? -1.511  -6.946  -5.097  1.00 34.33 ?  35  THR A OG1 1 
ATOM   252 C CG2 . THR A 1 35 ? 0.200   -5.737  -3.916  1.00 31.13 ?  35  THR A CG2 1 
ATOM   253 N N   . LYS A 1 36 ? 2.226   -4.551  -6.318  1.00 23.47 ?  36  LYS A N   1 
ATOM   254 C CA  . LYS A 1 36 ? 3.640   -4.235  -6.434  1.00 21.07 ?  36  LYS A CA  1 
ATOM   255 C C   . LYS A 1 36 ? 4.253   -4.031  -5.055  1.00 29.19 ?  36  LYS A C   1 
ATOM   256 O O   . LYS A 1 36 ? 3.591   -3.554  -4.126  1.00 22.30 ?  36  LYS A O   1 
ATOM   257 C CB  . LYS A 1 36 ? 3.858   -2.969  -7.267  1.00 24.37 ?  36  LYS A CB  1 
ATOM   258 C CG  . LYS A 1 36 ? 3.094   -2.940  -8.582  1.00 27.53 ?  36  LYS A CG  1 
ATOM   259 C CD  . LYS A 1 36 ? 3.444   -4.131  -9.447  1.00 28.39 ?  36  LYS A CD  1 
ATOM   260 C CE  . LYS A 1 36 ? 2.850   -3.986  -10.845 1.00 34.20 ?  36  LYS A CE  1 
ATOM   261 N NZ  . LYS A 1 36 ? 3.227   -5.117  -11.728 1.00 39.47 ?  36  LYS A NZ  1 
ATOM   262 N N   . CYS A 1 37 ? 5.524   -4.399  -4.935  1.00 24.19 ?  37  CYS A N   1 
ATOM   263 C CA  . CYS A 1 37 ? 6.328   -4.054  -3.773  1.00 21.84 ?  37  CYS A CA  1 
ATOM   264 C C   . CYS A 1 37 ? 7.007   -2.714  -4.031  1.00 22.05 ?  37  CYS A C   1 
ATOM   265 O O   . CYS A 1 37 ? 7.704   -2.546  -5.042  1.00 18.38 ?  37  CYS A O   1 
ATOM   266 C CB  . CYS A 1 37 ? 7.369   -5.134  -3.487  1.00 27.20 ?  37  CYS A CB  1 
ATOM   267 S SG  . CYS A 1 37 ? 8.225   -4.866  -1.936  1.00 24.81 ?  37  CYS A SG  1 
ATOM   268 N N   . CYS A 1 38 ? 6.808   -1.772  -3.116  1.00 19.00 ?  38  CYS A N   1 
ATOM   269 C CA  . CYS A 1 38 ? 7.112   -0.367  -3.356  1.00 23.33 ?  38  CYS A CA  1 
ATOM   270 C C   . CYS A 1 38 ? 7.892   0.202   -2.181  1.00 28.32 ?  38  CYS A C   1 
ATOM   271 O O   . CYS A 1 38 ? 7.548   -0.040  -1.021  1.00 21.37 ?  38  CYS A O   1 
ATOM   272 C CB  . CYS A 1 38 ? 5.827   0.441   -3.565  1.00 22.43 ?  38  CYS A CB  1 
ATOM   273 S SG  . CYS A 1 38 ? 4.693   -0.214  -4.816  1.00 25.15 ?  38  CYS A SG  1 
ATOM   274 N N   . LYS A 1 39 ? 8.926   0.983   -2.486  1.00 24.05 ?  39  LYS A N   1 
ATOM   275 C CA  . LYS A 1 39 ? 9.812   1.516   -1.464  1.00 24.68 ?  39  LYS A CA  1 
ATOM   276 C C   . LYS A 1 39 ? 10.250  2.921   -1.840  1.00 35.24 ?  39  LYS A C   1 
ATOM   277 O O   . LYS A 1 39 ? 10.608  3.177   -2.992  1.00 30.79 ?  39  LYS A O   1 
ATOM   278 C CB  . LYS A 1 39 ? 11.039  0.615   -1.289  1.00 24.35 ?  39  LYS A CB  1 
ATOM   279 C CG  . LYS A 1 39 ? 11.953  1.008   -0.142  1.00 31.52 ?  39  LYS A CG  1 
ATOM   280 C CD  . LYS A 1 39 ? 13.045  -0.036  0.053   1.00 30.59 ?  39  LYS A CD  1 
ATOM   281 C CE  . LYS A 1 39 ? 13.821  0.187   1.341   1.00 31.12 ?  39  LYS A CE  1 
ATOM   282 N NZ  . LYS A 1 39 ? 14.720  -0.968  1.638   1.00 38.32 ?  39  LYS A NZ  1 
ATOM   283 N N   . LYS A 1 40 ? 10.223  3.822   -0.866  1.00 35.97 ?  40  LYS A N   1 
ATOM   284 C CA  . LYS A 1 40 ? 10.740  5.170   -1.090  1.00 46.38 ?  40  LYS A CA  1 
ATOM   285 C C   . LYS A 1 40 ? 12.260  5.118   -1.200  1.00 49.51 ?  40  LYS A C   1 
ATOM   286 O O   . LYS A 1 40 ? 12.916  4.534   -0.329  1.00 52.47 ?  40  LYS A O   1 
ATOM   287 C CB  . LYS A 1 40 ? 10.335  6.104   0.045   1.00 47.99 ?  40  LYS A CB  1 
ATOM   288 C CG  . LYS A 1 40 ? 8.844   6.168   0.314   1.00 46.86 ?  40  LYS A CG  1 
ATOM   289 C CD  . LYS A 1 40 ? 8.533   7.208   1.385   1.00 51.05 ?  40  LYS A CD  1 
ATOM   290 C CE  . LYS A 1 40 ? 7.158   6.985   1.998   1.00 54.83 ?  40  LYS A CE  1 
ATOM   291 N NZ  . LYS A 1 40 ? 6.908   7.901   3.144   1.00 58.50 ?  40  LYS A NZ  1 
ATOM   292 N N   . PRO A 1 41 ? 12.862  5.717   -2.242  1.00 52.80 ?  41  PRO A N   1 
ATOM   293 C CA  . PRO A 1 41 ? 14.326  5.651   -2.362  1.00 59.27 ?  41  PRO A CA  1 
ATOM   294 C C   . PRO A 1 41 ? 15.050  6.235   -1.151  1.00 60.67 ?  41  PRO A C   1 
ATOM   295 O O   . PRO A 1 41 ? 16.116  5.755   -0.761  1.00 58.29 ?  41  PRO A O   1 
ATOM   296 C CB  . PRO A 1 41 ? 14.616  6.485   -3.618  1.00 56.64 ?  41  PRO A CB  1 
ATOM   297 C CG  . PRO A 1 41 ? 13.340  6.490   -4.385  1.00 60.47 ?  41  PRO A CG  1 
ATOM   298 C CD  . PRO A 1 41 ? 12.248  6.460   -3.357  1.00 55.49 ?  41  PRO A CD  1 
ATOM   299 O OXT . PRO A 1 41 ? 14.587  7.194   -0.535  1.00 60.40 ?  41  PRO A OXT 1 
ATOM   300 N N   . GLY B 1 1  ? -15.840 9.403   6.385   1.00 40.80 ?  1   GLY B N   1 
ATOM   301 C CA  . GLY B 1 1  ? -14.375 9.173   6.228   1.00 34.15 ?  1   GLY B CA  1 
ATOM   302 C C   . GLY B 1 1  ? -14.055 8.733   4.820   1.00 20.29 ?  1   GLY B C   1 
ATOM   303 O O   . GLY B 1 1  ? -14.953 8.574   3.996   1.00 34.97 ?  1   GLY B O   1 
ATOM   304 N N   . ILE B 1 2  ? -12.770 8.533   4.538   1.00 28.68 ?  2   ILE B N   1 
ATOM   305 C CA  . ILE B 1 2  ? -12.356 8.104   3.210   1.00 28.24 ?  2   ILE B CA  1 
ATOM   306 C C   . ILE B 1 2  ? -12.805 6.668   2.991   1.00 26.86 ?  2   ILE B C   1 
ATOM   307 O O   . ILE B 1 2  ? -12.573 5.788   3.834   1.00 24.56 ?  2   ILE B O   1 
ATOM   308 C CB  . ILE B 1 2  ? -10.838 8.259   3.044   1.00 32.19 ?  2   ILE B CB  1 
ATOM   309 C CG1 . ILE B 1 2  ? -10.452 9.731   3.214   1.00 34.82 ?  2   ILE B CG1 1 
ATOM   310 C CG2 . ILE B 1 2  ? -10.391 7.737   1.686   1.00 28.85 ?  2   ILE B CG2 1 
ATOM   311 C CD1 . ILE B 1 2  ? -8.990  10.031  2.957   1.00 39.68 ?  2   ILE B CD1 1 
ATOM   312 N N   . GLY B 1 3  ? -13.443 6.420   1.852   1.00 26.10 ?  3   GLY B N   1 
ATOM   313 C CA  . GLY B 1 3  ? -13.951 5.104   1.544   1.00 25.49 ?  3   GLY B CA  1 
ATOM   314 C C   . GLY B 1 3  ? -13.888 4.751   0.072   1.00 27.07 ?  3   GLY B C   1 
ATOM   315 O O   . GLY B 1 3  ? -14.700 3.958   -0.411  1.00 26.34 ?  3   GLY B O   1 
ATOM   316 N N   . ASP B 1 4  ? -12.940 5.327   -0.656  1.00 22.58 ?  4   ASP B N   1 
ATOM   317 C CA  . ASP B 1 4  ? -12.733 4.966   -2.051  1.00 25.98 ?  4   ASP B CA  1 
ATOM   318 C C   . ASP B 1 4  ? -11.266 5.132   -2.384  1.00 25.46 ?  4   ASP B C   1 
ATOM   319 O O   . ASP B 1 4  ? -10.560 5.921   -1.734  1.00 27.62 ?  4   ASP B O   1 
ATOM   320 C CB  . ASP B 1 4  ? -13.598 5.811   -3.002  1.00 29.00 ?  4   ASP B CB  1 
ATOM   321 C CG  . ASP B 1 4  ? -13.090 7.232   -3.155  1.00 32.33 ?  4   ASP B CG  1 
ATOM   322 O OD1 . ASP B 1 4  ? -13.594 8.132   -2.450  1.00 36.02 ?  4   ASP B OD1 1 
ATOM   323 O OD2 . ASP B 1 4  ? -12.171 7.449   -3.973  1.00 31.97 ?  4   ASP B OD2 1 
ATOM   324 N N   . PRO B 1 5  ? -10.761 4.424   -3.399  1.00 26.50 ?  5   PRO B N   1 
ATOM   325 C CA  . PRO B 1 5  ? -9.327  4.511   -3.711  1.00 26.00 ?  5   PRO B CA  1 
ATOM   326 C C   . PRO B 1 5  ? -8.893  5.873   -4.228  1.00 29.40 ?  5   PRO B C   1 
ATOM   327 O O   . PRO B 1 5  ? -7.759  6.288   -3.963  1.00 21.38 ?  5   PRO B O   1 
ATOM   328 C CB  . PRO B 1 5  ? -9.125  3.424   -4.782  1.00 32.57 ?  5   PRO B CB  1 
ATOM   329 C CG  . PRO B 1 5  ? -10.359 2.570   -4.737  1.00 34.99 ?  5   PRO B CG  1 
ATOM   330 C CD  . PRO B 1 5  ? -11.464 3.467   -4.275  1.00 27.11 ?  5   PRO B CD  1 
ATOM   331 N N   . VAL B 1 6  ? -9.751  6.577   -4.972  1.00 30.39 ?  6   VAL B N   1 
ATOM   332 C CA  . VAL B 1 6  ? -9.356  7.862   -5.543  1.00 30.83 ?  6   VAL B CA  1 
ATOM   333 C C   . VAL B 1 6  ? -9.123  8.889   -4.443  1.00 25.95 ?  6   VAL B C   1 
ATOM   334 O O   . VAL B 1 6  ? -8.090  9.565   -4.414  1.00 25.57 ?  6   VAL B O   1 
ATOM   335 C CB  . VAL B 1 6  ? -10.420 8.352   -6.545  1.00 31.75 ?  6   VAL B CB  1 
ATOM   336 C CG1 . VAL B 1 6  ? -10.087 9.754   -7.030  1.00 34.51 ?  6   VAL B CG1 1 
ATOM   337 C CG2 . VAL B 1 6  ? -10.523 7.390   -7.709  1.00 25.95 ?  6   VAL B CG2 1 
ATOM   338 N N   . THR B 1 7  ? -10.090 9.038   -3.530  1.00 25.73 ?  7   THR B N   1 
ATOM   339 C CA  . THR B 1 7  ? -9.936  10.022  -2.467  1.00 31.01 ?  7   THR B CA  1 
ATOM   340 C C   . THR B 1 7  ? -8.786  9.651   -1.544  1.00 31.44 ?  7   THR B C   1 
ATOM   341 O O   . THR B 1 7  ? -8.085  10.536  -1.034  1.00 28.06 ?  7   THR B O   1 
ATOM   342 C CB  . THR B 1 7  ? -11.233 10.148  -1.665  1.00 35.40 ?  7   THR B CB  1 
ATOM   343 O OG1 . THR B 1 7  ? -12.316 10.489  -2.540  1.00 32.77 ?  7   THR B OG1 1 
ATOM   344 C CG2 . THR B 1 7  ? -11.089 11.227  -0.596  1.00 35.53 ?  7   THR B CG2 1 
ATOM   345 N N   . CYS B 1 8  ? -8.573  8.356   -1.324  1.00 33.94 ?  8   CYS B N   1 
ATOM   346 C CA  . CYS B 1 8  ? -7.468  7.920   -0.479  1.00 24.66 ?  8   CYS B CA  1 
ATOM   347 C C   . CYS B 1 8  ? -6.136  8.394   -1.043  1.00 21.43 ?  8   CYS B C   1 
ATOM   348 O O   . CYS B 1 8  ? -5.333  9.019   -0.340  1.00 28.78 ?  8   CYS B O   1 
ATOM   349 C CB  . CYS B 1 8  ? -7.484  6.397   -0.347  1.00 24.83 ?  8   CYS B CB  1 
ATOM   350 S SG  . CYS B 1 8  ? -6.166  5.757   0.701   1.00 25.72 ?  8   CYS B SG  1 
ATOM   351 N N   . LEU B 1 9  ? -5.880  8.102   -2.318  1.00 27.78 ?  9   LEU B N   1 
ATOM   352 C CA  . LEU B 1 9  ? -4.587  8.452   -2.897  1.00 28.40 ?  9   LEU B CA  1 
ATOM   353 C C   . LEU B 1 9  ? -4.452  9.958   -3.098  1.00 34.00 ?  9   LEU B C   1 
ATOM   354 O O   . LEU B 1 9  ? -3.350  10.500  -2.971  1.00 31.03 ?  9   LEU B O   1 
ATOM   355 C CB  . LEU B 1 9  ? -4.390  7.700   -4.213  1.00 29.22 ?  9   LEU B CB  1 
ATOM   356 C CG  . LEU B 1 9  ? -4.252  6.178   -4.049  1.00 26.73 ?  9   LEU B CG  1 
ATOM   357 C CD1 . LEU B 1 9  ? -4.359  5.476   -5.392  1.00 43.55 ?  9   LEU B CD1 1 
ATOM   358 C CD2 . LEU B 1 9  ? -2.947  5.823   -3.362  1.00 37.10 ?  9   LEU B CD2 1 
ATOM   359 N N   . LYS B 1 10 ? -5.555  10.657  -3.382  1.00 30.26 ?  10  LYS B N   1 
ATOM   360 C CA  . LYS B 1 10 ? -5.486  12.107  -3.541  1.00 32.46 ?  10  LYS B CA  1 
ATOM   361 C C   . LYS B 1 10 ? -5.359  12.841  -2.217  1.00 38.80 ?  10  LYS B C   1 
ATOM   362 O O   . LYS B 1 10 ? -5.124  14.052  -2.221  1.00 46.95 ?  10  LYS B O   1 
ATOM   363 C CB  . LYS B 1 10 ? -6.716  12.606  -4.304  1.00 32.59 ?  10  LYS B CB  1 
ATOM   364 C CG  . LYS B 1 10 ? -6.712  12.184  -5.768  1.00 39.51 ?  10  LYS B CG  1 
ATOM   365 C CD  . LYS B 1 10 ? -7.998  12.572  -6.488  1.00 37.79 ?  10  LYS B CD  1 
ATOM   366 C CE  . LYS B 1 10 ? -8.179  14.079  -6.565  1.00 45.28 ?  10  LYS B CE  1 
ATOM   367 N NZ  . LYS B 1 10 ? -6.986  14.778  -7.116  1.00 47.00 ?  10  LYS B NZ  1 
ATOM   368 N N   . SER B 1 11 ? -5.492  12.140  -1.091  1.00 35.40 ?  11  SER B N   1 
ATOM   369 C CA  . SER B 1 11 ? -5.319  12.729  0.229   1.00 38.62 ?  11  SER B CA  1 
ATOM   370 C C   . SER B 1 11 ? -3.931  12.474  0.802   1.00 39.08 ?  11  SER B C   1 
ATOM   371 O O   . SER B 1 11 ? -3.702  12.744  1.984   1.00 41.68 ?  11  SER B O   1 
ATOM   372 C CB  . SER B 1 11 ? -6.383  12.185  1.187   1.00 40.35 ?  11  SER B CB  1 
ATOM   373 O OG  . SER B 1 11 ? -7.691  12.442  0.704   1.00 45.50 ?  11  SER B OG  1 
ATOM   374 N N   . GLY B 1 12 ? -3.005  11.958  -0.002  1.00 28.02 ?  12  GLY B N   1 
ATOM   375 C CA  . GLY B 1 12 ? -1.673  11.657  0.466   1.00 34.15 ?  12  GLY B CA  1 
ATOM   376 C C   . GLY B 1 12 ? -1.517  10.317  1.148   1.00 28.85 ?  12  GLY B C   1 
ATOM   377 O O   . GLY B 1 12 ? -0.498  10.094  1.810   1.00 38.89 ?  12  GLY B O   1 
ATOM   378 N N   . ALA B 1 13 ? -2.485  9.419   1.004   1.00 23.56 ?  13  ALA B N   1 
ATOM   379 C CA  . ALA B 1 13 ? -2.467  8.118   1.657   1.00 27.78 ?  13  ALA B CA  1 
ATOM   380 C C   . ALA B 1 13 ? -2.267  7.012   0.621   1.00 25.44 ?  13  ALA B C   1 
ATOM   381 O O   . ALA B 1 13 ? -2.129  7.266   -0.580  1.00 26.76 ?  13  ALA B O   1 
ATOM   382 C CB  . ALA B 1 13 ? -3.758  7.902   2.449   1.00 25.68 ?  13  ALA B CB  1 
ATOM   383 N N   . ILE B 1 14 ? -2.251  5.774   1.106   1.00 27.86 ?  14  ILE B N   1 
ATOM   384 C CA  . ILE B 1 14 ? -2.045  4.590   0.282   1.00 24.40 ?  14  ILE B CA  1 
ATOM   385 C C   . ILE B 1 14 ? -3.141  3.581   0.587   1.00 23.11 ?  14  ILE B C   1 
ATOM   386 O O   . ILE B 1 14 ? -3.692  3.550   1.693   1.00 25.35 ?  14  ILE B O   1 
ATOM   387 C CB  . ILE B 1 14 ? -0.654  3.961   0.518   1.00 26.31 ?  14  ILE B CB  1 
ATOM   388 C CG1 . ILE B 1 14 ? -0.542  3.409   1.945   1.00 22.69 ?  14  ILE B CG1 1 
ATOM   389 C CG2 . ILE B 1 14 ? 0.441   4.986   0.274   1.00 28.88 ?  14  ILE B CG2 1 
ATOM   390 C CD1 . ILE B 1 14 ? 0.636   2.495   2.161   1.00 29.05 ?  14  ILE B CD1 1 
ATOM   391 N N   . CYS B 1 15 ? -3.447  2.746   -0.401  1.00 24.36 ?  15  CYS B N   1 
ATOM   392 C CA  . CYS B 1 15 ? -4.420  1.664   -0.264  1.00 20.39 ?  15  CYS B CA  1 
ATOM   393 C C   . CYS B 1 15 ? -3.652  0.375   0.010   1.00 26.78 ?  15  CYS B C   1 
ATOM   394 O O   . CYS B 1 15 ? -3.163  -0.273  -0.918  1.00 26.77 ?  15  CYS B O   1 
ATOM   395 C CB  . CYS B 1 15 ? -5.271  1.532   -1.523  1.00 22.87 ?  15  CYS B CB  1 
ATOM   396 S SG  . CYS B 1 15 ? -6.382  2.911   -1.829  1.00 26.18 ?  15  CYS B SG  1 
ATOM   397 N N   . HIS B 1 16 ? -3.554  -0.003  1.283   1.00 20.10 ?  16  HIS B N   1 
ATOM   398 C CA  . HIS B 1 16 ? -2.734  -1.184  1.569   1.00 25.56 ?  16  HIS B CA  1 
ATOM   399 C C   . HIS B 1 16 ? -3.612  -2.397  1.868   1.00 25.05 ?  16  HIS B C   1 
ATOM   400 O O   . HIS B 1 16 ? -4.615  -2.281  2.579   1.00 19.88 ?  16  HIS B O   1 
ATOM   401 C CB  . HIS B 1 16 ? -1.807  -0.930  2.758   1.00 22.78 ?  16  HIS B CB  1 
ATOM   402 C CG  . HIS B 1 16 ? -0.632  -1.855  2.798   1.00 25.05 ?  16  HIS B CG  1 
ATOM   403 N ND1 . HIS B 1 16 ? -0.639  -3.039  3.509   1.00 20.91 ?  16  HIS B ND1 1 
ATOM   404 C CD2 . HIS B 1 16 ? 0.581   -1.781  2.199   1.00 21.20 ?  16  HIS B CD2 1 
ATOM   405 C CE1 . HIS B 1 16 ? 0.522   -3.651  3.349   1.00 21.29 ?  16  HIS B CE1 1 
ATOM   406 N NE2 . HIS B 1 16 ? 1.280   -2.909  2.558   1.00 21.47 ?  16  HIS B NE2 1 
ATOM   407 N N   A PRO B 1 17 ? -3.288  -3.573  1.327   0.77 23.56 ?  17  PRO B N   1 
ATOM   408 N N   B PRO B 1 17 ? -3.265  -3.576  1.351   0.23 23.66 ?  17  PRO B N   1 
ATOM   409 C CA  A PRO B 1 17 ? -4.125  -4.747  1.595   0.77 27.72 ?  17  PRO B CA  1 
ATOM   410 C CA  B PRO B 1 17 ? -4.103  -4.752  1.605   0.23 27.65 ?  17  PRO B CA  1 
ATOM   411 C C   A PRO B 1 17 ? -4.022  -5.212  3.041   0.77 25.73 ?  17  PRO B C   1 
ATOM   412 C C   B PRO B 1 17 ? -4.017  -5.215  3.051   0.23 25.80 ?  17  PRO B C   1 
ATOM   413 O O   A PRO B 1 17 ? -2.950  -5.178  3.652   0.77 25.86 ?  17  PRO B O   1 
ATOM   414 O O   B PRO B 1 17 ? -2.954  -5.176  3.676   0.23 25.92 ?  17  PRO B O   1 
ATOM   415 C CB  A PRO B 1 17 ? -3.577  -5.809  0.630   0.77 29.68 ?  17  PRO B CB  1 
ATOM   416 C CB  B PRO B 1 17 ? -3.535  -5.806  0.645   0.23 29.58 ?  17  PRO B CB  1 
ATOM   417 C CG  A PRO B 1 17 ? -2.829  -5.042  -0.417  0.77 25.65 ?  17  PRO B CG  1 
ATOM   418 C CG  B PRO B 1 17 ? -2.117  -5.387  0.429   0.23 25.78 ?  17  PRO B CG  1 
ATOM   419 C CD  A PRO B 1 17 ? -2.273  -3.844  0.292   0.77 24.66 ?  17  PRO B CD  1 
ATOM   420 C CD  B PRO B 1 17 ? -2.136  -3.884  0.452   0.23 24.72 ?  17  PRO B CD  1 
ATOM   421 N N   . VAL B 1 18 ? -5.162  -5.646  3.581   1.00 29.71 ?  18  VAL B N   1 
ATOM   422 C CA  . VAL B 1 18 ? -5.245  -6.322  4.872   1.00 23.56 ?  18  VAL B CA  1 
ATOM   423 C C   . VAL B 1 18 ? -5.094  -5.371  6.054   1.00 30.16 ?  18  VAL B C   1 
ATOM   424 O O   . VAL B 1 18 ? -5.994  -5.281  6.898   1.00 33.09 ?  18  VAL B O   1 
ATOM   425 C CB  . VAL B 1 18 ? -4.207  -7.461  4.961   1.00 28.88 ?  18  VAL B CB  1 
ATOM   426 C CG1 . VAL B 1 18 ? -4.415  -8.261  6.228   1.00 33.68 ?  18  VAL B CG1 1 
ATOM   427 C CG2 . VAL B 1 18 ? -4.303  -8.374  3.747   1.00 33.38 ?  18  VAL B CG2 1 
ATOM   428 N N   . PHE B 1 19 ? -3.970  -4.671  6.142   1.00 21.90 ?  19  PHE B N   1 
ATOM   429 C CA  . PHE B 1 19 ? -3.706  -3.808  7.284   1.00 25.85 ?  19  PHE B CA  1 
ATOM   430 C C   . PHE B 1 19 ? -2.785  -2.671  6.861   1.00 28.24 ?  19  PHE B C   1 
ATOM   431 O O   . PHE B 1 19 ? -2.168  -2.704  5.795   1.00 28.78 ?  19  PHE B O   1 
ATOM   432 C CB  . PHE B 1 19 ? -3.072  -4.592  8.442   1.00 27.26 ?  19  PHE B CB  1 
ATOM   433 C CG  . PHE B 1 19 ? -1.734  -5.189  8.100   1.00 27.63 ?  19  PHE B CG  1 
ATOM   434 C CD1 . PHE B 1 19 ? -1.646  -6.470  7.587   1.00 33.96 ?  19  PHE B CD1 1 
ATOM   435 C CD2 . PHE B 1 19 ? -0.570  -4.462  8.279   1.00 27.60 ?  19  PHE B CD2 1 
ATOM   436 C CE1 . PHE B 1 19 ? -0.417  -7.019  7.265   1.00 40.11 ?  19  PHE B CE1 1 
ATOM   437 C CE2 . PHE B 1 19 ? 0.661   -5.003  7.955   1.00 34.18 ?  19  PHE B CE2 1 
ATOM   438 C CZ  . PHE B 1 19 ? 0.736   -6.283  7.447   1.00 42.69 ?  19  PHE B CZ  1 
ATOM   439 N N   . CYS B 1 20 ? -2.676  -1.665  7.729   1.00 22.68 ?  20  CYS B N   1 
ATOM   440 C CA  . CYS B 1 20 ? -1.785  -0.543  7.456   1.00 23.74 ?  20  CYS B CA  1 
ATOM   441 C C   . CYS B 1 20 ? -0.367  -0.879  7.905   1.00 30.55 ?  20  CYS B C   1 
ATOM   442 O O   . CYS B 1 20 ? -0.170  -1.304  9.046   1.00 27.53 ?  20  CYS B O   1 
ATOM   443 C CB  . CYS B 1 20 ? -2.275  0.712   8.167   1.00 32.26 ?  20  CYS B CB  1 
ATOM   444 S SG  . CYS B 1 20 ? -3.748  1.429   7.409   1.00 27.67 ?  20  CYS B SG  1 
ATOM   445 N N   . PRO B 1 21 ? 0.640   -0.700  7.050   1.00 27.01 ?  21  PRO B N   1 
ATOM   446 C CA  . PRO B 1 21 ? 2.002   -1.068  7.447   1.00 38.54 ?  21  PRO B CA  1 
ATOM   447 C C   . PRO B 1 21 ? 2.470   -0.237  8.630   1.00 43.92 ?  21  PRO B C   1 
ATOM   448 O O   . PRO B 1 21 ? 1.893   0.793   8.986   1.00 35.83 ?  21  PRO B O   1 
ATOM   449 C CB  . PRO B 1 21 ? 2.843   -0.786  6.197   1.00 38.48 ?  21  PRO B CB  1 
ATOM   450 C CG  . PRO B 1 21 ? 1.871   -0.647  5.082   1.00 33.68 ?  21  PRO B CG  1 
ATOM   451 C CD  . PRO B 1 21 ? 0.600   -0.140  5.688   1.00 27.62 ?  21  PRO B CD  1 
ATOM   452 N N   . ARG B 1 22 ? 3.554   -0.704  9.242   1.00 51.02 ?  22  ARG B N   1 
ATOM   453 C CA  . ARG B 1 22 ? 4.135   -0.017  10.386  1.00 56.00 ?  22  ARG B CA  1 
ATOM   454 C C   . ARG B 1 22 ? 4.355   1.457   10.085  1.00 49.95 ?  22  ARG B C   1 
ATOM   455 O O   . ARG B 1 22 ? 4.852   1.819   9.018   1.00 53.52 ?  22  ARG B O   1 
ATOM   456 C CB  . ARG B 1 22 ? 5.466   -0.676  10.747  1.00 66.00 ?  22  ARG B CB  1 
ATOM   457 C CG  . ARG B 1 22 ? 6.451   -0.715  9.586   1.00 59.86 ?  22  ARG B CG  1 
ATOM   458 C CD  . ARG B 1 22 ? 7.693   -1.504  9.956   1.00 59.73 ?  22  ARG B CD  1 
ATOM   459 N NE  . ARG B 1 22 ? 8.084   -1.240  11.336  1.00 68.42 ?  22  ARG B NE  1 
ATOM   460 C CZ  . ARG B 1 22 ? 8.852   -0.226  11.722  1.00 72.89 ?  22  ARG B CZ  1 
ATOM   461 N NH1 . ARG B 1 22 ? 9.336   0.630   10.831  1.00 76.77 ?  22  ARG B NH1 1 
ATOM   462 N NH2 . ARG B 1 22 ? 9.137   -0.069  13.005  1.00 75.79 ?  22  ARG B NH2 1 
ATOM   463 N N   . ARG B 1 23 ? 3.982   2.308   11.047  1.00 54.65 ?  23  ARG B N   1 
ATOM   464 C CA  . ARG B 1 23 ? 4.156   3.768   11.020  1.00 64.18 ?  23  ARG B CA  1 
ATOM   465 C C   . ARG B 1 23 ? 3.103   4.454   10.157  1.00 56.41 ?  23  ARG B C   1 
ATOM   466 O O   . ARG B 1 23 ? 3.205   5.671   9.915   1.00 52.86 ?  23  ARG B O   1 
ATOM   467 C CB  . ARG B 1 23 ? 5.564   4.166   10.553  1.00 64.97 ?  23  ARG B CB  1 
ATOM   468 C CG  . ARG B 1 23 ? 5.697   4.518   9.072   1.00 64.33 ?  23  ARG B CG  1 
ATOM   469 C CD  . ARG B 1 23 ? 7.084   4.164   8.538   1.00 71.30 ?  23  ARG B CD  1 
ATOM   470 N NE  . ARG B 1 23 ? 7.865   5.334   8.138   1.00 71.57 ?  23  ARG B NE  1 
ATOM   471 C CZ  . ARG B 1 23 ? 8.495   6.143   8.985   1.00 72.91 ?  23  ARG B CZ  1 
ATOM   472 N NH1 . ARG B 1 23 ? 9.186   7.175   8.523   1.00 65.33 ?  23  ARG B NH1 1 
ATOM   473 N NH2 . ARG B 1 23 ? 8.427   5.931   10.293  1.00 73.92 ?  23  ARG B NH2 1 
ATOM   474 N N   . TYR B 1 24 ? 2.097   3.720   9.689   1.00 48.45 ?  24  TYR B N   1 
ATOM   475 C CA  . TYR B 1 24 ? 0.960   4.290   8.984   1.00 43.68 ?  24  TYR B CA  1 
ATOM   476 C C   . TYR B 1 24 ? -0.269  4.234   9.874   1.00 26.30 ?  24  TYR B C   1 
ATOM   477 O O   . TYR B 1 24 ? -0.516  3.224   10.538  1.00 33.66 ?  24  TYR B O   1 
ATOM   478 C CB  . TYR B 1 24 ? 0.668   3.533   7.689   1.00 32.99 ?  24  TYR B CB  1 
ATOM   479 C CG  . TYR B 1 24 ? 1.736   3.683   6.645   1.00 37.72 ?  24  TYR B CG  1 
ATOM   480 C CD1 . TYR B 1 24 ? 2.851   2.862   6.647   1.00 46.90 ?  24  TYR B CD1 1 
ATOM   481 C CD2 . TYR B 1 24 ? 1.630   4.646   5.656   1.00 39.43 ?  24  TYR B CD2 1 
ATOM   482 C CE1 . TYR B 1 24 ? 3.833   2.996   5.693   1.00 53.30 ?  24  TYR B CE1 1 
ATOM   483 C CE2 . TYR B 1 24 ? 2.608   4.789   4.694   1.00 45.39 ?  24  TYR B CE2 1 
ATOM   484 C CZ  . TYR B 1 24 ? 3.706   3.961   4.720   1.00 43.90 ?  24  TYR B CZ  1 
ATOM   485 O OH  . TYR B 1 24 ? 4.688   4.094   3.767   1.00 54.84 ?  24  TYR B OH  1 
ATOM   486 N N   . LYS B 1 25 ? -1.042  5.314   9.873   1.00 38.54 ?  25  LYS B N   1 
ATOM   487 C CA  . LYS B 1 25 ? -2.316  5.354   10.568  1.00 32.90 ?  25  LYS B CA  1 
ATOM   488 C C   . LYS B 1 25 ? -3.429  5.027   9.582   1.00 29.63 ?  25  LYS B C   1 
ATOM   489 O O   . LYS B 1 25 ? -3.465  5.570   8.471   1.00 30.15 ?  25  LYS B O   1 
ATOM   490 C CB  . LYS B 1 25 ? -2.563  6.723   11.204  1.00 34.79 ?  25  LYS B CB  1 
ATOM   491 C CG  . LYS B 1 25 ? -1.666  7.017   12.394  1.00 49.04 ?  25  LYS B CG  1 
ATOM   492 C CD  . LYS B 1 25 ? -2.078  8.304   13.094  1.00 54.10 ?  25  LYS B CD  1 
ATOM   493 C CE  . LYS B 1 25 ? -1.020  8.754   14.090  1.00 64.01 ?  25  LYS B CE  1 
ATOM   494 N NZ  . LYS B 1 25 ? -1.022  10.231  14.266  1.00 71.29 ?  25  LYS B NZ  1 
ATOM   495 N N   . GLN B 1 26 ? -4.317  4.130   9.986   1.00 22.82 ?  26  GLN B N   1 
ATOM   496 C CA  . GLN B 1 26 ? -5.518  3.855   9.217   1.00 27.53 ?  26  GLN B CA  1 
ATOM   497 C C   . GLN B 1 26 ? -6.444  5.058   9.315   1.00 32.65 ?  26  GLN B C   1 
ATOM   498 O O   . GLN B 1 26 ? -6.753  5.518   10.415  1.00 32.15 ?  26  GLN B O   1 
ATOM   499 C CB  . GLN B 1 26 ? -6.194  2.594   9.765   1.00 26.93 ?  26  GLN B CB  1 
ATOM   500 C CG  . GLN B 1 26 ? -7.538  2.279   9.166   1.00 29.12 ?  26  GLN B CG  1 
ATOM   501 C CD  . GLN B 1 26 ? -8.082  0.947   9.647   1.00 32.14 ?  26  GLN B CD  1 
ATOM   502 O OE1 . GLN B 1 26 ? -7.322  0.030   9.962   1.00 32.98 ?  26  GLN B OE1 1 
ATOM   503 N NE2 . GLN B 1 26 ? -9.398  0.833   9.701   1.00 33.20 ?  26  GLN B NE2 1 
ATOM   504 N N   . ILE B 1 27 ? -6.857  5.599   8.166   1.00 19.33 ?  27  ILE B N   1 
ATOM   505 C CA  . ILE B 1 27 ? -7.806  6.707   8.136   1.00 21.31 ?  27  ILE B CA  1 
ATOM   506 C C   . ILE B 1 27 ? -9.105  6.343   7.443   1.00 25.23 ?  27  ILE B C   1 
ATOM   507 O O   . ILE B 1 27 ? -9.996  7.190   7.329   1.00 32.04 ?  27  ILE B O   1 
ATOM   508 C CB  . ILE B 1 27 ? -7.194  7.966   7.491   1.00 22.72 ?  27  ILE B CB  1 
ATOM   509 C CG1 . ILE B 1 27 ? -6.864  7.719   6.020   1.00 24.16 ?  27  ILE B CG1 1 
ATOM   510 C CG2 . ILE B 1 27 ? -5.931  8.379   8.242   1.00 27.13 ?  27  ILE B CG2 1 
ATOM   511 C CD1 . ILE B 1 27 ? -6.294  8.919   5.313   1.00 28.07 ?  27  ILE B CD1 1 
ATOM   512 N N   . GLY B 1 28 ? -9.240  5.112   6.982   1.00 24.77 ?  28  GLY B N   1 
ATOM   513 C CA  . GLY B 1 28 ? -10.457 4.640   6.351   1.00 25.58 ?  28  GLY B CA  1 
ATOM   514 C C   . GLY B 1 28 ? -10.157 3.411   5.507   1.00 25.34 ?  28  GLY B C   1 
ATOM   515 O O   . GLY B 1 28 ? -9.257  2.629   5.824   1.00 19.84 ?  28  GLY B O   1 
ATOM   516 N N   . THR B 1 29 ? -10.921 3.277   4.430   1.00 21.25 ?  29  THR B N   1 
ATOM   517 C CA  . THR B 1 29 ? -10.774 2.182   3.488   1.00 25.61 ?  29  THR B CA  1 
ATOM   518 C C   . THR B 1 29 ? -10.659 2.756   2.080   1.00 30.87 ?  29  THR B C   1 
ATOM   519 O O   . THR B 1 29 ? -10.831 3.957   1.855   1.00 31.73 ?  29  THR B O   1 
ATOM   520 C CB  . THR B 1 29 ? -11.962 1.216   3.557   1.00 23.83 ?  29  THR B CB  1 
ATOM   521 O OG1 . THR B 1 29 ? -13.069 1.773   2.837   1.00 30.59 ?  29  THR B OG1 1 
ATOM   522 C CG2 . THR B 1 29 ? -12.377 0.984   5.005   1.00 34.83 ?  29  THR B CG2 1 
ATOM   523 N N   . CYS B 1 30 ? -10.370 1.875   1.125   1.00 23.84 ?  30  CYS B N   1 
ATOM   524 C CA  . CYS B 1 30 ? -10.413 2.224   -0.291  1.00 27.13 ?  30  CYS B CA  1 
ATOM   525 C C   . CYS B 1 30 ? -11.620 1.585   -0.975  1.00 31.00 ?  30  CYS B C   1 
ATOM   526 O O   . CYS B 1 30 ? -11.557 1.202   -2.146  1.00 34.04 ?  30  CYS B O   1 
ATOM   527 C CB  . CYS B 1 30 ? -9.106  1.832   -0.970  1.00 27.61 ?  30  CYS B CB  1 
ATOM   528 S SG  . CYS B 1 30 ? -7.710  2.772   -0.305  1.00 28.48 ?  30  CYS B SG  1 
ATOM   529 N N   . GLY B 1 31 ? -12.723 1.458   -0.236  1.00 32.80 ?  31  GLY B N   1 
ATOM   530 C CA  . GLY B 1 31 ? -13.991 1.040   -0.790  1.00 32.63 ?  31  GLY B CA  1 
ATOM   531 C C   . GLY B 1 31 ? -14.170 -0.449  -0.959  1.00 35.28 ?  31  GLY B C   1 
ATOM   532 O O   . GLY B 1 31 ? -15.304 -0.906  -1.129  1.00 40.51 ?  31  GLY B O   1 
ATOM   533 N N   . LEU B 1 32 ? -13.096 -1.220  -0.921  1.00 35.98 ?  32  LEU B N   1 
ATOM   534 C CA  . LEU B 1 32 ? -13.172 -2.652  -1.150  1.00 31.41 ?  32  LEU B CA  1 
ATOM   535 C C   . LEU B 1 32 ? -12.862 -3.412  0.130   1.00 36.69 ?  32  LEU B C   1 
ATOM   536 O O   . LEU B 1 32 ? -11.986 -2.996  0.898   1.00 37.99 ?  32  LEU B O   1 
ATOM   537 C CB  . LEU B 1 32 ? -12.185 -3.076  -2.240  1.00 35.39 ?  32  LEU B CB  1 
ATOM   538 C CG  . LEU B 1 32 ? -12.453 -2.491  -3.628  1.00 43.49 ?  32  LEU B CG  1 
ATOM   539 C CD1 . LEU B 1 32 ? -11.283 -2.747  -4.560  1.00 45.60 ?  32  LEU B CD1 1 
ATOM   540 C CD2 . LEU B 1 32 ? -13.730 -3.072  -4.205  1.00 37.80 ?  32  LEU B CD2 1 
ATOM   541 N N   . PRO B 1 33 ? -13.560 -4.516  0.395   1.00 40.01 ?  33  PRO B N   1 
ATOM   542 C CA  . PRO B 1 33 ? -13.201 -5.344  1.550   1.00 41.38 ?  33  PRO B CA  1 
ATOM   543 C C   . PRO B 1 33 ? -11.725 -5.704  1.527   1.00 36.88 ?  33  PRO B C   1 
ATOM   544 O O   . PRO B 1 33 ? -11.179 -6.110  0.498   1.00 37.72 ?  33  PRO B O   1 
ATOM   545 C CB  . PRO B 1 33 ? -14.089 -6.583  1.388   1.00 41.82 ?  33  PRO B CB  1 
ATOM   546 C CG  . PRO B 1 33 ? -15.278 -6.087  0.655   1.00 46.63 ?  33  PRO B CG  1 
ATOM   547 C CD  . PRO B 1 33 ? -14.773 -5.017  -0.282  1.00 40.51 ?  33  PRO B CD  1 
ATOM   548 N N   . GLY B 1 34 ? -11.076 -5.540  2.673   1.00 39.39 ?  34  GLY B N   1 
ATOM   549 C CA  . GLY B 1 34 ? -9.688  -5.913  2.802   1.00 48.18 ?  34  GLY B CA  1 
ATOM   550 C C   . GLY B 1 34 ? -8.693  -4.877  2.347   1.00 37.65 ?  34  GLY B C   1 
ATOM   551 O O   . GLY B 1 34 ? -7.502  -5.191  2.250   1.00 40.41 ?  34  GLY B O   1 
ATOM   552 N N   . THR B 1 35 ? -9.139  -3.662  2.061   1.00 34.42 ?  35  THR B N   1 
ATOM   553 C CA  . THR B 1 35 ? -8.250  -2.552  1.755   1.00 32.69 ?  35  THR B CA  1 
ATOM   554 C C   . THR B 1 35 ? -8.375  -1.511  2.856   1.00 27.41 ?  35  THR B C   1 
ATOM   555 O O   . THR B 1 35 ? -9.486  -1.143  3.245   1.00 31.21 ?  35  THR B O   1 
ATOM   556 C CB  . THR B 1 35 ? -8.579  -1.929  0.398   1.00 28.17 ?  35  THR B CB  1 
ATOM   557 O OG1 . THR B 1 35 ? -9.882  -1.330  0.443   1.00 30.53 ?  35  THR B OG1 1 
ATOM   558 C CG2 . THR B 1 35 ? -8.538  -2.983  -0.700  1.00 38.24 ?  35  THR B CG2 1 
ATOM   559 N N   . LYS B 1 36 ? -7.238  -1.053  3.361   1.00 23.19 ?  36  LYS B N   1 
ATOM   560 C CA  . LYS B 1 36 ? -7.185  0.051   4.303   1.00 22.95 ?  36  LYS B CA  1 
ATOM   561 C C   . LYS B 1 36 ? -6.610  1.270   3.596   1.00 24.40 ?  36  LYS B C   1 
ATOM   562 O O   . LYS B 1 36 ? -5.712  1.145   2.757   1.00 19.58 ?  36  LYS B O   1 
ATOM   563 C CB  . LYS B 1 36 ? -6.324  -0.285  5.522   1.00 32.50 ?  36  LYS B CB  1 
ATOM   564 C CG  . LYS B 1 36 ? -6.681  -1.584  6.231   1.00 27.76 ?  36  LYS B CG  1 
ATOM   565 C CD  . LYS B 1 36 ? -8.061  -1.538  6.845   1.00 29.26 ?  36  LYS B CD  1 
ATOM   566 C CE  . LYS B 1 36 ? -8.304  -2.754  7.734   1.00 26.71 ?  36  LYS B CE  1 
ATOM   567 N NZ  . LYS B 1 36 ? -9.697  -2.811  8.245   1.00 46.74 ?  36  LYS B NZ  1 
ATOM   568 N N   . CYS B 1 37 ? -7.138  2.442   3.921   1.00 21.26 ?  37  CYS B N   1 
ATOM   569 C CA  . CYS B 1 37 ? -6.520  3.698   3.511   1.00 23.30 ?  37  CYS B CA  1 
ATOM   570 C C   . CYS B 1 37 ? -5.589  4.131   4.639   1.00 20.22 ?  37  CYS B C   1 
ATOM   571 O O   . CYS B 1 37 ? -6.039  4.338   5.772   1.00 23.39 ?  37  CYS B O   1 
ATOM   572 C CB  . CYS B 1 37 ? -7.560  4.769   3.211   1.00 23.61 ?  37  CYS B CB  1 
ATOM   573 S SG  . CYS B 1 37 ? -6.810  6.279   2.579   1.00 26.11 ?  37  CYS B SG  1 
ATOM   574 N N   . CYS B 1 38 ? -4.302  4.238   4.336   1.00 20.70 ?  38  CYS B N   1 
ATOM   575 C CA  . CYS B 1 38 ? -3.259  4.384   5.340   1.00 24.07 ?  38  CYS B CA  1 
ATOM   576 C C   . CYS B 1 38 ? -2.434  5.620   5.027   1.00 32.06 ?  38  CYS B C   1 
ATOM   577 O O   . CYS B 1 38 ? -1.951  5.779   3.901   1.00 26.35 ?  38  CYS B O   1 
ATOM   578 C CB  . CYS B 1 38 ? -2.358  3.146   5.372   1.00 23.01 ?  38  CYS B CB  1 
ATOM   579 S SG  . CYS B 1 38 ? -3.258  1.574   5.442   1.00 23.16 ?  38  CYS B SG  1 
ATOM   580 N N   . LYS B 1 39 ? -2.263  6.486   6.021   1.00 29.24 ?  39  LYS B N   1 
ATOM   581 C CA  . LYS B 1 39 ? -1.533  7.732   5.841   1.00 31.82 ?  39  LYS B CA  1 
ATOM   582 C C   . LYS B 1 39 ? -0.388  7.816   6.840   1.00 38.83 ?  39  LYS B C   1 
ATOM   583 O O   . LYS B 1 39 ? -0.545  7.479   8.020   1.00 39.43 ?  39  LYS B O   1 
ATOM   584 C CB  . LYS B 1 39 ? -2.456  8.941   6.003   1.00 34.34 ?  39  LYS B CB  1 
ATOM   585 C CG  . LYS B 1 39 ? -1.869  10.235  5.463   1.00 33.94 ?  39  LYS B CG  1 
ATOM   586 C CD  . LYS B 1 39 ? -2.814  11.406  5.688   1.00 45.36 ?  39  LYS B CD  1 
ATOM   587 C CE  . LYS B 1 39 ? -2.336  12.655  4.959   1.00 45.19 ?  39  LYS B CE  1 
ATOM   588 N NZ  . LYS B 1 39 ? -0.932  13.008  5.306   1.00 56.34 ?  39  LYS B NZ  1 
ATOM   589 N N   . LYS B 1 40 ? 0.759   8.258   6.352   1.00 40.86 ?  40  LYS B N   1 
ATOM   590 C CA  . LYS B 1 40 ? 1.934   8.438   7.191   1.00 47.54 ?  40  LYS B CA  1 
ATOM   591 C C   . LYS B 1 40 ? 1.797   9.734   7.976   1.00 54.19 ?  40  LYS B C   1 
ATOM   592 O O   . LYS B 1 40 ? 1.654   10.801  7.369   1.00 49.65 ?  40  LYS B O   1 
ATOM   593 C CB  . LYS B 1 40 ? 3.181   8.468   6.320   1.00 55.16 ?  40  LYS B CB  1 
ATOM   594 C CG  . LYS B 1 40 ? 4.471   8.189   7.052   1.00 57.89 ?  40  LYS B CG  1 
ATOM   595 C CD  . LYS B 1 40 ? 5.646   8.256   6.096   1.00 60.01 ?  40  LYS B CD  1 
ATOM   596 C CE  . LYS B 1 40 ? 6.931   8.572   6.829   1.00 62.51 ?  40  LYS B CE  1 
ATOM   597 N NZ  . LYS B 1 40 ? 8.098   8.625   5.908   1.00 67.30 ?  40  LYS B NZ  1 
ATOM   598 N N   . PRO B 1 41 ? 1.814   9.696   9.319   1.00 66.70 ?  41  PRO B N   1 
ATOM   599 C CA  . PRO B 1 41 ? 1.707   10.962  10.057  1.00 70.12 ?  41  PRO B CA  1 
ATOM   600 C C   . PRO B 1 41 ? 2.931   11.855  9.864   1.00 77.23 ?  41  PRO B C   1 
ATOM   601 O O   . PRO B 1 41 ? 4.000   11.390  9.470   1.00 76.44 ?  41  PRO B O   1 
ATOM   602 C CB  . PRO B 1 41 ? 1.586   10.515  11.520  1.00 68.55 ?  41  PRO B CB  1 
ATOM   603 C CG  . PRO B 1 41 ? 1.199   9.071   11.467  1.00 63.67 ?  41  PRO B CG  1 
ATOM   604 C CD  . PRO B 1 41 ? 1.826   8.530   10.220  1.00 62.92 ?  41  PRO B CD  1 
ATOM   605 O OXT . PRO B 1 41 ? 2.877   13.064  10.099  1.00 83.57 ?  41  PRO B OXT 1 
HETATM 606 C C1  . PIO C 2 .  ? 10.542  -4.213  9.422   1.00 33.28 ?  101 PIO A C1  1 
HETATM 607 O O1  . PIO C 2 .  ? 9.526   -5.123  9.089   1.00 36.94 ?  101 PIO A O1  1 
HETATM 608 P P1  . PIO C 2 .  ? 8.303   -5.370  10.169  1.00 38.65 ?  101 PIO A P1  1 
HETATM 609 C C2  . PIO C 2 .  ? 10.535  -3.074  8.394   1.00 38.70 ?  101 PIO A C2  1 
HETATM 610 O O2  . PIO C 2 .  ? 10.616  -3.631  7.103   1.00 36.82 ?  101 PIO A O2  1 
HETATM 611 C C3  . PIO C 2 .  ? 11.714  -2.115  8.614   1.00 44.77 ?  101 PIO A C3  1 
HETATM 612 O O3  . PIO C 2 .  ? 11.710  -1.132  7.613   1.00 42.76 ?  101 PIO A O3  1 
HETATM 613 C C4  . PIO C 2 .  ? 13.052  -2.867  8.590   1.00 49.71 ?  101 PIO A C4  1 
HETATM 614 O O4  . PIO C 2 .  ? 14.091  -1.966  8.858   1.00 58.40 ?  101 PIO A O4  1 
HETATM 615 P P4  . PIO C 2 .  ? 15.146  -1.595  7.644   1.00 59.26 ?  101 PIO A P4  1 
HETATM 616 C C5  . PIO C 2 .  ? 13.065  -3.988  9.640   1.00 47.78 ?  101 PIO A C5  1 
HETATM 617 O O5  . PIO C 2 .  ? 14.270  -4.698  9.524   1.00 49.26 ?  101 PIO A O5  1 
HETATM 618 P P5  . PIO C 2 .  ? 15.006  -5.242  10.895  1.00 48.84 ?  101 PIO A P5  1 
HETATM 619 C C6  . PIO C 2 .  ? 11.890  -4.952  9.444   1.00 43.14 ?  101 PIO A C6  1 
HETATM 620 O O6  . PIO C 2 .  ? 11.870  -5.890  10.491  1.00 38.46 ?  101 PIO A O6  1 
HETATM 621 O O11 . PIO C 2 .  ? 8.211   -4.193  11.108  1.00 40.25 -1 101 PIO A O11 1 
HETATM 622 O O12 . PIO C 2 .  ? 8.577   -6.618  10.973  1.00 46.19 ?  101 PIO A O12 1 
HETATM 623 O O13 . PIO C 2 .  ? 6.875   -5.497  9.353   1.00 48.42 ?  101 PIO A O13 1 
HETATM 624 C C1A . PIO C 2 .  ? 4.889   -8.948  7.547   1.00 40.58 ?  101 PIO A C1A 1 
HETATM 625 O O1A . PIO C 2 .  ? 6.023   -9.252  7.702   1.00 50.36 ?  101 PIO A O1A 1 
HETATM 626 C C1B . PIO C 2 .  ? 2.592   -6.449  10.925  1.00 48.60 ?  101 PIO A C1B 1 
HETATM 627 O O1B . PIO C 2 .  ? 1.808   -5.847  11.575  1.00 43.95 ?  101 PIO A O1B 1 
HETATM 628 C C1C . PIO C 2 .  ? 6.528   -6.677  8.683   1.00 38.62 ?  101 PIO A C1C 1 
HETATM 629 C C2A . PIO C 2 .  ? 3.919   -9.994  7.003   1.00 40.08 ?  101 PIO A C2A 1 
HETATM 630 C C2B . PIO C 2 .  ? 2.216   -7.777  10.267  1.00 44.04 ?  101 PIO A C2B 1 
HETATM 631 C C2C . PIO C 2 .  ? 5.079   -7.068  8.987   1.00 45.90 ?  101 PIO A C2C 1 
HETATM 632 O O2C . PIO C 2 .  ? 4.472   -7.652  7.860   1.00 45.71 ?  101 PIO A O2C 1 
HETATM 633 C C3A . PIO C 2 .  ? 2.546   -9.397  6.703   1.00 49.00 ?  101 PIO A C3A 1 
HETATM 634 C C3B . PIO C 2 .  ? 0.840   -8.255  10.723  1.00 38.13 ?  101 PIO A C3B 1 
HETATM 635 C C3C . PIO C 2 .  ? 4.242   -5.847  9.393   1.00 39.21 ?  101 PIO A C3C 1 
HETATM 636 O O3C . PIO C 2 .  ? 3.886   -5.950  10.739  1.00 54.96 ?  101 PIO A O3C 1 
HETATM 637 O O41 . PIO C 2 .  ? 14.430  -0.768  6.598   1.00 49.96 ?  101 PIO A O41 1 
HETATM 638 O O42 . PIO C 2 .  ? 15.670  -2.865  7.015   1.00 50.53 -1 101 PIO A O42 1 
HETATM 639 O O43 . PIO C 2 .  ? 16.289  -0.798  8.219   1.00 54.88 ?  101 PIO A O43 1 
HETATM 640 C C4A . PIO C 2 .  ? 1.772   -10.353 5.788   1.00 39.59 ?  101 PIO A C4A 1 
HETATM 641 C C4B . PIO C 2 .  ? 0.908   -9.718  11.161  1.00 42.35 ?  101 PIO A C4B 1 
HETATM 642 O O51 . PIO C 2 .  ? 16.212  -6.066  10.518  1.00 52.18 ?  101 PIO A O51 1 
HETATM 643 O O52 . PIO C 2 .  ? 14.047  -6.091  11.695  1.00 44.17 -1 101 PIO A O52 1 
HETATM 644 O O53 . PIO C 2 .  ? 15.444  -4.062  11.731  1.00 48.63 ?  101 PIO A O53 1 
HETATM 645 C C5A . PIO C 2 .  ? 1.433   -9.690  4.448   1.00 40.73 ?  101 PIO A C5A 1 
HETATM 646 C C5B . PIO C 2 .  ? -0.103  -10.565 10.389  1.00 40.99 ?  101 PIO A C5B 1 
HETATM 647 C C6A . PIO C 2 .  ? -0.042  -9.299  4.401   1.00 42.37 ?  101 PIO A C6A 1 
HETATM 648 C C6B . PIO C 2 .  ? 0.266   -12.051 10.497  1.00 60.50 ?  101 PIO A C6B 1 
HETATM 649 C C7A . PIO C 2 .  ? -0.225  -7.969  3.667   1.00 36.41 ?  101 PIO A C7A 1 
HETATM 650 C C7B . PIO C 2 .  ? 0.157   -12.546 11.941  1.00 65.76 ?  101 PIO A C7B 1 
HETATM 651 C C8A . PIO C 2 .  ? -0.310  -8.208  2.164   1.00 37.08 ?  101 PIO A C8A 1 
HETATM 652 C C8B . PIO C 2 .  ? 1.203   -13.629 12.215  1.00 50.57 ?  101 PIO A C8B 1 
HETATM 653 C C1  . PIO D 2 .  ? -13.406 -5.542  8.260   1.00 38.72 ?  101 PIO B C1  1 
HETATM 654 O O1  . PIO D 2 .  ? -12.225 -5.107  7.641   1.00 44.62 ?  101 PIO B O1  1 
HETATM 655 P P1  . PIO D 2 .  ? -11.675 -5.942  6.329   1.00 50.80 ?  101 PIO B P1  1 
HETATM 656 C C2  . PIO D 2 .  ? -14.574 -4.684  7.768   1.00 49.39 ?  101 PIO B C2  1 
HETATM 657 O O2  . PIO D 2 .  ? -14.287 -3.326  8.014   1.00 43.96 ?  101 PIO B O2  1 
HETATM 658 C C3  . PIO D 2 .  ? -15.880 -5.039  8.487   1.00 43.93 ?  101 PIO B C3  1 
HETATM 659 O O3  . PIO D 2 .  ? -16.862 -4.111  8.101   1.00 42.95 ?  101 PIO B O3  1 
HETATM 660 C C4  . PIO D 2 .  ? -15.744 -4.991  10.011  1.00 41.82 ?  101 PIO B C4  1 
HETATM 661 O O4  . PIO D 2 .  ? -16.916 -5.528  10.575  1.00 52.23 ?  101 PIO B O4  1 
HETATM 662 P P4  . PIO D 2 .  ? -18.119 -4.489  11.020  1.00 58.73 ?  101 PIO B P4  1 
HETATM 663 C C5  . PIO D 2 .  ? -14.538 -5.786  10.518  1.00 43.88 ?  101 PIO B C5  1 
HETATM 664 O O5  . PIO D 2 .  ? -14.369 -5.488  11.881  1.00 45.92 ?  101 PIO B O5  1 
HETATM 665 P P5  . PIO D 2 .  ? -13.796 -6.646  12.901  1.00 47.42 ?  101 PIO B P5  1 
HETATM 666 C C6  . PIO D 2 .  ? -13.245 -5.427  9.782   1.00 45.06 ?  101 PIO B C6  1 
HETATM 667 O O6  . PIO D 2 .  ? -12.216 -6.292  10.191  1.00 40.57 ?  101 PIO B O6  1 
HETATM 668 O O11 . PIO D 2 .  ? -10.719 -5.055  5.573   1.00 51.48 -1 101 PIO B O11 1 
HETATM 669 O O12 . PIO D 2 .  ? -12.838 -6.306  5.440   1.00 43.33 ?  101 PIO B O12 1 
HETATM 670 O O13 . PIO D 2 .  ? -10.912 -7.324  6.823   1.00 46.11 ?  101 PIO B O13 1 
HETATM 671 C C1A . PIO D 2 .  ? -8.966  -9.973  7.723   1.00 49.34 ?  101 PIO B C1A 1 
HETATM 672 O O1A . PIO D 2 .  ? -10.033 -9.800  8.199   1.00 59.75 ?  101 PIO B O1A 1 
HETATM 673 C C1B . PIO D 2 .  ? -8.480  -9.635  2.343   1.00 64.31 ?  101 PIO B C1B 1 
HETATM 674 O O1B . PIO D 2 .  ? -9.387  -10.121 1.755   1.00 67.53 ?  101 PIO B O1B 1 
HETATM 675 C C1C . PIO D 2 .  ? -9.585  -7.557  6.428   1.00 52.56 ?  101 PIO B C1C 1 
HETATM 676 C C2A . PIO D 2 .  ? -7.765  -10.283 8.616   1.00 52.44 ?  101 PIO B C2A 1 
HETATM 677 C C2B . PIO D 2 .  ? -7.427  -8.798  1.613   1.00 64.91 ?  101 PIO B C2B 1 
HETATM 678 C C2C . PIO D 2 .  ? -9.494  -8.879  5.671   1.00 46.53 ?  101 PIO B C2C 1 
HETATM 679 O O2C . PIO D 2 .  ? -8.804  -9.887  6.339   1.00 58.00 ?  101 PIO B O2C 1 
HETATM 680 C C3A . PIO D 2 .  ? -6.552  -10.790 7.822   1.00 57.46 ?  101 PIO B C3A 1 
HETATM 681 C C3B . PIO D 2 .  ? -7.619  -8.890  0.100   1.00 63.98 ?  101 PIO B C3B 1 
HETATM 682 C C3C . PIO D 2 .  ? -8.708  -8.617  4.381   1.00 45.90 ?  101 PIO B C3C 1 
HETATM 683 O O3C . PIO D 2 .  ? -8.386  -9.805  3.728   1.00 60.05 ?  101 PIO B O3C 1 
HETATM 684 O O41 . PIO D 2 .  ? -17.660 -3.677  12.206  1.00 52.16 ?  101 PIO B O41 1 
HETATM 685 O O42 . PIO D 2 .  ? -19.345 -5.285  11.396  1.00 60.41 -1 101 PIO B O42 1 
HETATM 686 O O43 . PIO D 2 .  ? -18.445 -3.553  9.881   1.00 47.68 ?  101 PIO B O43 1 
HETATM 687 C C4A . PIO D 2 .  ? -6.928  -11.758 6.698   1.00 60.64 ?  101 PIO B C4A 1 
HETATM 688 C C4B . PIO D 2 .  ? -6.298  -9.226  -0.592  1.00 58.07 ?  101 PIO B C4B 1 
HETATM 689 O O51 . PIO D 2 .  ? -14.260 -6.318  14.300  1.00 54.82 ?  101 PIO B O51 1 
HETATM 690 O O52 . PIO D 2 .  ? -12.291 -6.665  12.848  1.00 40.89 -1 101 PIO B O52 1 
HETATM 691 O O53 . PIO D 2 .  ? -14.328 -8.003  12.504  1.00 50.77 ?  101 PIO B O53 1 
HETATM 692 C C5A . PIO D 2 .  ? -5.963  -12.945 6.662   1.00 62.28 ?  101 PIO B C5A 1 
HETATM 693 C C5B . PIO D 2 .  ? -6.045  -8.200  -1.698  1.00 60.58 ?  101 PIO B C5B 1 
HETATM 694 C C6A . PIO D 2 .  ? -4.591  -12.518 6.141   1.00 54.76 ?  101 PIO B C6A 1 
HETATM 695 C C6B . PIO D 2 .  ? -4.807  -8.606  -2.494  1.00 53.18 ?  101 PIO B C6B 1 
HETATM 696 C C7A . PIO D 2 .  ? -3.508  -12.889 7.154   1.00 55.00 ?  101 PIO B C7A 1 
HETATM 697 C C7B . PIO D 2 .  ? -4.964  -8.197  -3.955  1.00 59.67 ?  101 PIO B C7B 1 
HETATM 698 C C8A . PIO D 2 .  ? -2.149  -12.954 6.457   1.00 54.03 ?  101 PIO B C8A 1 
HETATM 699 C C8B . PIO D 2 .  ? -4.617  -6.719  -4.125  1.00 58.03 ?  101 PIO B C8B 1 
HETATM 700 O O   . HOH E 3 .  ? 6.482   6.795   -7.733  1.00 35.84 ?  201 HOH A O   1 
HETATM 701 O O   . HOH E 3 .  ? 11.458  -12.888 3.762   1.00 39.06 ?  202 HOH A O   1 
HETATM 702 O O   . HOH E 3 .  ? 16.839  -4.880  8.336   1.00 55.86 ?  203 HOH A O   1 
HETATM 703 O O   . HOH E 3 .  ? 9.670   -9.888  -8.378  1.00 43.67 ?  204 HOH A O   1 
HETATM 704 O O   . HOH E 3 .  ? 10.402  -12.961 -2.449  1.00 28.75 ?  205 HOH A O   1 
HETATM 705 O O   . HOH E 3 .  ? 9.120   -5.658  -10.614 1.00 35.39 ?  206 HOH A O   1 
HETATM 706 O O   . HOH E 3 .  ? 9.156   2.350   1.742   1.00 35.19 ?  207 HOH A O   1 
HETATM 707 O O   . HOH E 3 .  ? 14.296  -5.764  -5.128  1.00 42.29 ?  208 HOH A O   1 
HETATM 708 O O   . HOH E 3 .  ? 15.278  -6.132  6.836   1.00 46.52 ?  209 HOH A O   1 
HETATM 709 O O   . HOH E 3 .  ? 18.222  -1.863  6.268   1.00 50.71 ?  210 HOH A O   1 
HETATM 710 O O   . HOH E 3 .  ? 7.123   7.264   -11.378 1.00 49.80 ?  211 HOH A O   1 
HETATM 711 O O   . HOH E 3 .  ? -0.102  8.071   -5.313  1.00 33.72 ?  212 HOH A O   1 
HETATM 712 O O   . HOH E 3 .  ? 6.038   -6.448  -12.142 1.00 56.10 ?  213 HOH A O   1 
HETATM 713 O O   . HOH E 3 .  ? 3.050   7.855   1.759   1.00 38.77 ?  214 HOH A O   1 
HETATM 714 O O   . HOH E 3 .  ? 5.580   -3.308  -13.614 1.00 47.65 ?  215 HOH A O   1 
HETATM 715 O O   . HOH F 3 .  ? -7.858  -1.511  11.769  1.00 42.48 ?  201 HOH B O   1 
HETATM 716 O O   . HOH F 3 .  ? -11.741 -1.442  7.723   1.00 41.20 ?  202 HOH B O   1 
HETATM 717 O O   . HOH F 3 .  ? -14.168 8.368   0.079   1.00 29.89 ?  203 HOH B O   1 
HETATM 718 O O   . HOH F 3 .  ? 10.592  8.423   4.988   1.00 52.03 ?  204 HOH B O   1 
HETATM 719 O O   . HOH F 3 .  ? -11.477 12.211  -4.395  1.00 37.16 ?  205 HOH B O   1 
HETATM 720 O O   . HOH F 3 .  ? 7.286   3.424   3.719   1.00 42.25 ?  206 HOH B O   1 
HETATM 721 O O   . HOH F 3 .  ? -0.342  8.953   -1.748  1.00 39.31 ?  207 HOH B O   1 
HETATM 722 O O   . HOH F 3 .  ? -10.419 9.808   6.710   1.00 47.09 ?  208 HOH B O   1 
HETATM 723 O O   . HOH F 3 .  ? 1.182   8.726   3.617   1.00 38.67 ?  209 HOH B O   1 
HETATM 724 O O   . HOH F 3 .  ? -11.514 2.767   9.003   1.00 38.51 ?  210 HOH B O   1 
HETATM 725 O O   . HOH F 3 .  ? -11.130 -1.637  11.331  1.00 54.22 ?  211 HOH B O   1 
HETATM 726 O O   . HOH F 3 .  ? 3.656   16.395  8.177   1.00 58.61 ?  212 HOH B O   1 
HETATM 727 O O   . HOH F 3 .  ? -4.458  -2.678  12.336  1.00 40.05 ?  213 HOH B O   1 
# 
